data_9XZF
#
_entry.id   9XZF
#
_cell.length_a   1.00
_cell.length_b   1.00
_cell.length_c   1.00
_cell.angle_alpha   90.00
_cell.angle_beta   90.00
_cell.angle_gamma   90.00
#
_symmetry.space_group_name_H-M   'P 1'
#
loop_
_entity.id
_entity.type
_entity.pdbx_description
1 polymer 'Polyribonucleotide nucleotidyltransferase 1, mitochondrial'
2 polymer 'RNA (31-MER)'
3 non-polymer 'PHOSPHATE ION'
#
loop_
_entity_poly.entity_id
_entity_poly.type
_entity_poly.pdbx_seq_one_letter_code
_entity_poly.pdbx_strand_id
1 'polypeptide(L)'
;MAVAVDLGNRKLEISSGKLARFADGSAVVQSGDTAVMVTAVSKTKPSPSQFMPLVVDYRQKAAAAGRIPTNYLRREIGTS
DKEILTSRIIDRSIRPLFPAGYFYDTQVLCNLLAVDGVNEPDVLAINGASVALSLSDIPWNGPVGAVRIGIIDGEYVVNP
TRKEMSSSTLNLVVAGAPKSQIVMLEASAENILQQDFCHAIKVGVKYTQQIIQGIQQLVKETGVTKRTPQKLFTPSPEIV
KYTHKLAMERLYAVFTDYEHDKVSRDEAVNKIRLDTEEQLKEKFPEADPYEIIESFNVVAKEVFRSIVLNEYKRCDGRDL
TSLRNVSCEVDMFKTLHGSALFQRGQTQVLCTVTFDSLESGIKSDQVITAINGIKDKNFMLHYEFPPYATNEIGKVTGLN
RRELGHGALAEKALYPVIPRDFPFTIRVTSEVLESNGSSSMASACGGSLALMDSGVPISSAVAGVAIGLVTKTDPEKGEI
EDYRLLTDILGIEDYNGDMDFKIAGTNKGITALQADIKLPGIPIKIVMEAIQQASVAKKEILQIMNKTISKPRASRKENG
PVVETVQVPLSKRAKFVGPGGYNLKKLQAETGVTISQVDEETFSVFAPTPSAMHEARDFITEICKDDQEQQLEFGAVYTA
TITEIRDTGVMVKLYPNMTAVLLHNTQLDQRKIKHPTALGLEVGQEIQVKYFGRDPADGRMRLSRKVLQSPATTVVRTLN
DRSSIVMGEPISQSSSNSQSGSGSAWSHPQFEKGGGSGGGSGGSAWSHPQFEK
;
A,B,C
2 'polyribonucleotide' ACACAACACAACACACACCACACACACAUAA D
#
loop_
_chem_comp.id
_chem_comp.type
_chem_comp.name
_chem_comp.formula
A RNA linking ADENOSINE-5'-MONOPHOSPHATE 'C10 H14 N5 O7 P'
C RNA linking CYTIDINE-5'-MONOPHOSPHATE 'C9 H14 N3 O8 P'
PO4 non-polymer 'PHOSPHATE ION' 'O4 P -3'
U RNA linking URIDINE-5'-MONOPHOSPHATE 'C9 H13 N2 O9 P'
#
# COMPACT_ATOMS: atom_id res chain seq x y z
N ALA A 2 39.59 0.26 -12.84
CA ALA A 2 39.46 1.50 -12.09
C ALA A 2 40.03 2.68 -12.87
N VAL A 3 39.24 3.75 -12.97
CA VAL A 3 39.62 4.96 -13.68
C VAL A 3 39.23 6.16 -12.83
N ALA A 4 40.15 7.10 -12.68
CA ALA A 4 39.91 8.31 -11.92
C ALA A 4 39.79 9.51 -12.85
N VAL A 5 38.79 10.35 -12.60
CA VAL A 5 38.50 11.52 -13.40
C VAL A 5 38.64 12.75 -12.51
N ASP A 6 39.39 13.74 -12.98
CA ASP A 6 39.63 14.96 -12.22
C ASP A 6 38.71 16.06 -12.72
N LEU A 7 37.92 16.63 -11.82
CA LEU A 7 37.03 17.75 -12.12
C LEU A 7 37.43 18.90 -11.21
N GLY A 8 38.42 19.67 -11.65
CA GLY A 8 38.93 20.74 -10.80
C GLY A 8 39.53 20.16 -9.54
N ASN A 9 38.94 20.50 -8.40
CA ASN A 9 39.37 19.99 -7.11
C ASN A 9 38.65 18.72 -6.69
N ARG A 10 37.69 18.26 -7.48
CA ARG A 10 36.98 17.02 -7.18
C ARG A 10 37.66 15.84 -7.87
N LYS A 11 37.54 14.67 -7.26
CA LYS A 11 38.06 13.44 -7.81
C LYS A 11 36.93 12.43 -7.91
N LEU A 12 36.81 11.78 -9.07
CA LEU A 12 35.74 10.83 -9.35
C LEU A 12 36.37 9.49 -9.66
N GLU A 13 36.19 8.52 -8.77
CA GLU A 13 36.76 7.19 -8.93
C GLU A 13 35.68 6.25 -9.42
N ILE A 14 35.94 5.59 -10.55
CA ILE A 14 35.00 4.66 -11.16
C ILE A 14 35.63 3.29 -11.21
N SER A 15 34.89 2.27 -10.78
CA SER A 15 35.42 0.91 -10.74
C SER A 15 34.31 -0.07 -11.04
N SER A 16 34.71 -1.29 -11.40
CA SER A 16 33.76 -2.34 -11.71
C SER A 16 34.47 -3.69 -11.61
N GLY A 17 33.66 -4.74 -11.51
CA GLY A 17 34.18 -6.09 -11.49
C GLY A 17 34.39 -6.69 -10.13
N LYS A 18 33.87 -6.06 -9.06
CA LYS A 18 34.05 -6.57 -7.71
C LYS A 18 32.73 -6.94 -7.05
N LEU A 19 31.72 -6.08 -7.14
CA LEU A 19 30.45 -6.31 -6.48
C LEU A 19 29.35 -6.56 -7.52
N ALA A 20 28.40 -7.41 -7.14
CA ALA A 20 27.21 -7.69 -7.95
C ALA A 20 27.60 -8.13 -9.36
N ARG A 21 28.45 -9.15 -9.44
CA ARG A 21 28.94 -9.62 -10.73
C ARG A 21 27.88 -10.36 -11.54
N PHE A 22 26.76 -10.72 -10.94
CA PHE A 22 25.73 -11.44 -11.68
C PHE A 22 24.91 -10.53 -12.58
N ALA A 23 24.88 -9.23 -12.30
CA ALA A 23 24.09 -8.31 -13.11
C ALA A 23 24.69 -8.15 -14.49
N ASP A 24 23.87 -7.68 -15.43
CA ASP A 24 24.35 -7.42 -16.78
C ASP A 24 25.45 -6.36 -16.78
N GLY A 25 25.27 -5.32 -15.97
CA GLY A 25 26.30 -4.31 -15.81
C GLY A 25 26.28 -3.72 -14.42
N SER A 26 27.46 -3.52 -13.84
CA SER A 26 27.54 -2.94 -12.51
C SER A 26 28.76 -2.02 -12.45
N ALA A 27 28.67 -1.01 -11.60
CA ALA A 27 29.77 -0.09 -11.42
C ALA A 27 29.65 0.58 -10.06
N VAL A 28 30.78 1.02 -9.52
CA VAL A 28 30.82 1.76 -8.28
C VAL A 28 31.52 3.08 -8.54
N VAL A 29 30.86 4.18 -8.21
CA VAL A 29 31.40 5.52 -8.39
C VAL A 29 31.58 6.14 -7.02
N GLN A 30 32.79 6.56 -6.71
CA GLN A 30 33.13 7.09 -5.41
C GLN A 30 33.76 8.46 -5.55
N SER A 31 33.20 9.43 -4.83
CA SER A 31 33.78 10.76 -4.73
C SER A 31 33.95 11.07 -3.25
N GLY A 32 35.17 11.37 -2.84
CA GLY A 32 35.44 11.52 -1.42
C GLY A 32 35.22 10.20 -0.71
N ASP A 33 34.36 10.21 0.31
CA ASP A 33 34.02 9.02 1.05
C ASP A 33 32.64 8.48 0.71
N THR A 34 31.98 9.03 -0.30
CA THR A 34 30.66 8.60 -0.71
C THR A 34 30.79 7.69 -1.93
N ALA A 35 30.27 6.48 -1.82
CA ALA A 35 30.32 5.50 -2.90
C ALA A 35 28.92 5.02 -3.22
N VAL A 36 28.61 4.92 -4.52
CA VAL A 36 27.31 4.48 -4.99
C VAL A 36 27.52 3.36 -6.00
N MET A 37 26.83 2.25 -5.80
CA MET A 37 26.86 1.13 -6.73
C MET A 37 25.57 1.10 -7.53
N VAL A 38 25.68 1.08 -8.85
CA VAL A 38 24.54 1.07 -9.75
C VAL A 38 24.62 -0.16 -10.62
N THR A 39 23.51 -0.89 -10.73
CA THR A 39 23.43 -2.08 -11.55
C THR A 39 22.32 -1.92 -12.57
N ALA A 40 22.56 -2.46 -13.76
CA ALA A 40 21.58 -2.43 -14.85
C ALA A 40 21.30 -3.86 -15.28
N VAL A 41 20.01 -4.20 -15.40
CA VAL A 41 19.57 -5.52 -15.81
C VAL A 41 18.56 -5.35 -16.93
N SER A 42 18.76 -6.07 -18.04
CA SER A 42 17.86 -6.02 -19.18
C SER A 42 17.49 -7.44 -19.58
N LYS A 43 16.20 -7.70 -19.74
CA LYS A 43 15.74 -9.02 -20.13
C LYS A 43 16.09 -9.30 -21.58
N THR A 44 16.08 -10.59 -21.94
CA THR A 44 16.37 -11.01 -23.30
C THR A 44 15.11 -11.29 -24.10
N LYS A 45 14.04 -11.75 -23.47
CA LYS A 45 12.79 -11.95 -24.19
C LYS A 45 12.11 -10.61 -24.46
N PRO A 46 11.53 -10.42 -25.64
CA PRO A 46 10.82 -9.17 -25.92
C PRO A 46 9.68 -8.96 -24.95
N SER A 47 9.49 -7.71 -24.55
CA SER A 47 8.45 -7.39 -23.59
C SER A 47 7.07 -7.45 -24.27
N PRO A 48 6.05 -7.95 -23.58
CA PRO A 48 4.69 -7.89 -24.15
C PRO A 48 4.23 -6.47 -24.41
N SER A 49 4.68 -5.51 -23.60
CA SER A 49 4.36 -4.11 -23.84
C SER A 49 4.96 -3.64 -25.15
N GLN A 50 4.27 -2.71 -25.82
CA GLN A 50 4.69 -2.21 -27.11
C GLN A 50 5.53 -0.94 -27.01
N PHE A 51 6.29 -0.76 -25.94
CA PHE A 51 7.17 0.38 -25.79
C PHE A 51 8.41 -0.07 -25.03
N MET A 52 9.23 0.90 -24.61
CA MET A 52 10.41 0.62 -23.80
C MET A 52 10.02 0.57 -22.33
N PRO A 53 10.06 -0.58 -21.69
CA PRO A 53 9.88 -0.63 -20.24
C PRO A 53 11.21 -0.37 -19.54
N LEU A 54 11.33 0.80 -18.93
CA LEU A 54 12.55 1.20 -18.24
C LEU A 54 12.19 1.78 -16.89
N VAL A 55 12.70 1.16 -15.83
CA VAL A 55 12.45 1.59 -14.46
C VAL A 55 13.79 1.94 -13.83
N VAL A 56 13.86 3.11 -13.21
CA VAL A 56 15.05 3.53 -12.47
C VAL A 56 14.64 3.72 -11.03
N ASP A 57 15.32 3.04 -10.11
CA ASP A 57 15.03 3.12 -8.69
C ASP A 57 16.27 3.58 -7.96
N TYR A 58 16.15 4.69 -7.23
CA TYR A 58 17.21 5.21 -6.39
C TYR A 58 16.73 5.10 -4.95
N ARG A 59 17.50 4.37 -4.13
CA ARG A 59 17.12 4.10 -2.75
C ARG A 59 18.04 4.86 -1.81
N GLN A 60 17.44 5.57 -0.86
CA GLN A 60 18.23 6.37 0.08
C GLN A 60 19.13 5.48 0.94
N LYS A 61 18.56 4.44 1.54
CA LYS A 61 19.31 3.51 2.39
C LYS A 61 20.10 4.28 3.45
N ALA A 62 19.34 4.92 4.33
CA ALA A 62 19.91 5.82 5.33
C ALA A 62 20.81 5.10 6.34
N ALA A 63 20.96 3.77 6.18
CA ALA A 63 21.98 3.06 6.95
C ALA A 63 23.37 3.55 6.60
N ALA A 64 23.57 4.01 5.37
CA ALA A 64 24.86 4.56 4.97
C ALA A 64 25.17 5.84 5.74
N ALA A 65 24.16 6.65 6.04
CA ALA A 65 24.33 7.84 6.84
C ALA A 65 24.20 7.59 8.33
N GLY A 66 23.85 6.37 8.73
CA GLY A 66 23.68 6.06 10.14
C GLY A 66 22.36 6.52 10.74
N ARG A 67 21.37 6.86 9.92
CA ARG A 67 20.10 7.39 10.40
C ARG A 67 18.93 6.75 9.66
N ILE A 68 19.00 5.44 9.43
CA ILE A 68 17.87 4.68 8.90
C ILE A 68 16.85 4.33 9.99
N PRO A 69 17.25 3.90 11.21
CA PRO A 69 16.26 3.31 12.11
C PRO A 69 15.45 4.36 12.85
N THR A 70 14.31 4.80 12.31
CA THR A 70 13.53 5.84 12.96
C THR A 70 12.12 5.43 13.38
N ASN A 71 11.46 4.55 12.64
CA ASN A 71 10.05 4.24 12.90
C ASN A 71 9.94 2.98 13.76
N TYR A 72 8.70 2.50 13.96
CA TYR A 72 8.47 1.34 14.80
C TYR A 72 8.77 0.02 14.10
N LEU A 73 8.54 -0.07 12.79
CA LEU A 73 9.04 -1.21 12.02
C LEU A 73 10.55 -1.21 11.91
N ARG A 74 11.18 -0.07 12.18
CA ARG A 74 12.62 0.08 12.29
C ARG A 74 13.31 -0.11 10.95
N ARG A 75 12.55 0.06 9.86
CA ARG A 75 13.02 -0.04 8.50
C ARG A 75 12.23 0.94 7.67
N GLU A 76 12.79 1.32 6.51
CA GLU A 76 12.14 2.32 5.68
C GLU A 76 10.83 1.79 5.11
N ILE A 77 9.80 2.62 5.13
CA ILE A 77 8.49 2.32 4.55
C ILE A 77 8.19 3.36 3.49
N GLY A 78 7.91 2.89 2.27
CA GLY A 78 7.62 3.79 1.17
C GLY A 78 8.87 4.44 0.62
N THR A 79 8.66 5.28 -0.39
CA THR A 79 9.75 5.98 -1.06
C THR A 79 9.59 7.48 -0.83
N SER A 80 10.67 8.12 -0.40
CA SER A 80 10.61 9.55 -0.12
C SER A 80 10.53 10.35 -1.41
N ASP A 81 10.22 11.64 -1.26
CA ASP A 81 10.18 12.53 -2.42
C ASP A 81 11.56 12.67 -3.05
N LYS A 82 12.61 12.78 -2.23
CA LYS A 82 13.96 12.91 -2.74
C LYS A 82 14.35 11.70 -3.57
N GLU A 83 13.99 10.50 -3.10
CA GLU A 83 14.29 9.29 -3.85
C GLU A 83 13.59 9.30 -5.21
N ILE A 84 12.32 9.71 -5.24
CA ILE A 84 11.57 9.73 -6.49
C ILE A 84 12.14 10.75 -7.45
N LEU A 85 12.46 11.96 -6.95
CA LEU A 85 12.97 13.00 -7.82
C LEU A 85 14.32 12.61 -8.42
N THR A 86 15.20 12.00 -7.61
CA THR A 86 16.49 11.58 -8.12
C THR A 86 16.33 10.47 -9.17
N SER A 87 15.37 9.57 -8.96
CA SER A 87 15.13 8.52 -9.95
C SER A 87 14.70 9.11 -11.29
N ARG A 88 13.91 10.17 -11.27
CA ARG A 88 13.48 10.80 -12.51
C ARG A 88 14.65 11.41 -13.26
N ILE A 89 15.57 12.04 -12.53
CA ILE A 89 16.73 12.67 -13.18
C ILE A 89 17.59 11.61 -13.86
N ILE A 90 17.85 10.50 -13.18
CA ILE A 90 18.64 9.42 -13.77
C ILE A 90 17.92 8.84 -14.97
N ASP A 91 16.59 8.72 -14.89
CA ASP A 91 15.83 8.20 -16.02
C ASP A 91 15.94 9.12 -17.23
N ARG A 92 15.86 10.43 -17.02
CA ARG A 92 15.93 11.36 -18.14
C ARG A 92 17.30 11.40 -18.77
N SER A 93 18.35 11.09 -18.01
CA SER A 93 19.70 11.14 -18.55
C SER A 93 20.03 9.94 -19.43
N ILE A 94 19.44 8.78 -19.14
CA ILE A 94 19.80 7.56 -19.85
C ILE A 94 18.76 7.11 -20.85
N ARG A 95 17.51 7.54 -20.72
CA ARG A 95 16.47 7.10 -21.63
C ARG A 95 16.72 7.49 -23.09
N PRO A 96 17.11 8.72 -23.43
CA PRO A 96 17.24 9.07 -24.84
C PRO A 96 18.29 8.28 -25.60
N LEU A 97 19.25 7.69 -24.90
CA LEU A 97 20.37 7.02 -25.55
C LEU A 97 20.08 5.57 -25.92
N PHE A 98 18.91 5.04 -25.54
CA PHE A 98 18.57 3.69 -25.94
C PHE A 98 18.19 3.65 -27.41
N PRO A 99 18.53 2.58 -28.12
CA PRO A 99 18.13 2.49 -29.53
C PRO A 99 16.63 2.41 -29.68
N ALA A 100 16.13 2.91 -30.81
CA ALA A 100 14.70 2.88 -31.06
C ALA A 100 14.23 1.44 -31.30
N GLY A 101 13.04 1.13 -30.79
CA GLY A 101 12.50 -0.20 -30.94
C GLY A 101 13.01 -1.22 -29.95
N TYR A 102 13.81 -0.80 -28.98
CA TYR A 102 14.35 -1.71 -27.96
C TYR A 102 13.28 -1.94 -26.90
N PHE A 103 12.38 -2.87 -27.20
CA PHE A 103 11.24 -3.13 -26.33
C PHE A 103 11.54 -4.32 -25.41
N TYR A 104 12.52 -4.13 -24.54
CA TYR A 104 12.93 -5.16 -23.60
C TYR A 104 12.92 -4.58 -22.20
N ASP A 105 12.40 -5.36 -21.26
CA ASP A 105 12.30 -4.90 -19.87
C ASP A 105 13.69 -4.57 -19.34
N THR A 106 13.81 -3.40 -18.73
CA THR A 106 15.10 -2.92 -18.24
C THR A 106 14.90 -2.22 -16.90
N GLN A 107 15.79 -2.51 -15.96
CA GLN A 107 15.74 -1.89 -14.64
C GLN A 107 17.13 -1.45 -14.22
N VAL A 108 17.22 -0.25 -13.69
CA VAL A 108 18.46 0.30 -13.17
C VAL A 108 18.25 0.60 -11.69
N LEU A 109 19.11 0.04 -10.84
CA LEU A 109 18.98 0.14 -9.40
C LEU A 109 20.22 0.78 -8.81
N CYS A 110 20.03 1.73 -7.92
CA CYS A 110 21.12 2.45 -7.28
C CYS A 110 21.17 2.11 -5.80
N ASN A 111 22.34 1.71 -5.32
CA ASN A 111 22.55 1.33 -3.92
C ASN A 111 23.63 2.23 -3.34
N LEU A 112 23.31 2.88 -2.22
CA LEU A 112 24.24 3.81 -1.58
C LEU A 112 25.10 3.05 -0.59
N LEU A 113 26.30 2.65 -1.03
CA LEU A 113 27.19 1.89 -0.15
C LEU A 113 27.60 2.71 1.06
N ALA A 114 27.92 3.99 0.86
CA ALA A 114 28.28 4.86 1.97
C ALA A 114 28.08 6.31 1.54
N VAL A 115 27.75 7.15 2.51
CA VAL A 115 27.66 8.59 2.30
C VAL A 115 28.35 9.29 3.47
N ASP A 116 29.20 10.26 3.16
CA ASP A 116 29.93 10.98 4.19
C ASP A 116 29.24 12.26 4.62
N GLY A 117 28.09 12.60 4.03
CA GLY A 117 27.44 13.85 4.36
C GLY A 117 28.13 15.07 3.79
N VAL A 118 29.07 14.89 2.87
CA VAL A 118 29.79 15.99 2.23
C VAL A 118 29.56 15.98 0.73
N ASN A 119 29.81 14.86 0.08
CA ASN A 119 29.61 14.74 -1.36
C ASN A 119 28.23 14.16 -1.63
N GLU A 120 27.47 14.84 -2.47
CA GLU A 120 26.11 14.41 -2.76
C GLU A 120 26.12 13.15 -3.62
N PRO A 121 25.41 12.09 -3.22
CA PRO A 121 25.44 10.85 -3.98
C PRO A 121 24.51 10.85 -5.20
N ASP A 122 23.65 11.85 -5.36
CA ASP A 122 22.72 11.82 -6.48
C ASP A 122 23.42 12.05 -7.82
N VAL A 123 24.48 12.85 -7.83
CA VAL A 123 25.25 13.04 -9.06
C VAL A 123 26.02 11.77 -9.41
N LEU A 124 26.63 11.13 -8.40
CA LEU A 124 27.35 9.89 -8.64
C LEU A 124 26.44 8.79 -9.13
N ALA A 125 25.15 8.86 -8.79
CA ALA A 125 24.21 7.85 -9.26
C ALA A 125 24.01 7.94 -10.77
N ILE A 126 23.95 9.16 -11.32
CA ILE A 126 23.78 9.31 -12.76
C ILE A 126 25.01 8.79 -13.49
N ASN A 127 26.20 9.12 -13.01
CA ASN A 127 27.42 8.61 -13.62
C ASN A 127 27.49 7.09 -13.50
N GLY A 128 27.14 6.55 -12.34
CA GLY A 128 27.15 5.12 -12.16
C GLY A 128 26.18 4.41 -13.08
N ALA A 129 25.03 5.02 -13.34
CA ALA A 129 24.08 4.46 -14.28
C ALA A 129 24.66 4.44 -15.69
N SER A 130 25.50 5.41 -16.03
CA SER A 130 26.13 5.43 -17.34
C SER A 130 27.24 4.39 -17.45
N VAL A 131 28.04 4.22 -16.39
CA VAL A 131 29.11 3.23 -16.42
C VAL A 131 28.53 1.83 -16.42
N ALA A 132 27.47 1.60 -15.64
CA ALA A 132 26.87 0.28 -15.58
C ALA A 132 26.32 -0.13 -16.94
N LEU A 133 25.68 0.81 -17.64
CA LEU A 133 25.15 0.48 -18.96
C LEU A 133 26.26 0.40 -20.00
N SER A 134 27.29 1.23 -19.87
CA SER A 134 28.39 1.20 -20.82
C SER A 134 29.15 -0.13 -20.75
N LEU A 135 29.37 -0.64 -19.54
CA LEU A 135 30.09 -1.89 -19.38
C LEU A 135 29.22 -3.11 -19.61
N SER A 136 27.91 -2.95 -19.61
CA SER A 136 27.01 -4.07 -19.82
C SER A 136 26.96 -4.44 -21.30
N ASP A 137 26.23 -5.52 -21.60
CA ASP A 137 25.97 -5.92 -22.97
C ASP A 137 24.64 -5.39 -23.47
N ILE A 138 23.98 -4.53 -22.72
CA ILE A 138 22.73 -3.92 -23.16
C ILE A 138 23.03 -2.92 -24.26
N PRO A 139 22.35 -2.97 -25.41
CA PRO A 139 22.57 -1.97 -26.46
C PRO A 139 22.24 -0.58 -25.95
N TRP A 140 23.27 0.26 -25.87
CA TRP A 140 23.14 1.61 -25.35
C TRP A 140 24.12 2.50 -26.10
N ASN A 141 23.74 3.75 -26.31
CA ASN A 141 24.60 4.67 -27.04
C ASN A 141 25.68 5.20 -26.10
N GLY A 142 26.41 6.22 -26.56
CA GLY A 142 27.60 6.67 -25.89
C GLY A 142 27.42 6.99 -24.42
N PRO A 143 28.51 6.98 -23.67
CA PRO A 143 28.42 7.23 -22.23
C PRO A 143 27.98 8.65 -21.94
N VAL A 144 27.39 8.84 -20.77
CA VAL A 144 26.85 10.11 -20.33
C VAL A 144 27.59 10.54 -19.06
N GLY A 145 28.06 11.78 -19.04
CA GLY A 145 28.67 12.36 -17.86
C GLY A 145 27.74 13.40 -17.26
N ALA A 146 27.64 13.41 -15.94
CA ALA A 146 26.73 14.31 -15.23
C ALA A 146 27.48 15.01 -14.12
N VAL A 147 27.31 16.33 -14.03
CA VAL A 147 27.88 17.14 -12.97
C VAL A 147 26.82 18.09 -12.45
N ARG A 148 27.09 18.65 -11.28
CA ARG A 148 26.25 19.70 -10.71
C ARG A 148 27.07 20.97 -10.61
N ILE A 149 26.53 22.07 -11.11
CA ILE A 149 27.21 23.36 -11.14
C ILE A 149 26.52 24.28 -10.14
N GLY A 150 27.30 24.87 -9.24
CA GLY A 150 26.81 25.88 -8.33
C GLY A 150 27.55 27.19 -8.57
N ILE A 151 27.04 28.24 -7.93
CA ILE A 151 27.65 29.57 -8.00
C ILE A 151 27.78 30.07 -6.56
N ILE A 152 28.99 30.05 -6.03
CA ILE A 152 29.27 30.51 -4.68
C ILE A 152 30.18 31.72 -4.78
N ASP A 153 29.71 32.85 -4.25
CA ASP A 153 30.45 34.12 -4.29
C ASP A 153 30.82 34.51 -5.72
N GLY A 154 29.94 34.21 -6.68
CA GLY A 154 30.20 34.52 -8.07
C GLY A 154 31.14 33.58 -8.78
N GLU A 155 31.50 32.46 -8.17
CA GLU A 155 32.42 31.50 -8.76
C GLU A 155 31.69 30.20 -9.07
N TYR A 156 31.97 29.64 -10.24
CA TYR A 156 31.33 28.40 -10.66
C TYR A 156 32.06 27.20 -10.08
N VAL A 157 31.31 26.33 -9.41
CA VAL A 157 31.87 25.19 -8.69
C VAL A 157 31.27 23.92 -9.28
N VAL A 158 32.13 22.95 -9.55
CA VAL A 158 31.71 21.65 -10.07
C VAL A 158 31.55 20.69 -8.91
N ASN A 159 30.41 19.99 -8.88
CA ASN A 159 30.08 19.06 -7.81
C ASN A 159 30.29 19.68 -6.42
N PRO A 160 29.55 20.74 -6.09
CA PRO A 160 29.74 21.37 -4.78
C PRO A 160 29.32 20.45 -3.66
N THR A 161 29.99 20.61 -2.52
CA THR A 161 29.67 19.80 -1.35
C THR A 161 28.36 20.28 -0.74
N ARG A 162 27.92 19.59 0.31
CA ARG A 162 26.68 19.98 0.98
C ARG A 162 26.81 21.36 1.62
N LYS A 163 27.98 21.66 2.20
CA LYS A 163 28.18 22.98 2.80
C LYS A 163 28.11 24.08 1.76
N GLU A 164 28.74 23.86 0.60
CA GLU A 164 28.72 24.87 -0.45
C GLU A 164 27.34 24.99 -1.08
N MET A 165 26.63 23.87 -1.21
CA MET A 165 25.31 23.87 -1.83
C MET A 165 24.32 24.69 -1.04
N SER A 166 24.56 24.93 0.24
CA SER A 166 23.68 25.75 1.06
C SER A 166 23.94 27.24 0.88
N SER A 167 25.06 27.63 0.28
CA SER A 167 25.37 29.03 0.02
C SER A 167 25.46 29.32 -1.47
N SER A 168 24.82 28.50 -2.29
CA SER A 168 24.89 28.62 -3.74
C SER A 168 23.60 29.24 -4.26
N THR A 169 23.73 30.13 -5.23
CA THR A 169 22.58 30.75 -5.87
C THR A 169 22.08 29.96 -7.07
N LEU A 170 22.70 28.82 -7.37
CA LEU A 170 22.28 27.99 -8.49
C LEU A 170 22.50 26.53 -8.14
N ASN A 171 21.52 25.69 -8.49
CA ASN A 171 21.61 24.24 -8.32
C ASN A 171 21.23 23.62 -9.65
N LEU A 172 22.21 23.50 -10.55
CA LEU A 172 21.99 23.03 -11.91
C LEU A 172 22.70 21.70 -12.12
N VAL A 173 22.00 20.74 -12.69
CA VAL A 173 22.55 19.43 -13.01
C VAL A 173 22.53 19.26 -14.52
N VAL A 174 23.68 18.94 -15.10
CA VAL A 174 23.85 18.80 -16.54
C VAL A 174 24.29 17.37 -16.84
N ALA A 175 23.60 16.72 -17.77
CA ALA A 175 24.02 15.44 -18.31
C ALA A 175 24.40 15.62 -19.76
N GLY A 176 25.61 15.20 -20.12
CA GLY A 176 26.15 15.44 -21.44
C GLY A 176 26.44 14.14 -22.17
N ALA A 177 26.31 14.19 -23.48
CA ALA A 177 26.64 13.11 -24.40
C ALA A 177 27.93 13.42 -25.13
N PRO A 178 28.48 12.45 -25.87
CA PRO A 178 29.68 12.74 -26.68
C PRO A 178 29.41 13.85 -27.68
N LYS A 179 30.49 14.54 -28.07
CA LYS A 179 30.46 15.70 -28.95
C LYS A 179 29.72 16.88 -28.31
N SER A 180 29.82 16.99 -26.99
CA SER A 180 29.31 18.15 -26.24
C SER A 180 27.80 18.34 -26.45
N GLN A 181 27.07 17.25 -26.51
CA GLN A 181 25.62 17.32 -26.57
C GLN A 181 25.04 17.35 -25.16
N ILE A 182 23.77 17.76 -25.07
CA ILE A 182 23.06 17.86 -23.81
C ILE A 182 21.86 16.92 -23.87
N VAL A 183 21.74 16.05 -22.87
CA VAL A 183 20.61 15.13 -22.79
C VAL A 183 19.71 15.40 -21.58
N MET A 184 20.13 16.24 -20.65
CA MET A 184 19.29 16.53 -19.49
C MET A 184 19.75 17.83 -18.86
N LEU A 185 18.79 18.68 -18.51
CA LEU A 185 19.04 19.90 -17.76
C LEU A 185 18.00 19.99 -16.66
N GLU A 186 18.45 20.30 -15.44
CA GLU A 186 17.55 20.36 -14.30
C GLU A 186 18.15 21.34 -13.29
N ALA A 187 17.60 22.54 -13.23
CA ALA A 187 18.18 23.60 -12.43
C ALA A 187 17.12 24.26 -11.56
N SER A 188 17.59 24.87 -10.47
CA SER A 188 16.78 25.76 -9.66
C SER A 188 17.70 26.85 -9.15
N ALA A 189 17.35 28.11 -9.42
CA ALA A 189 18.23 29.22 -9.16
C ALA A 189 17.52 30.27 -8.32
N GLU A 190 18.32 31.07 -7.61
CA GLU A 190 17.79 32.15 -6.76
C GLU A 190 17.64 33.43 -7.57
N ASN A 191 16.85 33.34 -8.64
CA ASN A 191 16.53 34.49 -9.49
C ASN A 191 17.78 35.10 -10.11
N ILE A 192 18.63 34.25 -10.67
CA ILE A 192 19.90 34.70 -11.22
C ILE A 192 19.67 35.20 -12.65
N LEU A 193 20.62 35.98 -13.13
CA LEU A 193 20.52 36.57 -14.46
C LEU A 193 20.63 35.48 -15.53
N GLN A 194 20.11 35.80 -16.73
CA GLN A 194 20.14 34.84 -17.81
C GLN A 194 21.57 34.53 -18.25
N GLN A 195 22.42 35.56 -18.34
CA GLN A 195 23.80 35.33 -18.78
C GLN A 195 24.57 34.48 -17.79
N ASP A 196 24.38 34.73 -16.49
CA ASP A 196 25.04 33.90 -15.48
C ASP A 196 24.53 32.47 -15.56
N PHE A 197 23.22 32.30 -15.78
CA PHE A 197 22.67 30.96 -15.92
C PHE A 197 23.19 30.27 -17.15
N CYS A 198 23.36 31.00 -18.25
CA CYS A 198 23.85 30.40 -19.49
C CYS A 198 25.31 29.99 -19.37
N HIS A 199 26.13 30.82 -18.72
CA HIS A 199 27.55 30.50 -18.61
C HIS A 199 27.78 29.25 -17.78
N ALA A 200 26.89 28.98 -16.81
CA ALA A 200 27.02 27.76 -16.03
C ALA A 200 26.74 26.52 -16.86
N ILE A 201 25.86 26.63 -17.86
CA ILE A 201 25.54 25.48 -18.69
C ILE A 201 26.75 25.07 -19.52
N LYS A 202 27.44 26.03 -20.14
CA LYS A 202 28.59 25.69 -20.95
C LYS A 202 29.76 25.21 -20.10
N VAL A 203 29.90 25.73 -18.88
CA VAL A 203 30.90 25.21 -17.96
C VAL A 203 30.58 23.77 -17.59
N GLY A 204 29.30 23.48 -17.34
CA GLY A 204 28.92 22.13 -16.97
C GLY A 204 29.15 21.12 -18.08
N VAL A 205 28.82 21.49 -19.32
CA VAL A 205 29.01 20.58 -20.45
C VAL A 205 30.47 20.27 -20.64
N LYS A 206 31.35 21.23 -20.37
CA LYS A 206 32.78 21.00 -20.50
C LYS A 206 33.25 19.92 -19.54
N TYR A 207 32.71 19.91 -18.31
CA TYR A 207 33.12 18.90 -17.34
C TYR A 207 32.55 17.53 -17.67
N THR A 208 31.36 17.46 -18.28
CA THR A 208 30.80 16.17 -18.63
C THR A 208 31.62 15.47 -19.70
N GLN A 209 32.28 16.24 -20.57
CA GLN A 209 33.13 15.64 -21.58
C GLN A 209 34.33 14.94 -20.97
N GLN A 210 34.86 15.48 -19.87
CA GLN A 210 35.95 14.81 -19.17
C GLN A 210 35.51 13.48 -18.59
N ILE A 211 34.31 13.43 -18.01
CA ILE A 211 33.80 12.18 -17.46
C ILE A 211 33.60 11.16 -18.57
N ILE A 212 33.05 11.60 -19.70
CA ILE A 212 32.83 10.68 -20.81
C ILE A 212 34.15 10.11 -21.30
N GLN A 213 35.20 10.93 -21.32
CA GLN A 213 36.51 10.44 -21.71
C GLN A 213 37.01 9.37 -20.75
N GLY A 214 36.79 9.56 -19.45
CA GLY A 214 37.22 8.57 -18.49
C GLY A 214 36.46 7.26 -18.62
N ILE A 215 35.15 7.32 -18.82
CA ILE A 215 34.36 6.11 -18.97
C ILE A 215 34.75 5.37 -20.24
N GLN A 216 35.06 6.10 -21.31
CA GLN A 216 35.49 5.46 -22.54
C GLN A 216 36.80 4.70 -22.34
N GLN A 217 37.70 5.25 -21.54
CA GLN A 217 38.95 4.56 -21.25
C GLN A 217 38.69 3.26 -20.49
N LEU A 218 37.79 3.29 -19.50
CA LEU A 218 37.48 2.08 -18.76
C LEU A 218 36.80 1.05 -19.64
N VAL A 219 35.93 1.50 -20.55
CA VAL A 219 35.28 0.58 -21.47
C VAL A 219 36.30 -0.05 -22.42
N LYS A 220 37.31 0.73 -22.82
CA LYS A 220 38.36 0.16 -23.67
C LYS A 220 39.18 -0.88 -22.91
N GLU A 221 39.49 -0.61 -21.64
CA GLU A 221 40.35 -1.51 -20.88
C GLU A 221 39.67 -2.85 -20.64
N THR A 222 38.41 -2.83 -20.21
CA THR A 222 37.66 -4.05 -19.95
C THR A 222 36.77 -4.35 -21.15
N GLY A 223 36.95 -5.53 -21.74
CA GLY A 223 36.22 -5.88 -22.94
C GLY A 223 34.73 -5.84 -22.77
N VAL A 224 34.04 -5.09 -23.62
CA VAL A 224 32.59 -4.98 -23.60
C VAL A 224 32.07 -5.35 -24.98
N THR A 225 31.22 -6.38 -25.03
CA THR A 225 30.62 -6.85 -26.27
C THR A 225 29.11 -6.76 -26.12
N LYS A 226 28.49 -5.85 -26.86
CA LYS A 226 27.04 -5.68 -26.77
C LYS A 226 26.32 -6.88 -27.36
N ARG A 227 25.18 -7.20 -26.77
CA ARG A 227 24.36 -8.29 -27.25
C ARG A 227 23.68 -7.93 -28.56
N THR A 228 23.16 -8.95 -29.23
CA THR A 228 22.34 -8.74 -30.43
C THR A 228 20.90 -9.03 -30.07
N PRO A 229 20.03 -8.02 -30.00
CA PRO A 229 18.64 -8.27 -29.60
C PRO A 229 17.94 -9.16 -30.61
N GLN A 230 16.91 -9.87 -30.13
CA GLN A 230 16.13 -10.75 -31.00
C GLN A 230 15.63 -9.98 -32.21
N LYS A 231 15.03 -8.82 -31.98
CA LYS A 231 14.66 -7.92 -33.05
C LYS A 231 14.37 -6.55 -32.46
N LEU A 232 14.68 -5.51 -33.23
CA LEU A 232 14.34 -4.14 -32.85
C LEU A 232 12.99 -3.81 -33.46
N PHE A 233 12.02 -3.45 -32.62
CA PHE A 233 10.64 -3.28 -33.04
C PHE A 233 10.48 -1.89 -33.66
N THR A 234 10.78 -1.81 -34.95
CA THR A 234 10.57 -0.62 -35.75
C THR A 234 9.81 -0.98 -37.00
N PRO A 235 8.93 -0.11 -37.49
CA PRO A 235 8.18 -0.43 -38.70
C PRO A 235 9.09 -0.60 -39.89
N SER A 236 8.67 -1.48 -40.80
CA SER A 236 9.46 -1.72 -42.00
C SER A 236 9.54 -0.45 -42.84
N PRO A 237 10.68 -0.18 -43.47
CA PRO A 237 10.77 1.02 -44.31
C PRO A 237 9.76 1.04 -45.44
N GLU A 238 9.47 -0.11 -46.04
CA GLU A 238 8.50 -0.16 -47.13
C GLU A 238 7.06 -0.08 -46.65
N ILE A 239 6.78 -0.56 -45.43
CA ILE A 239 5.44 -0.39 -44.88
C ILE A 239 5.18 1.07 -44.55
N VAL A 240 6.18 1.75 -44.00
CA VAL A 240 6.04 3.18 -43.70
C VAL A 240 5.82 3.96 -44.98
N LYS A 241 6.56 3.62 -46.04
CA LYS A 241 6.44 4.33 -47.30
C LYS A 241 5.03 4.16 -47.89
N TYR A 242 4.49 2.95 -47.83
CA TYR A 242 3.14 2.75 -48.35
C TYR A 242 2.10 3.49 -47.51
N THR A 243 2.30 3.53 -46.19
CA THR A 243 1.41 4.30 -45.33
C THR A 243 1.44 5.77 -45.69
N HIS A 244 2.64 6.28 -46.01
CA HIS A 244 2.77 7.68 -46.39
C HIS A 244 1.94 7.99 -47.63
N LYS A 245 1.94 7.08 -48.61
CA LYS A 245 1.14 7.30 -49.81
C LYS A 245 -0.35 7.34 -49.50
N LEU A 246 -0.79 6.54 -48.53
CA LEU A 246 -2.22 6.46 -48.23
C LEU A 246 -2.71 7.71 -47.52
N ALA A 247 -1.97 8.19 -46.51
CA ALA A 247 -2.50 9.19 -45.60
C ALA A 247 -1.70 10.48 -45.59
N MET A 248 -0.93 10.77 -46.64
CA MET A 248 -0.20 12.02 -46.68
C MET A 248 -1.14 13.21 -46.77
N GLU A 249 -2.08 13.17 -47.72
CA GLU A 249 -2.95 14.31 -47.97
C GLU A 249 -3.95 14.52 -46.84
N ARG A 250 -4.56 13.43 -46.37
CA ARG A 250 -5.54 13.55 -45.30
C ARG A 250 -4.91 14.10 -44.02
N LEU A 251 -3.73 13.62 -43.67
CA LEU A 251 -3.05 14.14 -42.49
C LEU A 251 -2.62 15.59 -42.69
N TYR A 252 -2.15 15.93 -43.89
CA TYR A 252 -1.75 17.30 -44.15
C TYR A 252 -2.93 18.25 -44.03
N ALA A 253 -4.10 17.82 -44.50
CA ALA A 253 -5.30 18.66 -44.41
C ALA A 253 -5.69 18.89 -42.96
N VAL A 254 -5.60 17.86 -42.12
CA VAL A 254 -5.99 18.00 -40.73
C VAL A 254 -5.07 18.99 -40.01
N PHE A 255 -3.77 18.87 -40.24
CA PHE A 255 -2.81 19.69 -39.51
C PHE A 255 -2.77 21.13 -40.02
N THR A 256 -3.27 21.40 -41.22
CA THR A 256 -3.39 22.76 -41.71
C THR A 256 -4.74 23.38 -41.42
N ASP A 257 -5.66 22.64 -40.79
CA ASP A 257 -6.95 23.17 -40.39
C ASP A 257 -6.79 23.83 -39.03
N TYR A 258 -6.83 25.16 -39.01
CA TYR A 258 -6.58 25.90 -37.78
C TYR A 258 -7.81 26.00 -36.89
N GLU A 259 -8.97 25.53 -37.34
CA GLU A 259 -10.18 25.58 -36.53
C GLU A 259 -10.24 24.45 -35.50
N HIS A 260 -9.37 23.46 -35.60
CA HIS A 260 -9.41 22.33 -34.69
C HIS A 260 -9.01 22.74 -33.28
N ASP A 261 -9.68 22.16 -32.30
CA ASP A 261 -9.22 22.19 -30.92
C ASP A 261 -8.58 20.84 -30.61
N LYS A 262 -8.23 20.61 -29.35
CA LYS A 262 -7.51 19.39 -29.00
C LYS A 262 -8.31 18.15 -29.36
N VAL A 263 -9.58 18.11 -28.96
CA VAL A 263 -10.37 16.90 -29.14
C VAL A 263 -10.70 16.68 -30.61
N SER A 264 -11.11 17.73 -31.30
CA SER A 264 -11.49 17.59 -32.71
C SER A 264 -10.30 17.19 -33.56
N ARG A 265 -9.13 17.76 -33.27
CA ARG A 265 -7.93 17.38 -34.01
C ARG A 265 -7.57 15.92 -33.78
N ASP A 266 -7.64 15.47 -32.53
CA ASP A 266 -7.34 14.07 -32.23
C ASP A 266 -8.32 13.13 -32.91
N GLU A 267 -9.60 13.48 -32.91
CA GLU A 267 -10.61 12.64 -33.55
C GLU A 267 -10.41 12.61 -35.06
N ALA A 268 -10.08 13.76 -35.67
CA ALA A 268 -9.87 13.80 -37.11
C ALA A 268 -8.69 12.93 -37.52
N VAL A 269 -7.60 12.99 -36.76
CA VAL A 269 -6.45 12.13 -37.03
C VAL A 269 -6.83 10.66 -36.83
N ASN A 270 -7.57 10.38 -35.75
CA ASN A 270 -7.96 9.01 -35.46
C ASN A 270 -8.84 8.42 -36.54
N LYS A 271 -9.65 9.25 -37.20
CA LYS A 271 -10.48 8.75 -38.29
C LYS A 271 -9.62 8.26 -39.45
N ILE A 272 -8.56 8.99 -39.79
CA ILE A 272 -7.65 8.54 -40.83
C ILE A 272 -6.93 7.27 -40.39
N ARG A 273 -6.60 7.17 -39.09
CA ARG A 273 -5.90 5.99 -38.60
C ARG A 273 -6.74 4.73 -38.79
N LEU A 274 -8.04 4.82 -38.48
CA LEU A 274 -8.90 3.64 -38.65
C LEU A 274 -9.00 3.24 -40.10
N ASP A 275 -9.12 4.21 -41.01
CA ASP A 275 -9.22 3.89 -42.42
C ASP A 275 -7.92 3.33 -42.96
N THR A 276 -6.79 3.92 -42.58
CA THR A 276 -5.50 3.50 -43.12
C THR A 276 -5.08 2.15 -42.55
N GLU A 277 -5.29 1.94 -41.25
CA GLU A 277 -4.84 0.69 -40.63
C GLU A 277 -5.58 -0.51 -41.22
N GLU A 278 -6.87 -0.35 -41.52
CA GLU A 278 -7.61 -1.44 -42.16
C GLU A 278 -7.05 -1.75 -43.54
N GLN A 279 -6.67 -0.73 -44.30
CA GLN A 279 -6.08 -0.96 -45.61
C GLN A 279 -4.69 -1.55 -45.52
N LEU A 280 -3.93 -1.19 -44.48
CA LEU A 280 -2.56 -1.69 -44.33
C LEU A 280 -2.57 -3.20 -44.10
N LYS A 281 -3.51 -3.70 -43.30
CA LYS A 281 -3.55 -5.13 -43.02
C LYS A 281 -3.80 -5.93 -44.29
N GLU A 282 -4.65 -5.43 -45.18
CA GLU A 282 -4.91 -6.13 -46.43
C GLU A 282 -3.65 -6.21 -47.29
N LYS A 283 -2.87 -5.12 -47.33
CA LYS A 283 -1.67 -5.13 -48.16
C LYS A 283 -0.58 -6.00 -47.56
N PHE A 284 -0.48 -6.02 -46.22
CA PHE A 284 0.56 -6.76 -45.52
C PHE A 284 -0.10 -7.68 -44.50
N PRO A 285 -0.67 -8.80 -44.95
CA PRO A 285 -1.37 -9.69 -44.01
C PRO A 285 -0.47 -10.26 -42.93
N GLU A 286 0.80 -10.50 -43.24
CA GLU A 286 1.73 -11.13 -42.32
C GLU A 286 2.42 -10.14 -41.39
N ALA A 287 2.16 -8.84 -41.56
CA ALA A 287 2.83 -7.85 -40.73
C ALA A 287 2.32 -7.90 -39.29
N ASP A 288 3.18 -7.50 -38.37
CA ASP A 288 2.81 -7.47 -36.96
C ASP A 288 1.70 -6.45 -36.75
N PRO A 289 0.69 -6.78 -35.92
CA PRO A 289 -0.35 -5.78 -35.63
C PRO A 289 0.20 -4.49 -35.04
N TYR A 290 1.25 -4.57 -34.21
CA TYR A 290 1.87 -3.35 -33.71
C TYR A 290 2.64 -2.62 -34.81
N GLU A 291 3.21 -3.37 -35.76
CA GLU A 291 3.92 -2.73 -36.86
C GLU A 291 3.00 -1.83 -37.66
N ILE A 292 1.75 -2.24 -37.85
CA ILE A 292 0.78 -1.39 -38.52
C ILE A 292 0.51 -0.13 -37.71
N ILE A 293 0.37 -0.28 -36.40
CA ILE A 293 0.06 0.87 -35.55
C ILE A 293 1.22 1.87 -35.54
N GLU A 294 2.45 1.37 -35.40
CA GLU A 294 3.59 2.26 -35.30
C GLU A 294 3.92 2.92 -36.62
N SER A 295 3.69 2.22 -37.74
CA SER A 295 3.99 2.82 -39.04
C SER A 295 3.13 4.04 -39.30
N PHE A 296 1.86 3.99 -38.90
CA PHE A 296 1.00 5.17 -39.03
C PHE A 296 1.50 6.32 -38.15
N ASN A 297 1.92 6.01 -36.91
CA ASN A 297 2.41 7.05 -36.04
C ASN A 297 3.69 7.68 -36.58
N VAL A 298 4.51 6.90 -37.28
CA VAL A 298 5.70 7.45 -37.92
C VAL A 298 5.31 8.43 -39.02
N VAL A 299 4.33 8.05 -39.85
CA VAL A 299 3.91 8.94 -40.94
C VAL A 299 3.26 10.19 -40.40
N ALA A 300 2.38 10.05 -39.40
CA ALA A 300 1.71 11.21 -38.83
C ALA A 300 2.71 12.16 -38.18
N LYS A 301 3.71 11.61 -37.48
CA LYS A 301 4.72 12.46 -36.87
C LYS A 301 5.54 13.19 -37.94
N GLU A 302 5.90 12.50 -39.02
CA GLU A 302 6.69 13.12 -40.07
C GLU A 302 5.90 14.24 -40.77
N VAL A 303 4.63 14.00 -41.06
CA VAL A 303 3.81 15.03 -41.71
C VAL A 303 3.66 16.22 -40.79
N PHE A 304 3.44 15.98 -39.49
CA PHE A 304 3.25 17.07 -38.54
C PHE A 304 4.49 17.96 -38.49
N ARG A 305 5.67 17.34 -38.43
CA ARG A 305 6.91 18.12 -38.32
C ARG A 305 7.29 18.77 -39.63
N SER A 306 6.92 18.18 -40.76
CA SER A 306 7.27 18.76 -42.04
C SER A 306 6.57 20.10 -42.25
N ILE A 307 5.34 20.23 -41.78
CA ILE A 307 4.61 21.49 -41.93
C ILE A 307 5.29 22.61 -41.15
N VAL A 308 5.74 22.30 -39.93
CA VAL A 308 6.41 23.32 -39.12
C VAL A 308 7.72 23.75 -39.77
N LEU A 309 8.49 22.79 -40.27
CA LEU A 309 9.79 23.12 -40.86
C LEU A 309 9.63 23.89 -42.15
N ASN A 310 8.77 23.43 -43.05
CA ASN A 310 8.66 24.02 -44.37
C ASN A 310 7.92 25.36 -44.35
N GLU A 311 6.84 25.46 -43.57
CA GLU A 311 5.95 26.61 -43.66
C GLU A 311 6.01 27.53 -42.45
N TYR A 312 6.76 27.19 -41.41
CA TYR A 312 6.92 28.03 -40.22
C TYR A 312 5.59 28.33 -39.55
N LYS A 313 4.60 27.48 -39.73
CA LYS A 313 3.29 27.63 -39.11
C LYS A 313 2.94 26.34 -38.38
N ARG A 314 2.14 26.47 -37.33
CA ARG A 314 1.80 25.35 -36.48
C ARG A 314 0.37 24.90 -36.72
N CYS A 315 0.01 23.80 -36.06
CA CYS A 315 -1.27 23.15 -36.32
C CYS A 315 -2.46 24.02 -35.93
N ASP A 316 -2.27 25.01 -35.07
CA ASP A 316 -3.35 25.90 -34.66
C ASP A 316 -3.19 27.31 -35.22
N GLY A 317 -2.33 27.49 -36.23
CA GLY A 317 -2.18 28.74 -36.92
C GLY A 317 -1.19 29.71 -36.32
N ARG A 318 -0.63 29.41 -35.15
CA ARG A 318 0.35 30.29 -34.54
C ARG A 318 1.67 30.23 -35.30
N ASP A 319 2.46 31.28 -35.15
CA ASP A 319 3.82 31.26 -35.63
C ASP A 319 4.72 30.67 -34.54
N LEU A 320 6.03 30.72 -34.74
CA LEU A 320 6.94 30.01 -33.85
C LEU A 320 7.01 30.65 -32.46
N THR A 321 6.70 31.94 -32.35
CA THR A 321 6.90 32.66 -31.10
C THR A 321 5.60 33.16 -30.48
N SER A 322 4.45 32.62 -30.90
CA SER A 322 3.17 33.10 -30.41
C SER A 322 2.73 32.32 -29.18
N LEU A 323 2.07 33.02 -28.28
CA LEU A 323 1.48 32.42 -27.08
C LEU A 323 0.01 32.13 -27.31
N ARG A 324 -0.49 31.11 -26.62
CA ARG A 324 -1.93 30.87 -26.63
C ARG A 324 -2.64 31.94 -25.81
N ASN A 325 -3.97 31.93 -25.90
CA ASN A 325 -4.75 32.89 -25.13
C ASN A 325 -4.60 32.62 -23.64
N VAL A 326 -4.20 33.64 -22.90
CA VAL A 326 -3.97 33.54 -21.46
C VAL A 326 -5.05 34.32 -20.74
N SER A 327 -5.75 33.65 -19.82
CA SER A 327 -6.79 34.27 -19.02
C SER A 327 -6.55 33.93 -17.56
N CYS A 328 -6.56 34.96 -16.70
CA CYS A 328 -6.35 34.78 -15.28
C CYS A 328 -7.58 35.24 -14.52
N GLU A 329 -7.66 34.82 -13.26
CA GLU A 329 -8.76 35.18 -12.38
C GLU A 329 -8.35 34.84 -10.95
N VAL A 330 -8.69 35.71 -10.01
CA VAL A 330 -8.36 35.52 -8.61
C VAL A 330 -9.63 35.65 -7.77
N ASP A 331 -9.49 35.35 -6.49
CA ASP A 331 -10.60 35.44 -5.52
C ASP A 331 -11.78 34.61 -5.96
N MET A 332 -11.50 33.35 -6.31
CA MET A 332 -12.54 32.46 -6.81
C MET A 332 -13.60 32.17 -5.76
N PHE A 333 -13.17 31.88 -4.53
CA PHE A 333 -14.08 31.49 -3.45
C PHE A 333 -13.75 32.25 -2.19
N LYS A 334 -14.76 32.46 -1.36
CA LYS A 334 -14.64 33.33 -0.20
C LYS A 334 -13.83 32.69 0.93
N THR A 335 -14.04 31.41 1.19
CA THR A 335 -13.41 30.79 2.35
C THR A 335 -11.93 30.50 2.14
N LEU A 336 -11.51 30.28 0.89
CA LEU A 336 -10.11 30.00 0.62
C LEU A 336 -9.25 31.19 1.00
N HIS A 337 -8.08 30.91 1.60
CA HIS A 337 -7.16 31.97 1.95
C HIS A 337 -6.65 32.69 0.70
N GLY A 338 -6.35 31.94 -0.34
CA GLY A 338 -6.02 32.52 -1.63
C GLY A 338 -6.35 31.53 -2.71
N SER A 339 -6.73 32.05 -3.88
CA SER A 339 -7.08 31.16 -4.98
C SER A 339 -6.90 31.90 -6.29
N ALA A 340 -6.65 31.13 -7.34
CA ALA A 340 -6.50 31.69 -8.67
C ALA A 340 -6.83 30.62 -9.69
N LEU A 341 -7.37 31.06 -10.83
CA LEU A 341 -7.67 30.17 -11.95
C LEU A 341 -6.91 30.69 -13.16
N PHE A 342 -5.86 29.97 -13.54
CA PHE A 342 -5.03 30.35 -14.67
C PHE A 342 -5.34 29.44 -15.85
N GLN A 343 -5.66 30.04 -16.99
CA GLN A 343 -5.97 29.31 -18.21
C GLN A 343 -5.04 29.74 -19.31
N ARG A 344 -4.44 28.77 -19.99
CA ARG A 344 -3.56 29.02 -21.13
C ARG A 344 -3.99 28.10 -22.26
N GLY A 345 -4.58 28.67 -23.29
CA GLY A 345 -5.15 27.84 -24.33
C GLY A 345 -6.26 26.99 -23.76
N GLN A 346 -6.13 25.68 -23.90
CA GLN A 346 -7.09 24.73 -23.35
C GLN A 346 -6.59 24.09 -22.07
N THR A 347 -5.52 24.61 -21.47
CA THR A 347 -4.99 24.12 -20.21
C THR A 347 -5.49 25.01 -19.09
N GLN A 348 -6.26 24.42 -18.17
CA GLN A 348 -6.84 25.17 -17.06
C GLN A 348 -6.31 24.59 -15.76
N VAL A 349 -5.85 25.48 -14.87
CA VAL A 349 -5.27 25.08 -13.60
C VAL A 349 -5.87 25.94 -12.50
N LEU A 350 -6.33 25.31 -11.43
CA LEU A 350 -6.87 26.00 -10.28
C LEU A 350 -5.90 25.87 -9.12
N CYS A 351 -5.46 27.00 -8.57
CA CYS A 351 -4.48 27.04 -7.52
C CYS A 351 -5.11 27.57 -6.24
N THR A 352 -4.71 27.00 -5.10
CA THR A 352 -5.23 27.37 -3.80
C THR A 352 -4.07 27.58 -2.85
N VAL A 353 -4.26 28.46 -1.88
CA VAL A 353 -3.26 28.76 -0.86
C VAL A 353 -3.88 28.54 0.50
N THR A 354 -3.23 27.73 1.33
CA THR A 354 -3.71 27.42 2.68
C THR A 354 -2.61 27.72 3.68
N PHE A 355 -2.93 28.50 4.69
CA PHE A 355 -1.98 28.81 5.75
C PHE A 355 -2.17 27.83 6.90
N ASP A 356 -1.12 27.11 7.24
CA ASP A 356 -1.14 26.11 8.29
C ASP A 356 -0.26 26.58 9.44
N SER A 357 -0.23 25.79 10.52
CA SER A 357 0.61 26.12 11.65
C SER A 357 2.07 25.85 11.32
N LEU A 358 2.96 26.56 12.02
CA LEU A 358 4.39 26.28 11.87
C LEU A 358 4.71 24.87 12.34
N GLU A 359 4.00 24.37 13.34
CA GLU A 359 4.26 23.06 13.91
C GLU A 359 3.86 21.92 12.98
N SER A 360 3.09 22.19 11.93
CA SER A 360 2.66 21.15 11.02
C SER A 360 3.60 20.95 9.84
N GLY A 361 4.69 21.70 9.78
CA GLY A 361 5.67 21.58 8.72
C GLY A 361 6.88 20.75 9.04
N ILE A 362 6.88 20.00 10.14
CA ILE A 362 8.04 19.22 10.54
C ILE A 362 7.75 17.73 10.40
N LYS A 363 6.87 17.39 9.46
CA LYS A 363 6.57 15.98 9.18
C LYS A 363 7.85 15.33 8.65
N SER A 364 8.47 14.48 9.46
CA SER A 364 9.78 13.92 9.12
C SER A 364 9.82 12.47 9.55
N ASP A 365 11.01 11.88 9.48
CA ASP A 365 11.19 10.47 9.80
C ASP A 365 10.92 10.21 11.28
N GLN A 366 11.32 11.14 12.15
CA GLN A 366 11.29 10.89 13.59
C GLN A 366 9.88 10.62 14.09
N VAL A 367 8.90 11.39 13.60
CA VAL A 367 7.55 11.32 14.14
C VAL A 367 6.68 10.44 13.25
N ILE A 368 6.95 10.45 11.95
CA ILE A 368 6.08 9.79 10.99
C ILE A 368 6.86 8.70 10.27
N THR A 369 6.21 7.54 10.12
CA THR A 369 6.81 6.37 9.50
C THR A 369 7.04 6.53 7.99
N ALA A 370 6.47 7.55 7.36
CA ALA A 370 6.56 7.66 5.91
C ALA A 370 7.16 8.98 5.43
N ILE A 371 6.81 10.09 6.08
CA ILE A 371 7.27 11.40 5.63
C ILE A 371 8.72 11.61 6.06
N ASN A 372 9.43 12.48 5.34
CA ASN A 372 10.83 12.75 5.62
C ASN A 372 11.17 14.17 5.18
N GLY A 373 11.89 14.89 6.02
CA GLY A 373 12.44 16.17 5.67
C GLY A 373 11.53 17.33 6.05
N ILE A 374 12.13 18.51 6.10
CA ILE A 374 11.43 19.76 6.38
C ILE A 374 11.84 20.77 5.33
N LYS A 375 10.85 21.47 4.77
CA LYS A 375 11.15 22.49 3.75
C LYS A 375 11.88 23.66 4.38
N ASP A 376 12.87 24.19 3.65
CA ASP A 376 13.74 25.23 4.18
C ASP A 376 12.92 26.46 4.56
N LYS A 377 12.34 27.12 3.57
CA LYS A 377 11.24 28.02 3.85
C LYS A 377 10.01 27.16 4.11
N ASN A 378 9.14 27.60 5.01
CA ASN A 378 7.94 26.85 5.32
C ASN A 378 6.96 27.02 4.17
N PHE A 379 7.18 26.25 3.12
CA PHE A 379 6.47 26.43 1.86
C PHE A 379 6.57 25.14 1.07
N MET A 380 5.44 24.68 0.53
CA MET A 380 5.42 23.51 -0.31
C MET A 380 4.28 23.62 -1.31
N LEU A 381 4.41 22.89 -2.41
CA LEU A 381 3.42 22.88 -3.46
C LEU A 381 2.98 21.45 -3.73
N HIS A 382 1.69 21.21 -3.67
CA HIS A 382 1.11 19.92 -4.00
C HIS A 382 0.41 20.01 -5.35
N TYR A 383 0.78 19.13 -6.26
CA TYR A 383 0.30 19.16 -7.63
C TYR A 383 -0.52 17.91 -7.91
N GLU A 384 -1.71 18.09 -8.47
CA GLU A 384 -2.60 16.99 -8.79
C GLU A 384 -3.00 17.04 -10.24
N PHE A 385 -3.07 15.86 -10.87
CA PHE A 385 -3.45 15.73 -12.27
C PHE A 385 -4.60 14.73 -12.34
N PRO A 386 -5.83 15.17 -12.09
CA PRO A 386 -6.94 14.24 -12.01
C PRO A 386 -7.23 13.62 -13.36
N PRO A 387 -7.80 12.40 -13.38
CA PRO A 387 -8.05 11.75 -14.66
C PRO A 387 -9.01 12.50 -15.56
N TYR A 388 -9.92 13.30 -15.00
CA TYR A 388 -10.86 14.04 -15.84
C TYR A 388 -10.21 15.21 -16.56
N ALA A 389 -8.96 15.53 -16.24
CA ALA A 389 -8.27 16.60 -16.96
C ALA A 389 -8.04 16.24 -18.41
N THR A 390 -8.13 14.96 -18.77
CA THR A 390 -7.97 14.51 -20.15
C THR A 390 -9.11 13.61 -20.59
N ASN A 391 -10.25 13.64 -19.90
CA ASN A 391 -11.39 12.81 -20.22
C ASN A 391 -11.01 11.33 -20.20
N GLU A 392 -10.34 10.91 -19.13
CA GLU A 392 -9.88 9.54 -18.97
C GLU A 392 -10.27 9.02 -17.59
N ILE A 393 -10.15 7.72 -17.42
CA ILE A 393 -10.45 7.04 -16.16
C ILE A 393 -9.17 6.42 -15.64
N GLY A 394 -8.83 6.73 -14.40
CA GLY A 394 -7.63 6.18 -13.81
C GLY A 394 -7.69 6.24 -12.30
N LYS A 395 -6.74 5.55 -11.68
CA LYS A 395 -6.66 5.55 -10.22
C LYS A 395 -6.33 6.93 -9.71
N VAL A 396 -6.94 7.30 -8.58
CA VAL A 396 -6.81 8.64 -8.02
C VAL A 396 -5.98 8.67 -6.75
N THR A 397 -5.47 7.52 -6.31
CA THR A 397 -4.59 7.46 -5.14
C THR A 397 -3.22 8.01 -5.52
N GLY A 398 -2.27 7.89 -4.61
CA GLY A 398 -0.93 8.39 -4.86
C GLY A 398 -0.12 7.48 -5.75
N LEU A 399 1.14 7.26 -5.40
CA LEU A 399 2.06 6.42 -6.18
C LEU A 399 2.16 6.90 -7.63
N ASN A 400 2.14 8.22 -7.82
CA ASN A 400 2.29 8.82 -9.14
C ASN A 400 3.57 9.65 -9.13
N ARG A 401 4.55 9.23 -9.92
CA ARG A 401 5.83 9.94 -9.98
C ARG A 401 5.74 11.23 -10.79
N ARG A 402 4.91 11.25 -11.83
CA ARG A 402 4.81 12.44 -12.66
C ARG A 402 4.25 13.62 -11.87
N GLU A 403 3.28 13.37 -11.01
CA GLU A 403 2.75 14.43 -10.16
C GLU A 403 3.81 14.95 -9.20
N LEU A 404 4.66 14.06 -8.68
CA LEU A 404 5.76 14.50 -7.83
C LEU A 404 6.76 15.36 -8.59
N GLY A 405 7.09 14.97 -9.82
CA GLY A 405 8.04 15.73 -10.59
C GLY A 405 7.52 17.11 -10.96
N HIS A 406 6.26 17.19 -11.37
CA HIS A 406 5.68 18.48 -11.72
C HIS A 406 5.50 19.36 -10.50
N GLY A 407 5.12 18.77 -9.37
CA GLY A 407 4.98 19.55 -8.15
C GLY A 407 6.30 20.12 -7.67
N ALA A 408 7.37 19.34 -7.75
CA ALA A 408 8.67 19.83 -7.33
C ALA A 408 9.16 20.92 -8.27
N LEU A 409 8.92 20.79 -9.57
CA LEU A 409 9.35 21.81 -10.52
C LEU A 409 8.63 23.12 -10.28
N ALA A 410 7.31 23.07 -10.08
CA ALA A 410 6.56 24.29 -9.84
C ALA A 410 6.88 24.88 -8.47
N GLU A 411 7.24 24.05 -7.50
CA GLU A 411 7.51 24.56 -6.16
C GLU A 411 8.80 25.35 -6.12
N LYS A 412 9.87 24.82 -6.72
CA LYS A 412 11.14 25.53 -6.74
C LYS A 412 11.14 26.70 -7.72
N ALA A 413 10.19 26.75 -8.65
CA ALA A 413 10.03 27.93 -9.46
C ALA A 413 9.55 29.11 -8.64
N LEU A 414 8.65 28.87 -7.69
CA LEU A 414 8.13 29.91 -6.81
C LEU A 414 8.91 30.06 -5.53
N TYR A 415 9.84 29.14 -5.24
CA TYR A 415 10.56 29.20 -3.97
C TYR A 415 11.38 30.47 -3.79
N PRO A 416 12.14 30.97 -4.77
CA PRO A 416 12.98 32.15 -4.52
C PRO A 416 12.21 33.39 -4.09
N VAL A 417 10.94 33.54 -4.51
CA VAL A 417 10.20 34.75 -4.20
C VAL A 417 9.39 34.64 -2.91
N ILE A 418 9.39 33.48 -2.26
CA ILE A 418 8.65 33.32 -1.01
C ILE A 418 9.37 34.08 0.11
N PRO A 419 8.69 34.92 0.88
CA PRO A 419 9.36 35.68 1.92
C PRO A 419 9.86 34.79 3.05
N ARG A 420 10.86 35.29 3.77
CA ARG A 420 11.41 34.59 4.91
C ARG A 420 10.65 34.95 6.19
N ASP A 421 10.66 34.02 7.14
CA ASP A 421 10.09 34.24 8.47
C ASP A 421 8.60 34.58 8.39
N PHE A 422 7.88 33.91 7.49
CA PHE A 422 6.43 34.04 7.47
C PHE A 422 5.84 33.34 8.69
N PRO A 423 4.83 33.94 9.33
CA PRO A 423 4.29 33.34 10.57
C PRO A 423 3.62 31.99 10.36
N PHE A 424 3.21 31.65 9.14
CA PHE A 424 2.46 30.42 8.90
C PHE A 424 3.12 29.61 7.81
N THR A 425 2.83 28.31 7.81
CA THR A 425 3.27 27.44 6.73
C THR A 425 2.40 27.68 5.50
N ILE A 426 3.05 27.87 4.35
CA ILE A 426 2.35 28.15 3.11
C ILE A 426 2.25 26.86 2.31
N ARG A 427 1.04 26.43 2.03
CA ARG A 427 0.79 25.26 1.19
C ARG A 427 0.00 25.70 -0.02
N VAL A 428 0.54 25.44 -1.20
CA VAL A 428 -0.11 25.78 -2.46
C VAL A 428 -0.55 24.49 -3.13
N THR A 429 -1.85 24.39 -3.41
CA THR A 429 -2.42 23.23 -4.08
C THR A 429 -2.78 23.62 -5.50
N SER A 430 -2.18 22.94 -6.47
CA SER A 430 -2.44 23.19 -7.88
C SER A 430 -3.09 21.98 -8.50
N GLU A 431 -4.27 22.17 -9.08
CA GLU A 431 -5.03 21.09 -9.69
C GLU A 431 -5.25 21.39 -11.17
N VAL A 432 -5.00 20.40 -12.01
CA VAL A 432 -5.15 20.55 -13.44
C VAL A 432 -6.57 20.13 -13.81
N LEU A 433 -7.44 21.11 -14.00
CA LEU A 433 -8.82 20.81 -14.38
C LEU A 433 -8.91 20.38 -15.84
N GLU A 434 -8.20 21.06 -16.72
CA GLU A 434 -8.05 20.64 -18.11
C GLU A 434 -6.58 20.73 -18.50
N SER A 435 -6.15 19.83 -19.37
CA SER A 435 -4.75 19.80 -19.78
C SER A 435 -4.67 19.64 -21.29
N ASN A 436 -3.97 20.57 -21.94
CA ASN A 436 -3.58 20.45 -23.33
C ASN A 436 -2.16 20.97 -23.55
N GLY A 437 -1.37 21.01 -22.48
CA GLY A 437 -0.05 21.58 -22.59
C GLY A 437 0.72 21.56 -21.29
N SER A 438 1.50 22.61 -21.04
CA SER A 438 2.36 22.64 -19.86
C SER A 438 1.52 23.05 -18.65
N SER A 439 0.92 22.05 -18.00
CA SER A 439 0.21 22.32 -16.76
C SER A 439 1.17 22.57 -15.61
N SER A 440 2.37 22.01 -15.67
CA SER A 440 3.36 22.26 -14.62
C SER A 440 3.77 23.72 -14.59
N MET A 441 3.92 24.34 -15.77
CA MET A 441 4.27 25.74 -15.81
C MET A 441 3.07 26.64 -15.51
N ALA A 442 1.86 26.21 -15.87
CA ALA A 442 0.68 26.94 -15.46
C ALA A 442 0.50 26.91 -13.95
N SER A 443 1.03 25.89 -13.29
CA SER A 443 0.99 25.85 -11.84
C SER A 443 1.85 26.93 -11.22
N ALA A 444 2.95 27.28 -11.87
CA ALA A 444 3.78 28.37 -11.36
C ALA A 444 3.13 29.72 -11.58
N CYS A 445 2.55 29.94 -12.78
CA CYS A 445 1.85 31.19 -13.04
C CYS A 445 0.64 31.35 -12.11
N GLY A 446 -0.15 30.29 -11.96
CA GLY A 446 -1.29 30.36 -11.07
C GLY A 446 -0.92 30.36 -9.61
N GLY A 447 0.25 29.81 -9.26
CA GLY A 447 0.69 29.84 -7.88
C GLY A 447 1.02 31.24 -7.41
N SER A 448 1.65 32.04 -8.28
CA SER A 448 2.00 33.41 -7.89
C SER A 448 0.75 34.27 -7.76
N LEU A 449 -0.22 34.09 -8.65
CA LEU A 449 -1.48 34.83 -8.53
C LEU A 449 -2.19 34.50 -7.23
N ALA A 450 -2.23 33.22 -6.87
CA ALA A 450 -2.88 32.83 -5.63
C ALA A 450 -2.09 33.32 -4.41
N LEU A 451 -0.76 33.32 -4.51
CA LEU A 451 0.06 33.80 -3.40
C LEU A 451 -0.13 35.30 -3.20
N MET A 452 -0.19 36.06 -4.28
CA MET A 452 -0.43 37.49 -4.15
C MET A 452 -1.84 37.78 -3.65
N ASP A 453 -2.81 36.99 -4.09
CA ASP A 453 -4.19 37.18 -3.64
C ASP A 453 -4.33 36.89 -2.15
N SER A 454 -3.64 35.86 -1.67
CA SER A 454 -3.75 35.50 -0.26
C SER A 454 -3.11 36.50 0.67
N GLY A 455 -2.27 37.39 0.15
CA GLY A 455 -1.59 38.38 0.96
C GLY A 455 -0.15 38.06 1.30
N VAL A 456 0.40 36.99 0.76
CA VAL A 456 1.82 36.69 0.99
C VAL A 456 2.67 37.73 0.27
N PRO A 457 3.59 38.40 0.97
CA PRO A 457 4.39 39.46 0.31
C PRO A 457 5.56 38.89 -0.49
N ILE A 458 5.24 38.25 -1.62
CA ILE A 458 6.29 37.70 -2.47
C ILE A 458 7.07 38.84 -3.11
N SER A 459 8.36 38.59 -3.35
CA SER A 459 9.23 39.63 -3.88
C SER A 459 8.77 40.09 -5.26
N SER A 460 8.39 39.15 -6.12
CA SER A 460 7.93 39.49 -7.46
C SER A 460 7.18 38.30 -8.04
N ALA A 461 6.43 38.55 -9.11
CA ALA A 461 5.64 37.52 -9.74
C ALA A 461 6.52 36.54 -10.52
N VAL A 462 6.03 35.32 -10.64
CA VAL A 462 6.74 34.24 -11.32
C VAL A 462 5.85 33.69 -12.41
N ALA A 463 6.42 33.52 -13.62
CA ALA A 463 5.70 32.94 -14.74
C ALA A 463 6.55 31.85 -15.37
N GLY A 464 5.88 30.89 -16.01
CA GLY A 464 6.57 29.79 -16.65
C GLY A 464 6.04 29.57 -18.05
N VAL A 465 6.84 28.84 -18.84
CA VAL A 465 6.47 28.52 -20.22
C VAL A 465 7.27 27.31 -20.65
N ALA A 466 6.81 26.64 -21.68
CA ALA A 466 7.48 25.46 -22.24
C ALA A 466 7.83 25.72 -23.69
N ILE A 467 9.05 25.34 -24.07
CA ILE A 467 9.56 25.54 -25.43
C ILE A 467 9.78 24.18 -26.05
N GLY A 468 9.19 23.97 -27.24
CA GLY A 468 9.39 22.75 -27.98
C GLY A 468 10.48 22.90 -29.03
N LEU A 469 10.65 21.83 -29.81
CA LEU A 469 11.69 21.81 -30.82
C LEU A 469 11.34 20.79 -31.88
N VAL A 470 11.55 21.16 -33.14
CA VAL A 470 11.38 20.26 -34.28
C VAL A 470 12.64 20.37 -35.14
N THR A 471 13.27 19.23 -35.41
CA THR A 471 14.54 19.22 -36.12
C THR A 471 14.47 18.31 -37.34
N LYS A 472 15.27 18.64 -38.33
CA LYS A 472 15.47 17.81 -39.52
C LYS A 472 16.92 17.33 -39.48
N THR A 473 17.11 16.05 -39.18
CA THR A 473 18.43 15.48 -38.99
C THR A 473 18.86 14.67 -40.22
N ASP A 474 20.16 14.60 -40.42
CA ASP A 474 20.71 13.80 -41.51
C ASP A 474 20.36 12.33 -41.27
N PRO A 475 19.84 11.62 -42.27
CA PRO A 475 19.47 10.21 -42.04
C PRO A 475 20.64 9.33 -41.68
N GLU A 476 21.86 9.69 -42.08
CA GLU A 476 23.04 8.89 -41.79
C GLU A 476 23.89 9.50 -40.69
N LYS A 477 24.31 10.77 -40.86
CA LYS A 477 25.16 11.40 -39.87
C LYS A 477 24.42 11.61 -38.55
N GLY A 478 23.14 11.99 -38.61
CA GLY A 478 22.38 12.31 -37.43
C GLY A 478 22.53 13.74 -36.94
N GLU A 479 23.36 14.55 -37.61
CA GLU A 479 23.53 15.93 -37.21
C GLU A 479 22.28 16.74 -37.57
N ILE A 480 22.04 17.79 -36.78
CA ILE A 480 20.88 18.64 -36.97
C ILE A 480 21.17 19.64 -38.09
N GLU A 481 20.37 19.59 -39.15
CA GLU A 481 20.55 20.51 -40.27
C GLU A 481 19.66 21.73 -40.16
N ASP A 482 18.46 21.58 -39.62
CA ASP A 482 17.53 22.68 -39.45
C ASP A 482 16.66 22.41 -38.25
N TYR A 483 16.22 23.46 -37.57
CA TYR A 483 15.38 23.30 -36.40
C TYR A 483 14.50 24.53 -36.22
N ARG A 484 13.37 24.33 -35.56
CA ARG A 484 12.44 25.40 -35.22
C ARG A 484 12.13 25.31 -33.74
N LEU A 485 12.23 26.44 -33.04
CA LEU A 485 11.87 26.52 -31.64
C LEU A 485 10.46 27.07 -31.50
N LEU A 486 9.61 26.35 -30.80
CA LEU A 486 8.20 26.69 -30.65
C LEU A 486 7.93 27.17 -29.23
N THR A 487 7.19 28.26 -29.11
CA THR A 487 6.83 28.83 -27.82
C THR A 487 5.44 28.36 -27.42
N ASP A 488 5.31 27.90 -26.18
CA ASP A 488 4.03 27.45 -25.62
C ASP A 488 3.44 26.32 -26.45
N ILE A 489 4.14 25.19 -26.46
CA ILE A 489 3.72 24.06 -27.26
C ILE A 489 2.43 23.47 -26.69
N LEU A 490 1.64 22.87 -27.58
CA LEU A 490 0.45 22.15 -27.17
C LEU A 490 0.86 20.74 -26.75
N GLY A 491 -0.13 19.88 -26.48
CA GLY A 491 0.17 18.49 -26.20
C GLY A 491 0.70 17.75 -27.40
N ILE A 492 0.11 18.01 -28.58
CA ILE A 492 0.54 17.30 -29.78
C ILE A 492 1.94 17.73 -30.18
N GLU A 493 2.27 19.00 -30.00
CA GLU A 493 3.61 19.48 -30.37
C GLU A 493 4.67 18.91 -29.45
N ASP A 494 4.33 18.64 -28.19
CA ASP A 494 5.27 17.97 -27.31
C ASP A 494 5.38 16.50 -27.64
N TYR A 495 4.26 15.85 -27.94
CA TYR A 495 4.26 14.43 -28.27
C TYR A 495 5.04 14.16 -29.55
N ASN A 496 4.87 15.03 -30.54
CA ASN A 496 5.53 14.88 -31.84
C ASN A 496 6.81 15.68 -31.96
N GLY A 497 7.22 16.37 -30.91
CA GLY A 497 8.40 17.21 -30.94
C GLY A 497 9.65 16.49 -30.51
N ASP A 498 10.61 17.27 -30.02
CA ASP A 498 11.91 16.74 -29.64
C ASP A 498 12.34 17.11 -28.23
N MET A 499 11.72 18.10 -27.59
CA MET A 499 12.10 18.46 -26.24
C MET A 499 10.93 19.19 -25.58
N ASP A 500 10.98 19.26 -24.25
CA ASP A 500 9.99 19.96 -23.44
C ASP A 500 10.77 20.86 -22.49
N PHE A 501 11.07 22.07 -22.94
CA PHE A 501 11.95 22.99 -22.23
C PHE A 501 11.09 23.85 -21.30
N LYS A 502 10.86 23.36 -20.09
CA LYS A 502 10.07 24.08 -19.10
C LYS A 502 10.99 24.97 -18.30
N ILE A 503 10.91 26.27 -18.50
CA ILE A 503 11.72 27.23 -17.76
C ILE A 503 10.81 28.33 -17.24
N ALA A 504 10.96 28.65 -15.95
CA ALA A 504 10.15 29.66 -15.29
C ALA A 504 11.07 30.66 -14.61
N GLY A 505 10.51 31.80 -14.24
CA GLY A 505 11.29 32.79 -13.53
C GLY A 505 10.59 34.12 -13.45
N THR A 506 11.24 35.05 -12.76
CA THR A 506 10.76 36.41 -12.64
C THR A 506 11.05 37.19 -13.92
N ASN A 507 10.57 38.42 -13.99
CA ASN A 507 10.85 39.25 -15.16
C ASN A 507 12.31 39.65 -15.27
N LYS A 508 13.09 39.48 -14.20
CA LYS A 508 14.49 39.86 -14.20
C LYS A 508 15.44 38.71 -13.91
N GLY A 509 14.96 37.47 -13.97
CA GLY A 509 15.84 36.35 -13.67
C GLY A 509 15.16 35.02 -13.95
N ILE A 510 15.90 33.95 -13.69
CA ILE A 510 15.44 32.59 -13.90
C ILE A 510 15.43 31.88 -12.55
N THR A 511 14.34 31.19 -12.25
CA THR A 511 14.20 30.49 -10.99
C THR A 511 14.15 28.98 -11.11
N ALA A 512 13.72 28.44 -12.25
CA ALA A 512 13.67 27.00 -12.42
C ALA A 512 13.85 26.64 -13.88
N LEU A 513 14.26 25.41 -14.12
CA LEU A 513 14.44 24.89 -15.47
C LEU A 513 14.35 23.37 -15.41
N GLN A 514 13.75 22.78 -16.45
CA GLN A 514 13.66 21.34 -16.58
C GLN A 514 13.51 21.02 -18.06
N ALA A 515 14.56 20.46 -18.65
CA ALA A 515 14.55 20.11 -20.07
C ALA A 515 14.35 18.61 -20.22
N ASP A 516 13.33 18.23 -20.99
CA ASP A 516 13.01 16.83 -21.26
C ASP A 516 13.33 16.58 -22.74
N ILE A 517 14.58 16.21 -23.00
CA ILE A 517 15.05 16.04 -24.38
C ILE A 517 14.83 14.60 -24.80
N LYS A 518 14.11 14.40 -25.91
CA LYS A 518 13.90 13.07 -26.46
C LYS A 518 14.96 12.68 -27.49
N LEU A 519 15.67 13.64 -28.06
CA LEU A 519 16.73 13.33 -28.98
C LEU A 519 17.94 12.79 -28.21
N PRO A 520 18.83 12.08 -28.87
CA PRO A 520 20.08 11.65 -28.22
C PRO A 520 21.10 12.78 -28.11
N GLY A 521 20.68 13.89 -27.50
CA GLY A 521 21.53 15.04 -27.33
C GLY A 521 21.24 16.14 -28.33
N ILE A 522 21.26 17.39 -27.88
CA ILE A 522 21.06 18.53 -28.76
C ILE A 522 22.20 19.52 -28.53
N PRO A 523 22.59 20.30 -29.54
CA PRO A 523 23.71 21.23 -29.36
C PRO A 523 23.40 22.29 -28.33
N ILE A 524 24.44 22.81 -27.70
CA ILE A 524 24.26 23.84 -26.68
C ILE A 524 23.68 25.11 -27.28
N LYS A 525 23.91 25.35 -28.58
CA LYS A 525 23.35 26.54 -29.21
C LYS A 525 21.82 26.49 -29.21
N ILE A 526 21.25 25.31 -29.44
CA ILE A 526 19.79 25.18 -29.39
C ILE A 526 19.28 25.49 -27.99
N VAL A 527 19.97 24.98 -26.97
CA VAL A 527 19.58 25.26 -25.59
C VAL A 527 19.66 26.75 -25.31
N MET A 528 20.71 27.41 -25.82
CA MET A 528 20.90 28.82 -25.56
C MET A 528 19.76 29.66 -26.14
N GLU A 529 19.35 29.32 -27.36
CA GLU A 529 18.27 30.07 -28.02
C GLU A 529 16.92 29.77 -27.39
N ALA A 530 16.73 28.56 -26.88
CA ALA A 530 15.48 28.24 -26.20
C ALA A 530 15.30 29.07 -24.94
N ILE A 531 16.39 29.30 -24.20
CA ILE A 531 16.31 30.15 -23.02
C ILE A 531 15.96 31.58 -23.40
N GLN A 532 16.60 32.10 -24.45
CA GLN A 532 16.31 33.46 -24.89
C GLN A 532 14.89 33.59 -25.39
N GLN A 533 14.41 32.61 -26.16
CA GLN A 533 13.04 32.65 -26.65
C GLN A 533 12.03 32.63 -25.52
N ALA A 534 12.28 31.81 -24.51
CA ALA A 534 11.38 31.74 -23.36
C ALA A 534 11.43 32.99 -22.52
N SER A 535 12.51 33.76 -22.58
CA SER A 535 12.55 35.04 -21.88
C SER A 535 11.54 36.01 -22.46
N VAL A 536 11.42 36.04 -23.79
CA VAL A 536 10.46 36.93 -24.43
C VAL A 536 9.04 36.52 -24.06
N ALA A 537 8.75 35.22 -24.11
CA ALA A 537 7.41 34.74 -23.77
C ALA A 537 7.08 35.02 -22.31
N LYS A 538 8.06 34.91 -21.43
CA LYS A 538 7.81 35.11 -20.00
C LYS A 538 7.38 36.54 -19.72
N LYS A 539 7.98 37.52 -20.40
CA LYS A 539 7.58 38.90 -20.21
C LYS A 539 6.15 39.13 -20.68
N GLU A 540 5.77 38.51 -21.79
CA GLU A 540 4.41 38.66 -22.29
C GLU A 540 3.40 38.05 -21.32
N ILE A 541 3.70 36.87 -20.78
CA ILE A 541 2.80 36.24 -19.82
C ILE A 541 2.68 37.09 -18.56
N LEU A 542 3.79 37.65 -18.09
CA LEU A 542 3.75 38.46 -16.89
C LEU A 542 2.96 39.75 -17.10
N GLN A 543 2.92 40.25 -18.34
CA GLN A 543 2.11 41.44 -18.61
C GLN A 543 0.64 41.14 -18.41
N ILE A 544 0.18 39.99 -18.88
CA ILE A 544 -1.22 39.62 -18.69
C ILE A 544 -1.51 39.37 -17.22
N MET A 545 -0.61 38.69 -16.52
CA MET A 545 -0.83 38.38 -15.11
C MET A 545 -0.89 39.65 -14.28
N ASN A 546 -0.09 40.66 -14.62
CA ASN A 546 -0.07 41.89 -13.85
C ASN A 546 -1.38 42.65 -13.97
N LYS A 547 -2.09 42.50 -15.09
CA LYS A 547 -3.37 43.17 -15.25
C LYS A 547 -4.40 42.64 -14.25
N THR A 548 -4.41 41.32 -14.03
CA THR A 548 -5.31 40.75 -13.04
C THR A 548 -4.93 41.20 -11.63
N ILE A 549 -3.66 41.05 -11.26
CA ILE A 549 -3.17 41.49 -9.97
C ILE A 549 -1.66 41.70 -10.07
N SER A 550 -1.18 42.85 -9.59
CA SER A 550 0.23 43.19 -9.74
C SER A 550 1.01 43.15 -8.43
N LYS A 551 0.37 43.41 -7.30
CA LYS A 551 1.03 43.40 -6.02
C LYS A 551 0.21 42.62 -5.01
N PRO A 552 0.86 42.05 -4.00
CA PRO A 552 0.11 41.32 -2.97
C PRO A 552 -0.82 42.25 -2.21
N ARG A 553 -1.92 41.69 -1.71
CA ARG A 553 -2.88 42.47 -0.95
C ARG A 553 -2.24 42.99 0.32
N ALA A 554 -2.74 44.14 0.79
CA ALA A 554 -2.12 44.80 1.94
C ALA A 554 -2.18 43.94 3.19
N SER A 555 -3.14 43.02 3.27
CA SER A 555 -3.26 42.15 4.43
C SER A 555 -3.96 40.87 4.02
N ARG A 556 -3.83 39.86 4.87
CA ARG A 556 -4.49 38.59 4.61
C ARG A 556 -6.01 38.74 4.74
N LYS A 557 -6.72 37.73 4.23
CA LYS A 557 -8.18 37.76 4.28
C LYS A 557 -8.67 37.75 5.73
N GLU A 558 -9.86 38.30 5.94
CA GLU A 558 -10.40 38.40 7.29
C GLU A 558 -10.66 37.02 7.90
N ASN A 559 -11.02 36.05 7.07
CA ASN A 559 -11.26 34.69 7.53
C ASN A 559 -10.00 33.83 7.49
N GLY A 560 -8.83 34.44 7.59
CA GLY A 560 -7.59 33.70 7.63
C GLY A 560 -7.23 33.27 9.03
N PRO A 561 -6.12 32.55 9.17
CA PRO A 561 -5.71 32.05 10.48
C PRO A 561 -5.31 33.17 11.43
N VAL A 562 -5.50 32.90 12.72
CA VAL A 562 -5.10 33.81 13.78
C VAL A 562 -4.34 33.01 14.83
N VAL A 563 -3.34 33.63 15.44
CA VAL A 563 -2.54 33.00 16.48
C VAL A 563 -2.56 33.91 17.70
N GLU A 564 -2.97 33.35 18.85
CA GLU A 564 -2.98 34.11 20.08
C GLU A 564 -2.69 33.19 21.24
N THR A 565 -2.19 33.77 22.33
CA THR A 565 -1.77 33.03 23.50
C THR A 565 -2.82 33.13 24.60
N VAL A 566 -3.03 32.02 25.30
CA VAL A 566 -3.94 31.95 26.43
C VAL A 566 -3.15 31.50 27.65
N GLN A 567 -3.30 32.22 28.76
CA GLN A 567 -2.59 31.91 29.98
C GLN A 567 -3.45 31.03 30.88
N VAL A 568 -2.88 29.92 31.33
CA VAL A 568 -3.57 29.03 32.26
C VAL A 568 -2.78 28.99 33.57
N PRO A 569 -3.45 28.91 34.71
CA PRO A 569 -2.74 28.84 35.99
C PRO A 569 -2.11 27.46 36.18
N LEU A 570 -1.10 27.43 37.06
CA LEU A 570 -0.45 26.16 37.38
C LEU A 570 -1.43 25.18 38.01
N SER A 571 -2.33 25.68 38.86
CA SER A 571 -3.29 24.81 39.52
C SER A 571 -4.24 24.15 38.52
N LYS A 572 -4.49 24.80 37.39
CA LYS A 572 -5.38 24.27 36.37
C LYS A 572 -4.63 23.65 35.19
N ARG A 573 -3.31 23.50 35.30
CA ARG A 573 -2.55 22.90 34.21
C ARG A 573 -2.96 21.44 34.00
N ALA A 574 -3.13 20.69 35.09
CA ALA A 574 -3.51 19.29 34.96
C ALA A 574 -4.90 19.14 34.35
N LYS A 575 -5.85 19.96 34.79
CA LYS A 575 -7.20 19.88 34.25
C LYS A 575 -7.24 20.25 32.77
N PHE A 576 -6.53 21.33 32.41
CA PHE A 576 -6.58 21.80 31.02
C PHE A 576 -5.87 20.82 30.09
N VAL A 577 -4.66 20.40 30.44
CA VAL A 577 -3.89 19.52 29.56
C VAL A 577 -4.51 18.14 29.52
N GLY A 578 -4.93 17.62 30.66
CA GLY A 578 -5.51 16.29 30.74
C GLY A 578 -4.46 15.24 30.98
N PRO A 579 -4.89 14.00 31.22
CA PRO A 579 -3.93 12.91 31.45
C PRO A 579 -3.11 12.58 30.21
N GLY A 580 -1.82 12.87 30.25
CA GLY A 580 -0.97 12.66 29.10
C GLY A 580 -1.32 13.52 27.91
N GLY A 581 -1.82 14.74 28.14
CA GLY A 581 -2.21 15.60 27.06
C GLY A 581 -3.42 15.14 26.30
N TYR A 582 -4.29 14.35 26.94
CA TYR A 582 -5.47 13.84 26.24
C TYR A 582 -6.44 14.96 25.89
N ASN A 583 -6.63 15.92 26.79
CA ASN A 583 -7.59 16.99 26.54
C ASN A 583 -7.14 17.86 25.36
N LEU A 584 -5.84 18.19 25.30
CA LEU A 584 -5.34 18.99 24.20
C LEU A 584 -5.46 18.25 22.88
N LYS A 585 -5.13 16.96 22.87
CA LYS A 585 -5.24 16.17 21.65
C LYS A 585 -6.69 15.95 21.24
N LYS A 586 -7.63 16.03 22.19
CA LYS A 586 -9.04 15.87 21.88
C LYS A 586 -9.64 17.16 21.34
N LEU A 587 -9.34 18.28 21.99
CA LEU A 587 -9.84 19.57 21.51
C LEU A 587 -9.30 19.90 20.14
N GLN A 588 -8.01 19.66 19.92
CA GLN A 588 -7.40 19.98 18.64
C GLN A 588 -7.83 19.02 17.52
N ALA A 589 -8.46 17.90 17.87
CA ALA A 589 -8.89 16.95 16.85
C ALA A 589 -10.31 17.22 16.38
N GLU A 590 -11.15 17.79 17.25
CA GLU A 590 -12.54 18.07 16.91
C GLU A 590 -12.81 19.52 16.58
N THR A 591 -11.84 20.42 16.80
CA THR A 591 -11.99 21.82 16.49
C THR A 591 -11.08 22.29 15.35
N GLY A 592 -9.98 21.59 15.11
CA GLY A 592 -9.04 21.97 14.08
C GLY A 592 -7.95 22.91 14.52
N VAL A 593 -8.01 23.41 15.76
CA VAL A 593 -6.98 24.30 16.29
C VAL A 593 -5.75 23.49 16.62
N THR A 594 -4.63 24.16 16.90
CA THR A 594 -3.40 23.53 17.31
C THR A 594 -2.84 24.28 18.50
N ILE A 595 -2.69 23.60 19.63
CA ILE A 595 -2.21 24.20 20.86
C ILE A 595 -0.81 23.68 21.14
N SER A 596 0.13 24.61 21.34
CA SER A 596 1.50 24.27 21.66
C SER A 596 1.91 25.01 22.92
N GLN A 597 2.49 24.30 23.87
CA GLN A 597 2.89 24.90 25.13
C GLN A 597 4.16 25.72 24.93
N VAL A 598 4.10 27.01 25.25
CA VAL A 598 5.22 27.90 25.04
C VAL A 598 6.03 27.99 26.34
N ASP A 599 5.38 28.42 27.41
CA ASP A 599 5.98 28.53 28.72
C ASP A 599 5.23 27.62 29.70
N GLU A 600 5.53 27.77 30.98
CA GLU A 600 4.82 26.97 32.00
C GLU A 600 3.34 27.30 32.01
N GLU A 601 2.99 28.57 31.85
CA GLU A 601 1.60 29.02 31.91
C GLU A 601 1.08 29.52 30.57
N THR A 602 1.92 29.55 29.54
CA THR A 602 1.54 30.13 28.25
C THR A 602 1.33 29.03 27.22
N PHE A 603 0.20 29.11 26.52
CA PHE A 603 -0.11 28.18 25.44
C PHE A 603 -0.45 28.98 24.19
N SER A 604 0.23 28.68 23.09
CA SER A 604 0.00 29.36 21.83
C SER A 604 -1.03 28.57 21.03
N VAL A 605 -2.16 29.21 20.74
CA VAL A 605 -3.26 28.58 20.02
C VAL A 605 -3.27 29.12 18.60
N PHE A 606 -3.27 28.21 17.64
CA PHE A 606 -3.36 28.54 16.22
C PHE A 606 -4.70 28.04 15.70
N ALA A 607 -5.48 28.93 15.11
CA ALA A 607 -6.79 28.57 14.59
C ALA A 607 -6.85 28.86 13.10
N PRO A 608 -7.24 27.90 12.27
CA PRO A 608 -7.29 28.16 10.81
C PRO A 608 -8.25 29.26 10.42
N THR A 609 -9.33 29.45 11.17
CA THR A 609 -10.32 30.49 10.91
C THR A 609 -10.66 31.19 12.21
N PRO A 610 -11.11 32.44 12.15
CA PRO A 610 -11.59 33.11 13.38
C PRO A 610 -12.74 32.38 14.05
N SER A 611 -13.58 31.69 13.26
CA SER A 611 -14.65 30.89 13.86
C SER A 611 -14.08 29.73 14.66
N ALA A 612 -13.01 29.11 14.15
CA ALA A 612 -12.39 28.01 14.89
C ALA A 612 -11.83 28.49 16.22
N MET A 613 -11.21 29.67 16.24
CA MET A 613 -10.74 30.23 17.49
C MET A 613 -11.90 30.50 18.45
N HIS A 614 -13.06 30.87 17.91
CA HIS A 614 -14.22 31.10 18.77
C HIS A 614 -14.66 29.81 19.45
N GLU A 615 -14.70 28.69 18.71
CA GLU A 615 -15.05 27.42 19.32
C GLU A 615 -14.03 27.00 20.36
N ALA A 616 -12.74 27.15 20.03
CA ALA A 616 -11.69 26.77 20.97
C ALA A 616 -11.75 27.61 22.23
N ARG A 617 -11.99 28.92 22.08
CA ARG A 617 -12.01 29.80 23.23
C ARG A 617 -13.10 29.41 24.22
N ASP A 618 -14.26 28.98 23.70
CA ASP A 618 -15.32 28.48 24.58
C ASP A 618 -14.87 27.22 25.30
N PHE A 619 -14.17 26.33 24.59
CA PHE A 619 -13.70 25.09 25.20
C PHE A 619 -12.72 25.37 26.34
N ILE A 620 -11.78 26.30 26.13
CA ILE A 620 -10.84 26.64 27.19
C ILE A 620 -11.55 27.35 28.34
N THR A 621 -12.53 28.20 28.02
CA THR A 621 -13.19 28.98 29.07
C THR A 621 -13.92 28.07 30.06
N GLU A 622 -14.65 27.07 29.55
CA GLU A 622 -15.36 26.17 30.46
C GLU A 622 -14.40 25.27 31.23
N ILE A 623 -13.26 24.92 30.62
CA ILE A 623 -12.24 24.17 31.36
C ILE A 623 -11.69 25.01 32.50
N CYS A 624 -11.47 26.30 32.26
CA CYS A 624 -10.97 27.19 33.30
C CYS A 624 -12.00 27.45 34.39
N LYS A 625 -13.26 27.07 34.18
CA LYS A 625 -14.29 27.23 35.19
C LYS A 625 -14.17 26.15 36.26
N ALA B 2 -14.98 -33.82 19.76
CA ALA B 2 -13.97 -33.23 20.63
C ALA B 2 -12.99 -34.30 21.12
N VAL B 3 -11.70 -33.98 21.06
CA VAL B 3 -10.64 -34.88 21.49
C VAL B 3 -9.65 -34.09 22.33
N ALA B 4 -9.24 -34.69 23.44
CA ALA B 4 -8.25 -34.09 24.32
C ALA B 4 -6.96 -34.91 24.25
N VAL B 5 -5.85 -34.24 23.97
CA VAL B 5 -4.53 -34.86 23.90
C VAL B 5 -3.69 -34.31 25.03
N ASP B 6 -3.14 -35.21 25.84
CA ASP B 6 -2.37 -34.82 27.02
C ASP B 6 -0.88 -34.85 26.69
N LEU B 7 -0.23 -33.71 26.80
CA LEU B 7 1.20 -33.57 26.55
C LEU B 7 1.85 -33.20 27.89
N GLY B 8 2.19 -34.21 28.68
CA GLY B 8 2.74 -33.94 30.00
C GLY B 8 1.72 -33.22 30.86
N ASN B 9 2.15 -32.10 31.43
CA ASN B 9 1.28 -31.30 32.28
C ASN B 9 0.40 -30.34 31.50
N ARG B 10 0.53 -30.29 30.18
CA ARG B 10 -0.30 -29.45 29.33
C ARG B 10 -1.38 -30.29 28.68
N LYS B 11 -2.50 -29.64 28.35
CA LYS B 11 -3.63 -30.31 27.73
C LYS B 11 -3.99 -29.60 26.42
N LEU B 12 -4.26 -30.38 25.39
CA LEU B 12 -4.66 -29.86 24.09
C LEU B 12 -6.07 -30.32 23.77
N GLU B 13 -6.94 -29.37 23.47
CA GLU B 13 -8.33 -29.66 23.16
C GLU B 13 -8.61 -29.35 21.70
N ILE B 14 -9.17 -30.33 20.98
CA ILE B 14 -9.49 -30.19 19.57
C ILE B 14 -10.99 -30.28 19.40
N SER B 15 -11.54 -29.40 18.57
CA SER B 15 -12.98 -29.34 18.33
C SER B 15 -13.24 -29.06 16.87
N SER B 16 -14.42 -29.45 16.40
CA SER B 16 -14.83 -29.16 15.04
C SER B 16 -16.34 -29.32 14.93
N GLY B 17 -16.92 -28.64 13.94
CA GLY B 17 -18.33 -28.75 13.66
C GLY B 17 -19.21 -27.69 14.25
N LYS B 18 -18.64 -26.65 14.86
CA LYS B 18 -19.43 -25.59 15.47
C LYS B 18 -19.28 -24.25 14.76
N LEU B 19 -18.06 -23.84 14.42
CA LEU B 19 -17.81 -22.54 13.82
C LEU B 19 -17.35 -22.71 12.38
N ALA B 20 -17.79 -21.77 11.53
CA ALA B 20 -17.37 -21.70 10.14
C ALA B 20 -17.60 -23.02 9.41
N ARG B 21 -18.84 -23.49 9.45
CA ARG B 21 -19.17 -24.75 8.81
C ARG B 21 -19.18 -24.67 7.29
N PHE B 22 -19.13 -23.48 6.72
CA PHE B 22 -19.14 -23.35 5.26
C PHE B 22 -17.80 -23.71 4.65
N ALA B 23 -16.71 -23.53 5.40
CA ALA B 23 -15.38 -23.81 4.88
C ALA B 23 -15.21 -25.30 4.63
N ASP B 24 -14.26 -25.62 3.74
CA ASP B 24 -13.98 -27.02 3.43
C ASP B 24 -13.51 -27.77 4.68
N GLY B 25 -12.67 -27.14 5.47
CA GLY B 25 -12.27 -27.70 6.74
C GLY B 25 -12.15 -26.61 7.78
N SER B 26 -12.41 -26.99 9.03
CA SER B 26 -12.35 -26.03 10.13
C SER B 26 -12.11 -26.80 11.42
N ALA B 27 -11.39 -26.16 12.35
CA ALA B 27 -11.10 -26.76 13.63
C ALA B 27 -10.76 -25.66 14.61
N VAL B 28 -10.96 -25.95 15.89
CA VAL B 28 -10.60 -25.04 16.97
C VAL B 28 -9.70 -25.81 17.93
N VAL B 29 -8.51 -25.28 18.17
CA VAL B 29 -7.54 -25.89 19.07
C VAL B 29 -7.39 -24.96 20.27
N GLN B 30 -7.60 -25.50 21.46
CA GLN B 30 -7.58 -24.71 22.69
C GLN B 30 -6.62 -25.34 23.68
N SER B 31 -5.70 -24.53 24.21
CA SER B 31 -4.83 -24.92 25.30
C SER B 31 -4.98 -23.89 26.40
N GLY B 32 -5.35 -24.33 27.59
CA GLY B 32 -5.66 -23.38 28.65
C GLY B 32 -6.84 -22.53 28.25
N ASP B 33 -6.66 -21.21 28.32
CA ASP B 33 -7.71 -20.27 27.93
C ASP B 33 -7.42 -19.62 26.59
N THR B 34 -6.51 -20.19 25.80
CA THR B 34 -6.17 -19.68 24.48
C THR B 34 -6.76 -20.60 23.43
N ALA B 35 -7.58 -20.04 22.55
CA ALA B 35 -8.23 -20.79 21.49
C ALA B 35 -7.93 -20.17 20.14
N VAL B 36 -7.68 -21.02 19.14
CA VAL B 36 -7.40 -20.58 17.78
C VAL B 36 -8.24 -21.43 16.85
N MET B 37 -9.00 -20.78 15.96
CA MET B 37 -9.78 -21.49 14.96
C MET B 37 -9.12 -21.32 13.60
N VAL B 38 -8.88 -22.45 12.93
CA VAL B 38 -8.18 -22.48 11.66
C VAL B 38 -9.10 -23.10 10.61
N THR B 39 -9.21 -22.45 9.46
CA THR B 39 -10.02 -22.94 8.36
C THR B 39 -9.15 -23.13 7.13
N ALA B 40 -9.50 -24.12 6.32
CA ALA B 40 -8.80 -24.41 5.08
C ALA B 40 -9.80 -24.46 3.93
N VAL B 41 -9.50 -23.74 2.85
CA VAL B 41 -10.37 -23.68 1.69
C VAL B 41 -9.54 -24.02 0.45
N SER B 42 -10.05 -24.92 -0.38
CA SER B 42 -9.37 -25.31 -1.61
C SER B 42 -10.38 -25.36 -2.74
N LYS B 43 -10.06 -24.70 -3.84
CA LYS B 43 -10.98 -24.65 -4.97
C LYS B 43 -11.00 -25.98 -5.72
N THR B 44 -12.12 -26.24 -6.39
CA THR B 44 -12.26 -27.43 -7.22
C THR B 44 -11.80 -27.22 -8.66
N LYS B 45 -11.51 -25.99 -9.04
CA LYS B 45 -11.05 -25.67 -10.38
C LYS B 45 -9.54 -25.53 -10.39
N PRO B 46 -8.84 -26.20 -11.30
CA PRO B 46 -7.37 -26.07 -11.34
C PRO B 46 -6.97 -24.63 -11.60
N SER B 47 -5.91 -24.19 -10.93
CA SER B 47 -5.46 -22.83 -11.05
C SER B 47 -4.70 -22.64 -12.36
N PRO B 48 -4.78 -21.45 -12.96
CA PRO B 48 -3.99 -21.20 -14.17
C PRO B 48 -2.49 -21.34 -13.94
N SER B 49 -2.00 -20.93 -12.78
CA SER B 49 -0.59 -21.08 -12.47
C SER B 49 -0.24 -22.55 -12.34
N GLN B 50 0.92 -22.92 -12.87
CA GLN B 50 1.32 -24.33 -12.92
C GLN B 50 2.18 -24.73 -11.72
N PHE B 51 1.65 -24.48 -10.53
CA PHE B 51 2.25 -24.95 -9.29
C PHE B 51 1.15 -24.99 -8.23
N MET B 52 1.53 -25.25 -6.99
CA MET B 52 0.55 -25.29 -5.90
C MET B 52 0.49 -23.92 -5.25
N PRO B 53 -0.59 -23.16 -5.43
CA PRO B 53 -0.74 -21.90 -4.70
C PRO B 53 -1.29 -22.16 -3.31
N LEU B 54 -0.44 -22.00 -2.30
CA LEU B 54 -0.82 -22.21 -0.92
C LEU B 54 -0.49 -20.96 -0.12
N VAL B 55 -1.51 -20.34 0.46
CA VAL B 55 -1.35 -19.13 1.25
C VAL B 55 -1.80 -19.41 2.66
N VAL B 56 -0.92 -19.15 3.62
CA VAL B 56 -1.24 -19.28 5.04
C VAL B 56 -1.18 -17.89 5.66
N ASP B 57 -2.28 -17.47 6.27
CA ASP B 57 -2.39 -16.15 6.86
C ASP B 57 -2.73 -16.31 8.33
N TYR B 58 -1.76 -16.05 9.20
CA TYR B 58 -1.96 -16.05 10.64
C TYR B 58 -2.13 -14.60 11.08
N ARG B 59 -3.31 -14.28 11.62
CA ARG B 59 -3.65 -12.91 11.97
C ARG B 59 -3.92 -12.81 13.46
N GLN B 60 -3.23 -11.88 14.12
CA GLN B 60 -3.53 -11.55 15.51
C GLN B 60 -4.70 -10.58 15.53
N LYS B 61 -5.81 -11.01 16.14
CA LYS B 61 -7.00 -10.16 16.14
C LYS B 61 -6.75 -8.86 16.88
N ALA B 62 -6.09 -8.94 18.05
CA ALA B 62 -5.78 -7.74 18.81
C ALA B 62 -4.70 -8.07 19.82
N ALA B 63 -3.52 -7.45 19.67
CA ALA B 63 -2.50 -7.47 20.71
C ALA B 63 -2.78 -6.31 21.66
N ALA B 64 -2.97 -6.62 22.95
CA ALA B 64 -3.57 -5.70 23.90
C ALA B 64 -4.95 -5.30 23.36
N ALA B 65 -5.02 -4.17 22.66
CA ALA B 65 -6.19 -3.80 21.86
C ALA B 65 -5.66 -3.35 20.50
N GLY B 66 -5.51 -4.31 19.58
CA GLY B 66 -4.90 -4.02 18.29
C GLY B 66 -5.62 -2.99 17.47
N ARG B 67 -6.92 -2.82 17.69
CA ARG B 67 -7.74 -1.80 17.00
C ARG B 67 -7.66 -2.10 15.49
N ILE B 68 -7.75 -1.05 14.66
CA ILE B 68 -7.67 -1.20 13.21
C ILE B 68 -6.76 -0.13 12.66
N PRO B 69 -6.04 -0.45 11.58
CA PRO B 69 -5.24 0.58 10.90
C PRO B 69 -6.12 1.69 10.35
N THR B 70 -5.52 2.87 10.23
CA THR B 70 -6.28 4.08 9.92
C THR B 70 -6.93 4.01 8.53
N ASN B 71 -6.27 3.37 7.58
CA ASN B 71 -6.74 3.42 6.20
C ASN B 71 -6.33 2.14 5.46
N TYR B 72 -6.73 2.06 4.20
CA TYR B 72 -6.55 0.84 3.42
C TYR B 72 -5.08 0.52 3.19
N LEU B 73 -4.28 1.51 2.78
CA LEU B 73 -2.88 1.26 2.51
C LEU B 73 -2.13 0.84 3.78
N ARG B 74 -2.44 1.50 4.90
CA ARG B 74 -1.87 1.11 6.18
C ARG B 74 -2.31 -0.29 6.57
N ARG B 75 -3.52 -0.69 6.19
CA ARG B 75 -3.95 -2.07 6.43
C ARG B 75 -3.12 -3.06 5.65
N GLU B 76 -2.83 -2.75 4.37
CA GLU B 76 -2.06 -3.67 3.54
C GLU B 76 -0.63 -3.82 4.04
N ILE B 77 -0.15 -2.87 4.84
CA ILE B 77 1.17 -2.94 5.45
C ILE B 77 1.08 -3.31 6.93
N GLY B 78 -0.13 -3.36 7.49
CA GLY B 78 -0.36 -3.53 8.90
C GLY B 78 -0.10 -4.90 9.48
N THR B 79 0.30 -5.87 8.67
CA THR B 79 0.64 -7.19 9.19
C THR B 79 1.99 -7.13 9.90
N SER B 80 2.01 -7.54 11.16
CA SER B 80 3.22 -7.43 11.97
C SER B 80 4.24 -8.47 11.57
N ASP B 81 5.48 -8.25 12.01
CA ASP B 81 6.56 -9.18 11.70
C ASP B 81 6.31 -10.55 12.33
N LYS B 82 5.82 -10.56 13.56
CA LYS B 82 5.57 -11.83 14.25
C LYS B 82 4.52 -12.65 13.52
N GLU B 83 3.48 -11.99 12.99
CA GLU B 83 2.45 -12.70 12.25
C GLU B 83 3.02 -13.35 10.99
N ILE B 84 3.88 -12.63 10.27
CA ILE B 84 4.45 -13.18 9.04
C ILE B 84 5.32 -14.39 9.33
N LEU B 85 6.15 -14.30 10.37
CA LEU B 85 7.02 -15.42 10.71
C LEU B 85 6.21 -16.65 11.11
N THR B 86 5.14 -16.44 11.88
CA THR B 86 4.28 -17.57 12.27
C THR B 86 3.63 -18.21 11.05
N SER B 87 3.19 -17.39 10.10
CA SER B 87 2.58 -17.94 8.89
C SER B 87 3.56 -18.78 8.10
N ARG B 88 4.83 -18.38 8.06
CA ARG B 88 5.83 -19.16 7.36
C ARG B 88 6.04 -20.51 8.03
N ILE B 89 6.04 -20.55 9.36
CA ILE B 89 6.19 -21.81 10.07
C ILE B 89 5.05 -22.75 9.76
N ILE B 90 3.81 -22.23 9.75
CA ILE B 90 2.66 -23.06 9.42
C ILE B 90 2.74 -23.52 7.97
N ASP B 91 3.20 -22.66 7.08
CA ASP B 91 3.29 -23.03 5.67
C ASP B 91 4.25 -24.19 5.47
N ARG B 92 5.40 -24.15 6.15
CA ARG B 92 6.39 -25.21 5.99
C ARG B 92 5.97 -26.50 6.66
N SER B 93 5.04 -26.45 7.62
CA SER B 93 4.59 -27.66 8.29
C SER B 93 3.62 -28.46 7.44
N ILE B 94 2.85 -27.81 6.58
CA ILE B 94 1.77 -28.48 5.85
C ILE B 94 2.05 -28.59 4.37
N ARG B 95 2.93 -27.77 3.80
CA ARG B 95 3.19 -27.84 2.37
C ARG B 95 3.76 -29.19 1.90
N PRO B 96 4.73 -29.81 2.58
CA PRO B 96 5.27 -31.08 2.06
C PRO B 96 4.25 -32.20 2.00
N LEU B 97 3.19 -32.16 2.80
CA LEU B 97 2.24 -33.25 2.85
C LEU B 97 1.17 -33.17 1.76
N PHE B 98 1.13 -32.10 0.99
CA PHE B 98 0.19 -32.03 -0.12
C PHE B 98 0.65 -32.98 -1.23
N PRO B 99 -0.28 -33.61 -1.94
CA PRO B 99 0.11 -34.53 -3.01
C PRO B 99 0.78 -33.79 -4.15
N ALA B 100 1.62 -34.51 -4.89
CA ALA B 100 2.27 -33.93 -6.06
C ALA B 100 1.24 -33.70 -7.15
N GLY B 101 1.39 -32.57 -7.85
CA GLY B 101 0.47 -32.22 -8.92
C GLY B 101 -0.85 -31.64 -8.48
N TYR B 102 -0.98 -31.25 -7.22
CA TYR B 102 -2.23 -30.70 -6.71
C TYR B 102 -2.24 -29.19 -7.00
N PHE B 103 -2.50 -28.85 -8.25
CA PHE B 103 -2.44 -27.46 -8.71
C PHE B 103 -3.80 -26.80 -8.52
N TYR B 104 -4.14 -26.58 -7.26
CA TYR B 104 -5.41 -25.97 -6.89
C TYR B 104 -5.17 -24.89 -5.84
N ASP B 105 -5.88 -23.79 -5.97
CA ASP B 105 -5.73 -22.69 -5.02
C ASP B 105 -6.16 -23.14 -3.63
N THR B 106 -5.31 -22.88 -2.64
CA THR B 106 -5.59 -23.28 -1.27
C THR B 106 -5.19 -22.15 -0.34
N GLN B 107 -6.04 -21.88 0.64
CA GLN B 107 -5.78 -20.85 1.63
C GLN B 107 -6.09 -21.38 3.01
N VAL B 108 -5.19 -21.16 3.96
CA VAL B 108 -5.37 -21.56 5.34
C VAL B 108 -5.32 -20.29 6.18
N LEU B 109 -6.38 -20.04 6.94
CA LEU B 109 -6.53 -18.82 7.71
C LEU B 109 -6.67 -19.16 9.19
N CYS B 110 -5.87 -18.52 10.02
CA CYS B 110 -5.87 -18.75 11.46
C CYS B 110 -6.39 -17.51 12.17
N ASN B 111 -7.39 -17.71 13.02
CA ASN B 111 -8.05 -16.62 13.75
C ASN B 111 -7.90 -16.87 15.24
N LEU B 112 -7.40 -15.88 15.96
CA LEU B 112 -7.15 -15.99 17.39
C LEU B 112 -8.43 -15.66 18.15
N LEU B 113 -9.22 -16.68 18.49
CA LEU B 113 -10.46 -16.44 19.20
C LEU B 113 -10.20 -15.82 20.58
N ALA B 114 -9.21 -16.31 21.30
CA ALA B 114 -8.90 -15.78 22.62
C ALA B 114 -7.45 -16.09 22.95
N VAL B 115 -6.83 -15.18 23.69
CA VAL B 115 -5.45 -15.34 24.14
C VAL B 115 -5.38 -14.96 25.61
N ASP B 116 -4.87 -15.86 26.44
CA ASP B 116 -4.78 -15.61 27.87
C ASP B 116 -3.46 -15.02 28.31
N GLY B 117 -2.52 -14.79 27.39
CA GLY B 117 -1.24 -14.26 27.77
C GLY B 117 -0.32 -15.25 28.46
N VAL B 118 -0.66 -16.53 28.45
CA VAL B 118 0.14 -17.57 29.07
C VAL B 118 0.51 -18.65 28.07
N ASN B 119 -0.47 -19.20 27.37
CA ASN B 119 -0.22 -20.24 26.37
C ASN B 119 -0.06 -19.59 25.00
N GLU B 120 1.07 -19.86 24.35
CA GLU B 120 1.36 -19.22 23.07
C GLU B 120 0.49 -19.81 21.98
N PRO B 121 -0.17 -18.97 21.17
CA PRO B 121 -1.09 -19.50 20.15
C PRO B 121 -0.41 -19.94 18.86
N ASP B 122 0.88 -19.68 18.67
CA ASP B 122 1.51 -20.03 17.42
C ASP B 122 1.56 -21.54 17.21
N VAL B 123 1.84 -22.29 18.28
CA VAL B 123 1.87 -23.76 18.15
C VAL B 123 0.47 -24.30 17.92
N LEU B 124 -0.53 -23.73 18.59
CA LEU B 124 -1.90 -24.18 18.40
C LEU B 124 -2.37 -23.94 16.96
N ALA B 125 -1.87 -22.89 16.32
CA ALA B 125 -2.23 -22.63 14.94
C ALA B 125 -1.71 -23.72 14.01
N ILE B 126 -0.49 -24.20 14.25
CA ILE B 126 0.06 -25.26 13.41
C ILE B 126 -0.76 -26.54 13.55
N ASN B 127 -1.13 -26.89 14.78
CA ASN B 127 -1.98 -28.04 15.00
C ASN B 127 -3.36 -27.84 14.38
N GLY B 128 -3.92 -26.64 14.54
CA GLY B 128 -5.23 -26.37 13.96
C GLY B 128 -5.23 -26.49 12.45
N ALA B 129 -4.15 -26.06 11.81
CA ALA B 129 -4.03 -26.24 10.37
C ALA B 129 -3.96 -27.71 9.99
N SER B 130 -3.40 -28.54 10.86
CA SER B 130 -3.37 -29.97 10.60
C SER B 130 -4.75 -30.60 10.77
N VAL B 131 -5.48 -30.21 11.82
CA VAL B 131 -6.81 -30.76 12.03
C VAL B 131 -7.77 -30.28 10.96
N ALA B 132 -7.68 -29.00 10.59
CA ALA B 132 -8.59 -28.47 9.58
C ALA B 132 -8.40 -29.18 8.25
N LEU B 133 -7.15 -29.43 7.87
CA LEU B 133 -6.91 -30.14 6.61
C LEU B 133 -7.22 -31.63 6.74
N SER B 134 -7.13 -32.19 7.94
CA SER B 134 -7.42 -33.60 8.12
C SER B 134 -8.91 -33.88 8.04
N LEU B 135 -9.73 -32.99 8.60
CA LEU B 135 -11.17 -33.16 8.58
C LEU B 135 -11.81 -32.62 7.31
N SER B 136 -11.06 -31.93 6.47
CA SER B 136 -11.60 -31.40 5.23
C SER B 136 -11.58 -32.49 4.15
N ASP B 137 -12.17 -32.16 3.01
CA ASP B 137 -12.12 -33.03 1.84
C ASP B 137 -10.92 -32.74 0.95
N ILE B 138 -10.06 -31.83 1.34
CA ILE B 138 -8.83 -31.57 0.59
C ILE B 138 -7.88 -32.75 0.76
N PRO B 139 -7.34 -33.32 -0.31
CA PRO B 139 -6.37 -34.41 -0.14
C PRO B 139 -5.08 -33.93 0.51
N TRP B 140 -4.82 -34.41 1.72
CA TRP B 140 -3.65 -34.02 2.50
C TRP B 140 -3.09 -35.27 3.16
N ASN B 141 -1.84 -35.58 2.90
CA ASN B 141 -1.27 -36.87 3.29
C ASN B 141 -0.87 -36.85 4.76
N GLY B 142 -1.73 -37.40 5.60
CA GLY B 142 -1.39 -37.66 6.98
C GLY B 142 -1.42 -36.43 7.84
N PRO B 143 -1.96 -36.56 9.05
CA PRO B 143 -1.94 -35.44 9.99
C PRO B 143 -0.54 -35.20 10.52
N VAL B 144 -0.32 -33.97 10.99
CA VAL B 144 0.94 -33.63 11.62
C VAL B 144 0.65 -33.03 12.99
N GLY B 145 1.64 -33.10 13.86
CA GLY B 145 1.56 -32.48 15.17
C GLY B 145 2.77 -31.60 15.40
N ALA B 146 2.55 -30.53 16.15
CA ALA B 146 3.61 -29.56 16.42
C ALA B 146 3.63 -29.25 17.90
N VAL B 147 4.84 -29.25 18.48
CA VAL B 147 5.06 -28.84 19.85
C VAL B 147 6.26 -27.92 19.88
N ARG B 148 6.36 -27.12 20.95
CA ARG B 148 7.52 -26.30 21.21
C ARG B 148 8.25 -26.88 22.41
N ILE B 149 9.57 -27.08 22.27
CA ILE B 149 10.40 -27.62 23.32
C ILE B 149 11.32 -26.52 23.83
N GLY B 150 11.37 -26.35 25.14
CA GLY B 150 12.29 -25.43 25.76
C GLY B 150 13.11 -26.14 26.81
N ILE B 151 14.18 -25.47 27.25
CA ILE B 151 15.06 -25.99 28.28
C ILE B 151 15.07 -24.97 29.41
N ILE B 152 14.34 -25.25 30.48
CA ILE B 152 14.33 -24.42 31.67
C ILE B 152 15.15 -25.13 32.74
N ASP B 153 16.21 -24.47 33.20
CA ASP B 153 17.18 -24.96 34.19
C ASP B 153 17.45 -26.45 34.09
N GLY B 154 17.71 -26.93 32.87
CA GLY B 154 18.12 -28.30 32.64
C GLY B 154 17.01 -29.28 32.33
N GLU B 155 15.76 -28.85 32.30
CA GLU B 155 14.62 -29.73 32.06
C GLU B 155 13.97 -29.39 30.73
N TYR B 156 13.62 -30.42 29.97
CA TYR B 156 12.96 -30.24 28.68
C TYR B 156 11.46 -30.08 28.90
N VAL B 157 10.94 -28.90 28.56
CA VAL B 157 9.55 -28.55 28.81
C VAL B 157 8.81 -28.52 27.49
N VAL B 158 7.66 -29.19 27.44
CA VAL B 158 6.85 -29.22 26.24
C VAL B 158 5.80 -28.12 26.33
N ASN B 159 5.68 -27.33 25.26
CA ASN B 159 4.78 -26.19 25.19
C ASN B 159 4.93 -25.26 26.40
N PRO B 160 6.09 -24.64 26.57
CA PRO B 160 6.29 -23.76 27.72
C PRO B 160 5.40 -22.53 27.65
N THR B 161 5.04 -22.01 28.82
CA THR B 161 4.25 -20.80 28.90
C THR B 161 5.11 -19.59 28.54
N ARG B 162 4.49 -18.41 28.56
CA ARG B 162 5.24 -17.20 28.26
C ARG B 162 6.30 -16.93 29.31
N LYS B 163 5.98 -17.14 30.58
CA LYS B 163 6.95 -16.95 31.64
C LYS B 163 8.11 -17.94 31.52
N GLU B 164 7.80 -19.19 31.18
CA GLU B 164 8.85 -20.20 31.06
C GLU B 164 9.73 -19.94 29.84
N MET B 165 9.14 -19.42 28.76
CA MET B 165 9.92 -19.14 27.56
C MET B 165 10.95 -18.05 27.79
N SER B 166 10.67 -17.12 28.71
CA SER B 166 11.62 -16.05 28.99
C SER B 166 12.84 -16.53 29.75
N SER B 167 12.75 -17.65 30.45
CA SER B 167 13.89 -18.23 31.15
C SER B 167 14.49 -19.42 30.42
N SER B 168 14.01 -19.73 29.21
CA SER B 168 14.45 -20.89 28.47
C SER B 168 15.70 -20.57 27.67
N THR B 169 16.58 -21.56 27.55
CA THR B 169 17.77 -21.46 26.71
C THR B 169 17.57 -22.04 25.33
N LEU B 170 16.35 -22.48 25.00
CA LEU B 170 16.07 -23.05 23.69
C LEU B 170 14.62 -22.79 23.34
N ASN B 171 14.39 -22.40 22.09
CA ASN B 171 13.05 -22.15 21.55
C ASN B 171 12.96 -22.95 20.25
N LEU B 172 12.59 -24.22 20.37
CA LEU B 172 12.58 -25.15 19.25
C LEU B 172 11.15 -25.59 18.98
N VAL B 173 10.73 -25.51 17.72
CA VAL B 173 9.41 -25.93 17.30
C VAL B 173 9.59 -27.11 16.35
N VAL B 174 8.95 -28.23 16.67
CA VAL B 174 9.06 -29.46 15.91
C VAL B 174 7.70 -29.81 15.34
N ALA B 175 7.65 -30.06 14.04
CA ALA B 175 6.47 -30.59 13.38
C ALA B 175 6.77 -31.99 12.89
N GLY B 176 5.94 -32.95 13.27
CA GLY B 176 6.18 -34.35 12.96
C GLY B 176 5.03 -34.94 12.17
N ALA B 177 5.38 -35.90 11.30
CA ALA B 177 4.42 -36.65 10.50
C ALA B 177 4.23 -38.02 11.14
N PRO B 178 3.31 -38.85 10.66
CA PRO B 178 3.19 -40.20 11.20
C PRO B 178 4.47 -41.00 11.00
N LYS B 179 4.70 -41.95 11.91
CA LYS B 179 5.89 -42.81 11.92
C LYS B 179 7.16 -42.01 12.21
N SER B 180 7.05 -41.07 13.15
CA SER B 180 8.21 -40.38 13.72
C SER B 180 9.02 -39.62 12.69
N GLN B 181 8.38 -39.20 11.60
CA GLN B 181 9.06 -38.37 10.62
C GLN B 181 9.08 -36.91 11.09
N ILE B 182 9.95 -36.12 10.48
CA ILE B 182 10.10 -34.72 10.81
C ILE B 182 9.79 -33.90 9.55
N VAL B 183 8.86 -32.95 9.68
CA VAL B 183 8.45 -32.13 8.56
C VAL B 183 9.08 -30.73 8.64
N MET B 184 9.10 -30.14 9.83
CA MET B 184 9.65 -28.81 10.01
C MET B 184 10.50 -28.78 11.26
N LEU B 185 11.56 -27.97 11.22
CA LEU B 185 12.39 -27.69 12.39
C LEU B 185 12.69 -26.20 12.40
N GLU B 186 12.61 -25.60 13.58
CA GLU B 186 12.85 -24.17 13.71
C GLU B 186 13.27 -23.90 15.15
N ALA B 187 14.52 -23.50 15.36
CA ALA B 187 15.06 -23.37 16.69
C ALA B 187 15.78 -22.04 16.85
N SER B 188 15.90 -21.62 18.11
CA SER B 188 16.62 -20.41 18.48
C SER B 188 17.20 -20.65 19.87
N ALA B 189 18.45 -21.11 19.91
CA ALA B 189 19.09 -21.51 21.16
C ALA B 189 20.05 -20.44 21.64
N GLU B 190 20.29 -20.45 22.94
CA GLU B 190 21.22 -19.50 23.57
C GLU B 190 22.62 -20.12 23.65
N ASN B 191 23.12 -20.54 22.48
CA ASN B 191 24.46 -21.12 22.34
C ASN B 191 24.60 -22.39 23.19
N ILE B 192 23.73 -23.35 22.93
CA ILE B 192 23.67 -24.57 23.71
C ILE B 192 24.43 -25.67 22.98
N LEU B 193 24.82 -26.69 23.74
CA LEU B 193 25.63 -27.77 23.21
C LEU B 193 24.85 -28.60 22.21
N GLN B 194 25.60 -29.27 21.33
CA GLN B 194 24.97 -30.09 20.29
C GLN B 194 24.21 -31.27 20.89
N GLN B 195 24.77 -31.90 21.92
CA GLN B 195 24.11 -33.04 22.53
C GLN B 195 22.80 -32.63 23.20
N ASP B 196 22.79 -31.48 23.89
CA ASP B 196 21.55 -30.99 24.47
C ASP B 196 20.54 -30.65 23.39
N PHE B 197 21.01 -30.03 22.30
CA PHE B 197 20.12 -29.66 21.20
C PHE B 197 19.51 -30.89 20.54
N CYS B 198 20.32 -31.92 20.32
CA CYS B 198 19.83 -33.11 19.62
C CYS B 198 18.83 -33.88 20.45
N HIS B 199 19.01 -33.89 21.78
CA HIS B 199 18.06 -34.59 22.64
C HIS B 199 16.70 -33.94 22.60
N ALA B 200 16.65 -32.61 22.53
CA ALA B 200 15.37 -31.91 22.50
C ALA B 200 14.58 -32.26 21.25
N ILE B 201 15.25 -32.47 20.12
CA ILE B 201 14.55 -32.88 18.91
C ILE B 201 13.92 -34.26 19.12
N LYS B 202 14.65 -35.17 19.79
CA LYS B 202 14.10 -36.49 20.05
C LYS B 202 12.88 -36.42 20.95
N VAL B 203 12.93 -35.57 21.99
CA VAL B 203 11.80 -35.43 22.89
C VAL B 203 10.60 -34.84 22.16
N GLY B 204 10.84 -33.82 21.34
CA GLY B 204 9.74 -33.17 20.64
C GLY B 204 9.03 -34.08 19.67
N VAL B 205 9.79 -34.90 18.93
CA VAL B 205 9.18 -35.79 17.96
C VAL B 205 8.27 -36.80 18.64
N LYS B 206 8.64 -37.25 19.83
CA LYS B 206 7.80 -38.19 20.56
C LYS B 206 6.46 -37.57 20.91
N TYR B 207 6.46 -36.29 21.30
CA TYR B 207 5.20 -35.64 21.67
C TYR B 207 4.29 -35.44 20.48
N THR B 208 4.87 -35.09 19.32
CA THR B 208 4.04 -34.88 18.13
C THR B 208 3.36 -36.17 17.69
N GLN B 209 3.94 -37.32 18.03
CA GLN B 209 3.28 -38.58 17.70
C GLN B 209 2.02 -38.77 18.53
N GLN B 210 2.02 -38.30 19.78
CA GLN B 210 0.82 -38.34 20.60
C GLN B 210 -0.28 -37.48 20.00
N ILE B 211 0.07 -36.29 19.51
CA ILE B 211 -0.91 -35.40 18.90
C ILE B 211 -1.50 -36.05 17.65
N ILE B 212 -0.64 -36.66 16.83
CA ILE B 212 -1.11 -37.31 15.62
C ILE B 212 -2.08 -38.44 15.95
N GLN B 213 -1.83 -39.15 17.04
CA GLN B 213 -2.74 -40.21 17.45
C GLN B 213 -4.10 -39.64 17.82
N GLY B 214 -4.13 -38.51 18.52
CA GLY B 214 -5.39 -37.89 18.86
C GLY B 214 -6.15 -37.38 17.65
N ILE B 215 -5.44 -36.76 16.71
CA ILE B 215 -6.09 -36.27 15.50
C ILE B 215 -6.64 -37.42 14.67
N GLN B 216 -5.90 -38.52 14.60
CA GLN B 216 -6.36 -39.66 13.82
C GLN B 216 -7.65 -40.24 14.38
N GLN B 217 -7.78 -40.27 15.71
CA GLN B 217 -9.02 -40.72 16.32
C GLN B 217 -10.17 -39.79 15.96
N LEU B 218 -9.93 -38.48 15.99
CA LEU B 218 -10.96 -37.52 15.63
C LEU B 218 -11.39 -37.69 14.17
N VAL B 219 -10.44 -37.97 13.29
CA VAL B 219 -10.77 -38.17 11.88
C VAL B 219 -11.64 -39.40 11.71
N LYS B 220 -11.28 -40.50 12.37
CA LYS B 220 -12.06 -41.73 12.25
C LYS B 220 -13.45 -41.57 12.83
N GLU B 221 -13.57 -40.88 13.97
CA GLU B 221 -14.86 -40.70 14.60
C GLU B 221 -15.77 -39.78 13.78
N THR B 222 -15.20 -38.73 13.21
CA THR B 222 -16.00 -37.81 12.40
C THR B 222 -16.47 -38.46 11.10
N GLY B 223 -15.60 -39.22 10.45
CA GLY B 223 -15.96 -39.86 9.20
C GLY B 223 -15.67 -39.01 7.99
N VAL B 224 -14.41 -38.60 7.84
CA VAL B 224 -14.01 -37.70 6.76
C VAL B 224 -13.91 -38.48 5.45
N THR B 225 -14.40 -37.86 4.37
CA THR B 225 -14.27 -38.41 3.02
C THR B 225 -13.53 -37.39 2.16
N LYS B 226 -12.46 -37.84 1.51
CA LYS B 226 -11.65 -36.95 0.70
C LYS B 226 -12.21 -36.81 -0.71
N ARG B 227 -12.07 -35.62 -1.26
CA ARG B 227 -12.56 -35.33 -2.60
C ARG B 227 -11.66 -36.02 -3.64
N THR B 228 -12.17 -36.10 -4.86
CA THR B 228 -11.42 -36.64 -5.99
C THR B 228 -11.06 -35.49 -6.92
N PRO B 229 -9.82 -35.03 -6.94
CA PRO B 229 -9.47 -33.90 -7.81
C PRO B 229 -9.70 -34.25 -9.27
N GLN B 230 -10.18 -33.28 -10.04
CA GLN B 230 -10.50 -33.53 -11.43
C GLN B 230 -9.27 -33.88 -12.25
N LYS B 231 -8.08 -33.46 -11.80
CA LYS B 231 -6.84 -33.82 -12.47
C LYS B 231 -5.64 -33.54 -11.59
N LEU B 232 -4.79 -34.54 -11.39
CA LEU B 232 -3.50 -34.36 -10.72
C LEU B 232 -2.44 -34.15 -11.79
N PHE B 233 -1.79 -32.99 -11.77
CA PHE B 233 -0.88 -32.58 -12.84
C PHE B 233 0.49 -33.18 -12.60
N THR B 234 0.66 -34.43 -13.04
CA THR B 234 1.95 -35.10 -13.05
C THR B 234 2.19 -35.68 -14.43
N PRO B 235 3.42 -35.66 -14.92
CA PRO B 235 3.69 -36.20 -16.26
C PRO B 235 3.39 -37.69 -16.31
N SER B 236 2.88 -38.14 -17.45
CA SER B 236 2.60 -39.54 -17.63
C SER B 236 3.91 -40.33 -17.66
N PRO B 237 3.92 -41.56 -17.14
CA PRO B 237 5.17 -42.32 -17.10
C PRO B 237 5.76 -42.59 -18.47
N GLU B 238 4.93 -42.65 -19.50
CA GLU B 238 5.45 -42.95 -20.83
C GLU B 238 6.17 -41.75 -21.46
N ILE B 239 5.73 -40.53 -21.15
CA ILE B 239 6.41 -39.36 -21.71
C ILE B 239 7.68 -39.05 -20.93
N VAL B 240 7.73 -39.40 -19.65
CA VAL B 240 8.98 -39.24 -18.90
C VAL B 240 10.02 -40.21 -19.40
N LYS B 241 9.62 -41.45 -19.69
CA LYS B 241 10.56 -42.45 -20.20
C LYS B 241 11.15 -42.01 -21.53
N TYR B 242 10.32 -41.49 -22.44
CA TYR B 242 10.84 -41.03 -23.72
C TYR B 242 11.79 -39.85 -23.56
N THR B 243 11.46 -38.91 -22.67
CA THR B 243 12.36 -37.79 -22.41
C THR B 243 13.68 -38.27 -21.85
N HIS B 244 13.65 -39.33 -21.02
CA HIS B 244 14.89 -39.86 -20.47
C HIS B 244 15.82 -40.34 -21.57
N LYS B 245 15.30 -41.05 -22.57
CA LYS B 245 16.13 -41.52 -23.67
C LYS B 245 16.66 -40.36 -24.50
N LEU B 246 15.94 -39.24 -24.53
CA LEU B 246 16.38 -38.12 -25.36
C LEU B 246 17.52 -37.34 -24.73
N ALA B 247 17.49 -37.14 -23.40
CA ALA B 247 18.38 -36.19 -22.76
C ALA B 247 19.15 -36.77 -21.57
N MET B 248 19.25 -38.10 -21.47
CA MET B 248 20.06 -38.67 -20.40
C MET B 248 21.53 -38.35 -20.61
N GLU B 249 22.05 -38.62 -21.80
CA GLU B 249 23.48 -38.46 -22.05
C GLU B 249 23.89 -36.99 -21.99
N ARG B 250 23.11 -36.11 -22.60
CA ARG B 250 23.46 -34.69 -22.63
C ARG B 250 23.44 -34.09 -21.24
N LEU B 251 22.43 -34.41 -20.44
CA LEU B 251 22.35 -33.88 -19.08
C LEU B 251 23.45 -34.46 -18.21
N TYR B 252 23.78 -35.74 -18.40
CA TYR B 252 24.84 -36.35 -17.62
C TYR B 252 26.18 -35.67 -17.87
N ALA B 253 26.44 -35.31 -19.13
CA ALA B 253 27.68 -34.62 -19.46
C ALA B 253 27.73 -33.24 -18.80
N VAL B 254 26.60 -32.54 -18.77
CA VAL B 254 26.58 -31.20 -18.18
C VAL B 254 26.87 -31.26 -16.69
N PHE B 255 26.24 -32.17 -15.98
CA PHE B 255 26.39 -32.24 -14.54
C PHE B 255 27.72 -32.85 -14.10
N THR B 256 28.44 -33.50 -15.01
CA THR B 256 29.78 -33.98 -14.71
C THR B 256 30.86 -32.99 -15.14
N ASP B 257 30.49 -31.86 -15.72
CA ASP B 257 31.44 -30.84 -16.13
C ASP B 257 31.63 -29.87 -14.99
N TYR B 258 32.84 -29.85 -14.41
CA TYR B 258 33.12 -29.05 -13.24
C TYR B 258 33.60 -27.64 -13.57
N GLU B 259 33.71 -27.30 -14.86
CA GLU B 259 34.08 -25.95 -15.27
C GLU B 259 32.88 -25.01 -15.33
N HIS B 260 31.68 -25.51 -15.05
CA HIS B 260 30.48 -24.69 -15.10
C HIS B 260 30.33 -23.89 -13.82
N ASP B 261 29.84 -22.66 -13.96
CA ASP B 261 29.34 -21.88 -12.84
C ASP B 261 27.82 -21.83 -12.92
N LYS B 262 27.21 -21.03 -12.05
CA LYS B 262 25.75 -21.01 -11.98
C LYS B 262 25.13 -20.64 -13.32
N VAL B 263 25.62 -19.58 -13.95
CA VAL B 263 25.02 -19.11 -15.19
C VAL B 263 25.32 -20.08 -16.33
N SER B 264 26.56 -20.56 -16.44
CA SER B 264 26.93 -21.43 -17.54
C SER B 264 26.19 -22.75 -17.47
N ARG B 265 26.09 -23.33 -16.28
CA ARG B 265 25.41 -24.62 -16.14
C ARG B 265 23.93 -24.52 -16.46
N ASP B 266 23.26 -23.47 -15.96
CA ASP B 266 21.85 -23.29 -16.27
C ASP B 266 21.65 -23.03 -17.75
N GLU B 267 22.57 -22.30 -18.38
CA GLU B 267 22.48 -22.06 -19.80
C GLU B 267 22.61 -23.36 -20.60
N ALA B 268 23.54 -24.23 -20.18
CA ALA B 268 23.71 -25.50 -20.88
C ALA B 268 22.47 -26.38 -20.74
N VAL B 269 21.87 -26.42 -19.54
CA VAL B 269 20.66 -27.18 -19.35
C VAL B 269 19.51 -26.60 -20.16
N ASN B 270 19.46 -25.27 -20.27
CA ASN B 270 18.44 -24.62 -21.08
C ASN B 270 18.58 -25.02 -22.55
N LYS B 271 19.81 -25.13 -23.04
CA LYS B 271 20.02 -25.52 -24.42
C LYS B 271 19.48 -26.92 -24.69
N ILE B 272 19.70 -27.85 -23.77
CA ILE B 272 19.14 -29.19 -23.92
C ILE B 272 17.62 -29.15 -23.83
N ARG B 273 17.08 -28.30 -22.96
CA ARG B 273 15.64 -28.21 -22.81
C ARG B 273 14.97 -27.74 -24.10
N LEU B 274 15.55 -26.73 -24.76
CA LEU B 274 14.98 -26.25 -26.01
C LEU B 274 15.00 -27.32 -27.08
N ASP B 275 16.12 -28.04 -27.21
CA ASP B 275 16.21 -29.08 -28.22
C ASP B 275 15.26 -30.24 -27.92
N THR B 276 15.16 -30.62 -26.65
CA THR B 276 14.32 -31.76 -26.28
C THR B 276 12.85 -31.44 -26.44
N GLU B 277 12.44 -30.22 -26.06
CA GLU B 277 11.02 -29.89 -26.06
C GLU B 277 10.43 -29.94 -27.46
N GLU B 278 11.17 -29.48 -28.46
CA GLU B 278 10.67 -29.54 -29.83
C GLU B 278 10.46 -30.98 -30.28
N GLN B 279 11.39 -31.87 -29.93
CA GLN B 279 11.22 -33.28 -30.28
C GLN B 279 10.05 -33.90 -29.51
N LEU B 280 9.86 -33.51 -28.26
CA LEU B 280 8.76 -34.05 -27.46
C LEU B 280 7.42 -33.65 -28.05
N LYS B 281 7.28 -32.41 -28.51
CA LYS B 281 6.01 -31.94 -29.02
C LYS B 281 5.55 -32.74 -30.24
N GLU B 282 6.47 -33.03 -31.17
CA GLU B 282 6.09 -33.76 -32.36
C GLU B 282 5.74 -35.21 -32.04
N LYS B 283 6.36 -35.79 -31.00
CA LYS B 283 6.06 -37.17 -30.63
C LYS B 283 4.71 -37.26 -29.92
N PHE B 284 4.36 -36.25 -29.14
CA PHE B 284 3.12 -36.22 -28.37
C PHE B 284 2.38 -34.93 -28.66
N PRO B 285 1.76 -34.82 -29.83
CA PRO B 285 1.04 -33.59 -30.17
C PRO B 285 -0.11 -33.29 -29.21
N GLU B 286 -0.77 -34.31 -28.68
CA GLU B 286 -1.93 -34.13 -27.82
C GLU B 286 -1.56 -33.91 -26.37
N ALA B 287 -0.27 -33.92 -26.03
CA ALA B 287 0.15 -33.74 -24.66
C ALA B 287 -0.10 -32.30 -24.19
N ASP B 288 -0.38 -32.16 -22.91
CA ASP B 288 -0.50 -30.84 -22.32
C ASP B 288 0.80 -30.09 -22.49
N PRO B 289 0.77 -28.81 -22.90
CA PRO B 289 2.04 -28.09 -23.06
C PRO B 289 2.85 -27.98 -21.78
N TYR B 290 2.20 -27.91 -20.62
CA TYR B 290 2.96 -27.96 -19.37
C TYR B 290 3.54 -29.34 -19.13
N GLU B 291 2.85 -30.39 -19.55
CA GLU B 291 3.35 -31.75 -19.36
C GLU B 291 4.68 -31.95 -20.07
N ILE B 292 4.91 -31.24 -21.18
CA ILE B 292 6.19 -31.29 -21.86
C ILE B 292 7.28 -30.68 -20.98
N ILE B 293 6.99 -29.53 -20.38
CA ILE B 293 7.98 -28.86 -19.54
C ILE B 293 8.26 -29.68 -18.28
N GLU B 294 7.22 -30.20 -17.64
CA GLU B 294 7.41 -30.93 -16.39
C GLU B 294 8.12 -32.25 -16.62
N SER B 295 7.97 -32.86 -17.79
CA SER B 295 8.70 -34.09 -18.08
C SER B 295 10.20 -33.84 -18.09
N PHE B 296 10.63 -32.72 -18.67
CA PHE B 296 12.05 -32.42 -18.69
C PHE B 296 12.58 -32.12 -17.29
N ASN B 297 11.77 -31.44 -16.46
CA ASN B 297 12.20 -31.16 -15.10
C ASN B 297 12.33 -32.43 -14.29
N VAL B 298 11.45 -33.41 -14.53
CA VAL B 298 11.56 -34.70 -13.85
C VAL B 298 12.84 -35.41 -14.27
N VAL B 299 13.12 -35.42 -15.56
CA VAL B 299 14.31 -36.11 -16.06
C VAL B 299 15.57 -35.42 -15.57
N ALA B 300 15.61 -34.09 -15.64
CA ALA B 300 16.80 -33.35 -15.19
C ALA B 300 17.04 -33.54 -13.71
N LYS B 301 15.97 -33.53 -12.91
CA LYS B 301 16.11 -33.75 -11.47
C LYS B 301 16.63 -35.16 -11.18
N GLU B 302 16.11 -36.16 -11.89
CA GLU B 302 16.52 -37.53 -11.63
C GLU B 302 17.98 -37.75 -12.04
N VAL B 303 18.40 -37.19 -13.17
CA VAL B 303 19.79 -37.34 -13.59
C VAL B 303 20.71 -36.64 -12.60
N PHE B 304 20.33 -35.44 -12.16
CA PHE B 304 21.17 -34.69 -11.23
C PHE B 304 21.35 -35.44 -9.91
N ARG B 305 20.28 -36.04 -9.40
CA ARG B 305 20.36 -36.75 -8.13
C ARG B 305 21.08 -38.08 -8.27
N SER B 306 20.97 -38.73 -9.44
CA SER B 306 21.60 -40.03 -9.62
C SER B 306 23.11 -39.94 -9.60
N ILE B 307 23.67 -38.82 -10.09
CA ILE B 307 25.12 -38.67 -10.13
C ILE B 307 25.69 -38.64 -8.72
N VAL B 308 25.06 -37.89 -7.82
CA VAL B 308 25.59 -37.80 -6.46
C VAL B 308 25.32 -39.07 -5.68
N LEU B 309 24.26 -39.81 -6.03
CA LEU B 309 23.95 -41.04 -5.31
C LEU B 309 24.91 -42.16 -5.67
N ASN B 310 25.29 -42.25 -6.95
CA ASN B 310 26.11 -43.36 -7.43
C ASN B 310 27.60 -43.07 -7.38
N GLU B 311 28.00 -41.82 -7.60
CA GLU B 311 29.41 -41.48 -7.70
C GLU B 311 29.93 -40.65 -6.54
N TYR B 312 29.05 -40.21 -5.62
CA TYR B 312 29.46 -39.44 -4.44
C TYR B 312 30.17 -38.16 -4.81
N LYS B 313 29.87 -37.61 -5.99
CA LYS B 313 30.48 -36.38 -6.46
C LYS B 313 29.39 -35.43 -6.94
N ARG B 314 29.66 -34.14 -6.81
CA ARG B 314 28.68 -33.11 -7.09
C ARG B 314 28.97 -32.41 -8.41
N CYS B 315 28.02 -31.57 -8.82
CA CYS B 315 28.08 -30.95 -10.15
C CYS B 315 29.26 -30.01 -10.31
N ASP B 316 29.82 -29.50 -9.22
CA ASP B 316 30.97 -28.60 -9.28
C ASP B 316 32.26 -29.29 -8.87
N GLY B 317 32.26 -30.62 -8.75
CA GLY B 317 33.46 -31.37 -8.44
C GLY B 317 33.72 -31.59 -6.97
N ARG B 318 32.95 -30.96 -6.08
CA ARG B 318 33.14 -31.16 -4.66
C ARG B 318 32.63 -32.54 -4.24
N ASP B 319 33.17 -33.04 -3.13
CA ASP B 319 32.64 -34.23 -2.52
C ASP B 319 31.56 -33.83 -1.52
N LEU B 320 31.07 -34.78 -0.72
CA LEU B 320 29.88 -34.52 0.09
C LEU B 320 30.14 -33.54 1.23
N THR B 321 31.39 -33.31 1.62
CA THR B 321 31.70 -32.50 2.79
C THR B 321 32.63 -31.34 2.49
N SER B 322 32.80 -30.98 1.22
CA SER B 322 33.69 -29.90 0.86
C SER B 322 32.94 -28.56 0.81
N LEU B 323 33.54 -27.55 1.40
CA LEU B 323 32.97 -26.21 1.37
C LEU B 323 33.32 -25.51 0.06
N ARG B 324 32.58 -24.44 -0.22
CA ARG B 324 32.91 -23.57 -1.32
C ARG B 324 34.03 -22.62 -0.91
N ASN B 325 34.56 -21.89 -1.88
CA ASN B 325 35.62 -20.93 -1.59
C ASN B 325 35.06 -19.79 -0.74
N VAL B 326 35.73 -19.50 0.38
CA VAL B 326 35.27 -18.51 1.33
C VAL B 326 36.32 -17.41 1.44
N SER B 327 35.87 -16.16 1.26
CA SER B 327 36.73 -15.00 1.42
C SER B 327 35.96 -13.93 2.18
N CYS B 328 36.69 -13.15 2.98
CA CYS B 328 36.08 -12.13 3.82
C CYS B 328 36.89 -10.84 3.74
N GLU B 329 36.21 -9.72 3.98
CA GLU B 329 36.84 -8.41 4.08
C GLU B 329 36.15 -7.62 5.18
N VAL B 330 36.86 -6.63 5.71
CA VAL B 330 36.31 -5.72 6.71
C VAL B 330 36.85 -4.32 6.45
N ASP B 331 36.09 -3.33 6.92
CA ASP B 331 36.49 -1.93 6.89
C ASP B 331 36.78 -1.47 5.46
N MET B 332 35.73 -1.51 4.63
CA MET B 332 35.84 -1.11 3.24
C MET B 332 35.43 0.33 2.99
N PHE B 333 34.69 0.95 3.91
CA PHE B 333 34.27 2.33 3.75
C PHE B 333 34.46 3.06 5.06
N LYS B 334 35.11 4.23 5.00
CA LYS B 334 35.53 4.93 6.21
C LYS B 334 34.33 5.38 7.03
N THR B 335 33.28 5.87 6.38
CA THR B 335 32.16 6.46 7.10
C THR B 335 31.24 5.43 7.73
N LEU B 336 31.28 4.18 7.26
CA LEU B 336 30.46 3.14 7.86
C LEU B 336 30.96 2.82 9.26
N HIS B 337 30.03 2.65 10.20
CA HIS B 337 30.41 2.28 11.55
C HIS B 337 31.07 0.91 11.58
N GLY B 338 30.54 -0.02 10.79
CA GLY B 338 31.19 -1.30 10.61
C GLY B 338 30.75 -1.89 9.29
N SER B 339 31.64 -2.67 8.68
CA SER B 339 31.33 -3.24 7.38
C SER B 339 32.08 -4.54 7.20
N ALA B 340 31.56 -5.39 6.31
CA ALA B 340 32.16 -6.67 6.01
C ALA B 340 31.57 -7.17 4.70
N LEU B 341 32.41 -7.82 3.90
CA LEU B 341 31.99 -8.41 2.63
C LEU B 341 32.34 -9.90 2.69
N PHE B 342 31.32 -10.73 2.89
CA PHE B 342 31.50 -12.17 2.96
C PHE B 342 31.11 -12.80 1.64
N GLN B 343 32.02 -13.60 1.09
CA GLN B 343 31.78 -14.30 -0.16
C GLN B 343 31.96 -15.78 0.07
N ARG B 344 30.98 -16.56 -0.36
CA ARG B 344 31.03 -18.02 -0.26
C ARG B 344 30.58 -18.59 -1.60
N GLY B 345 31.53 -19.15 -2.34
CA GLY B 345 31.24 -19.60 -3.69
C GLY B 345 30.90 -18.42 -4.58
N GLN B 346 29.71 -18.45 -5.16
CA GLN B 346 29.21 -17.33 -5.97
C GLN B 346 28.15 -16.52 -5.23
N THR B 347 28.14 -16.58 -3.90
CA THR B 347 27.21 -15.82 -3.09
C THR B 347 27.98 -14.72 -2.38
N GLN B 348 27.56 -13.48 -2.61
CA GLN B 348 28.22 -12.31 -2.02
C GLN B 348 27.21 -11.55 -1.17
N VAL B 349 27.59 -11.25 0.06
CA VAL B 349 26.73 -10.55 1.00
C VAL B 349 27.52 -9.39 1.60
N LEU B 350 26.96 -8.19 1.53
CA LEU B 350 27.58 -7.01 2.09
C LEU B 350 26.84 -6.63 3.36
N CYS B 351 27.55 -6.63 4.49
CA CYS B 351 26.96 -6.39 5.79
C CYS B 351 27.45 -5.06 6.35
N THR B 352 26.54 -4.29 6.92
CA THR B 352 26.83 -2.98 7.49
C THR B 352 26.28 -2.92 8.90
N VAL B 353 27.02 -2.28 9.79
CA VAL B 353 26.60 -2.09 11.18
C VAL B 353 26.40 -0.60 11.42
N THR B 354 25.25 -0.24 11.97
CA THR B 354 24.90 1.14 12.24
C THR B 354 24.50 1.29 13.69
N PHE B 355 25.16 2.20 14.40
CA PHE B 355 24.78 2.50 15.77
C PHE B 355 23.78 3.65 15.80
N ASP B 356 22.96 3.67 16.83
CA ASP B 356 21.98 4.73 17.01
C ASP B 356 21.65 4.85 18.49
N SER B 357 21.03 5.96 18.86
CA SER B 357 20.70 6.19 20.25
C SER B 357 19.64 5.19 20.72
N LEU B 358 19.68 4.87 22.01
CA LEU B 358 18.71 3.95 22.57
C LEU B 358 17.30 4.51 22.51
N GLU B 359 17.13 5.79 22.81
CA GLU B 359 15.80 6.38 22.84
C GLU B 359 15.14 6.32 21.48
N SER B 360 15.89 6.66 20.43
CA SER B 360 15.44 6.50 19.05
C SER B 360 15.97 5.22 18.45
N GLY B 361 16.03 4.17 19.27
CA GLY B 361 16.57 2.89 18.84
C GLY B 361 15.56 1.76 18.81
N ILE B 362 14.58 1.80 19.71
CA ILE B 362 13.51 0.80 19.70
C ILE B 362 12.15 1.47 19.89
N LYS B 363 12.17 2.75 20.24
CA LYS B 363 10.97 3.48 20.64
C LYS B 363 10.53 4.39 19.51
N SER B 364 9.26 4.28 19.13
CA SER B 364 8.64 5.16 18.16
C SER B 364 7.71 6.14 18.87
N ASP B 365 7.06 7.01 18.09
CA ASP B 365 6.20 8.03 18.67
C ASP B 365 4.88 7.43 19.15
N GLN B 366 4.30 6.52 18.38
CA GLN B 366 2.99 5.95 18.70
C GLN B 366 3.18 4.72 19.58
N VAL B 367 2.76 4.82 20.84
CA VAL B 367 2.92 3.70 21.77
C VAL B 367 2.00 2.54 21.39
N ILE B 368 0.84 2.84 20.81
CA ILE B 368 -0.11 1.79 20.47
C ILE B 368 0.51 0.82 19.46
N THR B 369 1.16 1.36 18.43
CA THR B 369 1.78 0.53 17.42
C THR B 369 3.22 0.18 17.75
N ALA B 370 3.81 0.77 18.79
CA ALA B 370 5.19 0.44 19.15
C ALA B 370 5.34 -1.00 19.64
N ILE B 371 4.26 -1.61 20.12
CA ILE B 371 4.32 -3.01 20.53
C ILE B 371 4.57 -3.88 19.31
N ASN B 372 5.19 -5.04 19.53
CA ASN B 372 5.67 -5.91 18.46
C ASN B 372 6.70 -5.18 17.60
N GLY B 373 7.40 -4.21 18.17
CA GLY B 373 8.39 -3.45 17.46
C GLY B 373 9.59 -3.07 18.30
N ILE B 374 9.78 -3.77 19.41
CA ILE B 374 10.90 -3.52 20.32
C ILE B 374 11.80 -4.75 20.34
N LYS B 375 13.08 -4.52 20.58
CA LYS B 375 14.08 -5.59 20.57
C LYS B 375 14.68 -5.75 21.95
N ASP B 376 15.04 -6.99 22.29
CA ASP B 376 15.48 -7.31 23.64
C ASP B 376 16.82 -6.65 23.96
N LYS B 377 17.80 -6.80 23.07
CA LYS B 377 19.14 -6.27 23.29
C LYS B 377 19.39 -5.01 22.48
N ASN B 378 18.33 -4.30 22.07
CA ASN B 378 18.45 -3.17 21.16
C ASN B 378 19.21 -3.57 19.90
N PHE B 379 18.94 -4.77 19.42
CA PHE B 379 19.65 -5.35 18.29
C PHE B 379 18.63 -5.89 17.29
N MET B 380 18.82 -5.54 16.02
CA MET B 380 17.99 -6.09 14.96
C MET B 380 18.81 -6.22 13.69
N LEU B 381 18.37 -7.12 12.82
CA LEU B 381 19.02 -7.36 11.54
C LEU B 381 18.01 -7.19 10.42
N HIS B 382 18.38 -6.41 9.41
CA HIS B 382 17.55 -6.16 8.24
C HIS B 382 18.20 -6.81 7.03
N TYR B 383 17.46 -7.66 6.36
CA TYR B 383 17.97 -8.47 5.25
C TYR B 383 17.31 -8.02 3.96
N GLU B 384 18.12 -7.82 2.93
CA GLU B 384 17.64 -7.37 1.63
C GLU B 384 18.12 -8.31 0.54
N PHE B 385 17.24 -8.61 -0.40
CA PHE B 385 17.54 -9.48 -1.53
C PHE B 385 17.15 -8.74 -2.80
N PRO B 386 18.01 -7.84 -3.27
CA PRO B 386 17.67 -7.05 -4.45
C PRO B 386 17.56 -7.92 -5.68
N PRO B 387 16.72 -7.54 -6.64
CA PRO B 387 16.50 -8.40 -7.82
C PRO B 387 17.73 -8.59 -8.69
N TYR B 388 18.73 -7.73 -8.60
CA TYR B 388 19.92 -7.91 -9.42
C TYR B 388 20.86 -8.97 -8.87
N ALA B 389 20.58 -9.52 -7.70
CA ALA B 389 21.41 -10.60 -7.17
C ALA B 389 21.33 -11.85 -8.04
N THR B 390 20.21 -12.02 -8.76
CA THR B 390 20.04 -13.15 -9.67
C THR B 390 19.88 -12.71 -11.12
N ASN B 391 20.30 -11.48 -11.43
CA ASN B 391 20.15 -10.92 -12.78
C ASN B 391 18.69 -10.93 -13.22
N GLU B 392 17.80 -10.58 -12.30
CA GLU B 392 16.38 -10.53 -12.56
C GLU B 392 15.85 -9.12 -12.35
N ILE B 393 14.65 -8.88 -12.85
CA ILE B 393 13.96 -7.60 -12.72
C ILE B 393 12.83 -7.77 -11.74
N GLY B 394 12.80 -6.94 -10.70
CA GLY B 394 11.78 -7.06 -9.68
C GLY B 394 11.51 -5.74 -9.00
N LYS B 395 10.45 -5.73 -8.21
CA LYS B 395 10.07 -4.56 -7.45
C LYS B 395 10.94 -4.44 -6.20
N VAL B 396 11.11 -3.22 -5.73
CA VAL B 396 11.92 -2.94 -4.55
C VAL B 396 11.11 -2.24 -3.47
N THR B 397 9.78 -2.31 -3.56
CA THR B 397 8.88 -1.63 -2.62
C THR B 397 8.46 -2.64 -1.55
N GLY B 398 9.02 -2.47 -0.35
CA GLY B 398 8.64 -3.31 0.78
C GLY B 398 9.27 -4.68 0.75
N LEU B 399 9.55 -5.23 1.94
CA LEU B 399 10.09 -6.58 2.04
C LEU B 399 9.00 -7.61 1.86
N ASN B 400 9.32 -8.70 1.16
CA ASN B 400 8.40 -9.80 1.03
C ASN B 400 8.51 -10.70 2.26
N ARG B 401 7.80 -11.82 2.25
CA ARG B 401 7.87 -12.73 3.39
C ARG B 401 9.22 -13.41 3.49
N ARG B 402 9.84 -13.73 2.34
CA ARG B 402 11.12 -14.41 2.36
C ARG B 402 12.21 -13.54 2.97
N GLU B 403 12.24 -12.25 2.64
CA GLU B 403 13.23 -11.36 3.23
C GLU B 403 13.05 -11.24 4.73
N LEU B 404 11.79 -11.18 5.18
CA LEU B 404 11.53 -11.12 6.61
C LEU B 404 11.96 -12.41 7.30
N GLY B 405 11.71 -13.56 6.67
CA GLY B 405 12.10 -14.82 7.27
C GLY B 405 13.61 -14.98 7.36
N HIS B 406 14.32 -14.59 6.29
CA HIS B 406 15.78 -14.72 6.30
C HIS B 406 16.41 -13.75 7.28
N GLY B 407 15.84 -12.55 7.41
CA GLY B 407 16.37 -11.60 8.37
C GLY B 407 16.19 -12.05 9.81
N ALA B 408 15.05 -12.65 10.11
CA ALA B 408 14.83 -13.16 11.46
C ALA B 408 15.76 -14.33 11.77
N LEU B 409 15.99 -15.20 10.78
CA LEU B 409 16.89 -16.33 10.99
C LEU B 409 18.31 -15.86 11.25
N ALA B 410 18.78 -14.88 10.48
CA ALA B 410 20.12 -14.37 10.69
C ALA B 410 20.23 -13.58 11.98
N GLU B 411 19.14 -12.94 12.41
CA GLU B 411 19.17 -12.21 13.67
C GLU B 411 19.20 -13.15 14.86
N LYS B 412 18.47 -14.26 14.77
CA LYS B 412 18.48 -15.24 15.86
C LYS B 412 19.86 -15.86 16.03
N ALA B 413 20.58 -16.06 14.91
CA ALA B 413 21.91 -16.64 14.98
C ALA B 413 22.88 -15.73 15.73
N LEU B 414 22.79 -14.43 15.51
CA LEU B 414 23.70 -13.48 16.13
C LEU B 414 23.22 -12.98 17.48
N TYR B 415 21.96 -13.22 17.85
CA TYR B 415 21.43 -12.65 19.08
C TYR B 415 22.14 -13.13 20.33
N PRO B 416 22.42 -14.43 20.54
CA PRO B 416 23.03 -14.84 21.81
C PRO B 416 24.43 -14.30 22.05
N VAL B 417 25.14 -13.83 21.02
CA VAL B 417 26.49 -13.29 21.22
C VAL B 417 26.50 -11.78 21.38
N ILE B 418 25.38 -11.10 21.16
CA ILE B 418 25.34 -9.64 21.32
C ILE B 418 25.46 -9.30 22.80
N PRO B 419 26.38 -8.41 23.18
CA PRO B 419 26.49 -8.04 24.59
C PRO B 419 25.27 -7.27 25.07
N ARG B 420 24.98 -7.40 26.36
CA ARG B 420 23.93 -6.61 26.96
C ARG B 420 24.45 -5.22 27.32
N ASP B 421 23.53 -4.35 27.73
CA ASP B 421 23.79 -2.96 28.13
C ASP B 421 24.80 -2.25 27.24
N PHE B 422 24.73 -2.47 25.94
CA PHE B 422 25.53 -1.70 25.01
C PHE B 422 25.05 -0.26 24.98
N PRO B 423 25.96 0.72 24.85
CA PRO B 423 25.52 2.12 24.86
C PRO B 423 24.58 2.48 23.73
N PHE B 424 24.61 1.76 22.60
CA PHE B 424 23.89 2.17 21.41
C PHE B 424 23.06 1.01 20.88
N THR B 425 22.04 1.37 20.10
CA THR B 425 21.23 0.40 19.39
C THR B 425 22.01 -0.11 18.17
N ILE B 426 22.13 -1.43 18.07
CA ILE B 426 22.90 -2.06 17.00
C ILE B 426 21.94 -2.50 15.91
N ARG B 427 22.18 -2.06 14.68
CA ARG B 427 21.39 -2.46 13.53
C ARG B 427 22.31 -2.99 12.46
N VAL B 428 22.08 -4.22 12.01
CA VAL B 428 22.90 -4.86 11.01
C VAL B 428 22.08 -4.99 9.73
N THR B 429 22.63 -4.50 8.63
CA THR B 429 21.98 -4.56 7.34
C THR B 429 22.77 -5.46 6.42
N SER B 430 22.12 -6.49 5.89
CA SER B 430 22.76 -7.44 4.98
C SER B 430 22.11 -7.34 3.61
N GLU B 431 22.92 -7.12 2.59
CA GLU B 431 22.46 -7.05 1.21
C GLU B 431 23.10 -8.17 0.43
N VAL B 432 22.29 -8.90 -0.35
CA VAL B 432 22.77 -10.00 -1.16
C VAL B 432 23.10 -9.43 -2.53
N LEU B 433 24.38 -9.17 -2.78
CA LEU B 433 24.80 -8.66 -4.08
C LEU B 433 24.79 -9.74 -5.15
N GLU B 434 25.23 -10.94 -4.81
CA GLU B 434 25.11 -12.11 -5.67
C GLU B 434 24.53 -13.25 -4.86
N SER B 435 23.68 -14.05 -5.50
CA SER B 435 22.98 -15.13 -4.81
C SER B 435 23.12 -16.41 -5.61
N ASN B 436 23.81 -17.39 -5.03
CA ASN B 436 23.85 -18.73 -5.59
C ASN B 436 23.67 -19.81 -4.54
N GLY B 437 23.55 -19.44 -3.27
CA GLY B 437 23.47 -20.43 -2.22
C GLY B 437 22.74 -19.91 -1.00
N SER B 438 23.26 -20.22 0.19
CA SER B 438 22.62 -19.81 1.43
C SER B 438 23.05 -18.39 1.74
N SER B 439 22.31 -17.42 1.20
CA SER B 439 22.58 -16.02 1.50
C SER B 439 22.21 -15.66 2.92
N SER B 440 21.19 -16.31 3.47
CA SER B 440 20.79 -16.03 4.86
C SER B 440 21.88 -16.44 5.83
N MET B 441 22.50 -17.60 5.61
CA MET B 441 23.58 -18.03 6.48
C MET B 441 24.82 -17.16 6.29
N ALA B 442 25.09 -16.75 5.05
CA ALA B 442 26.19 -15.82 4.81
C ALA B 442 25.95 -14.48 5.47
N SER B 443 24.71 -14.14 5.77
CA SER B 443 24.43 -12.92 6.50
C SER B 443 24.80 -13.03 7.98
N ALA B 444 24.77 -14.25 8.52
CA ALA B 444 25.24 -14.45 9.89
C ALA B 444 26.76 -14.36 9.96
N CYS B 445 27.46 -14.98 9.02
CA CYS B 445 28.91 -14.90 9.01
C CYS B 445 29.38 -13.48 8.71
N GLY B 446 28.81 -12.85 7.68
CA GLY B 446 29.17 -11.48 7.37
C GLY B 446 28.76 -10.51 8.46
N GLY B 447 27.61 -10.76 9.09
CA GLY B 447 27.19 -9.92 10.20
C GLY B 447 28.11 -10.04 11.40
N SER B 448 28.65 -11.23 11.64
CA SER B 448 29.60 -11.41 12.73
C SER B 448 30.88 -10.63 12.46
N LEU B 449 31.38 -10.66 11.21
CA LEU B 449 32.57 -9.90 10.87
C LEU B 449 32.33 -8.41 11.00
N ALA B 450 31.18 -7.93 10.53
CA ALA B 450 30.88 -6.51 10.62
C ALA B 450 30.76 -6.06 12.07
N LEU B 451 30.16 -6.89 12.91
CA LEU B 451 30.06 -6.55 14.33
C LEU B 451 31.43 -6.47 14.98
N MET B 452 32.33 -7.39 14.64
CA MET B 452 33.69 -7.32 15.17
C MET B 452 34.41 -6.09 14.66
N ASP B 453 34.25 -5.76 13.38
CA ASP B 453 34.91 -4.58 12.83
C ASP B 453 34.35 -3.30 13.40
N SER B 454 33.06 -3.28 13.75
CA SER B 454 32.44 -2.09 14.27
C SER B 454 32.85 -1.77 15.71
N GLY B 455 33.46 -2.72 16.40
CA GLY B 455 33.85 -2.53 17.78
C GLY B 455 32.90 -3.08 18.81
N VAL B 456 31.86 -3.78 18.40
CA VAL B 456 30.92 -4.39 19.34
C VAL B 456 31.59 -5.59 19.99
N PRO B 457 31.66 -5.65 21.32
CA PRO B 457 32.33 -6.77 21.99
C PRO B 457 31.47 -8.03 22.05
N ILE B 458 31.28 -8.67 20.89
CA ILE B 458 30.50 -9.90 20.85
C ILE B 458 31.30 -11.02 21.49
N SER B 459 30.58 -11.98 22.10
CA SER B 459 31.24 -13.01 22.87
C SER B 459 32.06 -13.94 21.98
N SER B 460 31.54 -14.28 20.81
CA SER B 460 32.26 -15.16 19.89
C SER B 460 31.72 -14.96 18.49
N ALA B 461 32.50 -15.41 17.51
CA ALA B 461 32.09 -15.34 16.12
C ALA B 461 31.00 -16.38 15.82
N VAL B 462 30.12 -16.04 14.88
CA VAL B 462 28.99 -16.88 14.52
C VAL B 462 29.09 -17.21 13.04
N ALA B 463 28.98 -18.49 12.71
CA ALA B 463 29.02 -18.95 11.34
C ALA B 463 27.85 -19.88 11.06
N GLY B 464 27.36 -19.83 9.82
CA GLY B 464 26.24 -20.66 9.44
C GLY B 464 26.52 -21.38 8.13
N VAL B 465 25.74 -22.43 7.89
CA VAL B 465 25.91 -23.26 6.70
C VAL B 465 24.60 -23.96 6.43
N ALA B 466 24.39 -24.33 5.16
CA ALA B 466 23.20 -25.05 4.74
C ALA B 466 23.60 -26.46 4.30
N ILE B 467 22.81 -27.44 4.70
CA ILE B 467 23.07 -28.84 4.40
C ILE B 467 21.93 -29.37 3.55
N GLY B 468 22.27 -29.95 2.40
CA GLY B 468 21.28 -30.53 1.52
C GLY B 468 21.11 -32.02 1.74
N LEU B 469 20.24 -32.61 0.92
CA LEU B 469 19.92 -34.01 1.04
C LEU B 469 19.46 -34.56 -0.30
N VAL B 470 19.94 -35.75 -0.64
CA VAL B 470 19.51 -36.47 -1.83
C VAL B 470 19.23 -37.90 -1.41
N THR B 471 18.00 -38.36 -1.62
CA THR B 471 17.59 -39.68 -1.17
C THR B 471 17.13 -40.53 -2.35
N LYS B 472 17.07 -41.84 -2.12
CA LYS B 472 16.56 -42.80 -3.09
C LYS B 472 15.47 -43.61 -2.40
N THR B 473 14.22 -43.37 -2.82
CA THR B 473 13.07 -44.03 -2.24
C THR B 473 12.34 -44.84 -3.30
N ASP B 474 11.90 -46.04 -2.92
CA ASP B 474 11.10 -46.86 -3.81
C ASP B 474 9.63 -46.46 -3.71
N PRO B 475 8.97 -46.15 -4.82
CA PRO B 475 7.56 -45.74 -4.75
C PRO B 475 6.64 -46.80 -4.18
N GLU B 476 7.03 -48.07 -4.25
CA GLU B 476 6.17 -49.15 -3.74
C GLU B 476 6.10 -49.17 -2.22
N LYS B 477 7.03 -48.50 -1.54
CA LYS B 477 7.05 -48.54 -0.08
C LYS B 477 7.07 -47.15 0.55
N GLY B 478 7.76 -46.19 -0.07
CA GLY B 478 7.92 -44.87 0.49
C GLY B 478 9.05 -44.71 1.47
N GLU B 479 9.75 -45.79 1.81
CA GLU B 479 10.87 -45.73 2.73
C GLU B 479 12.11 -45.17 2.02
N ILE B 480 13.05 -44.69 2.82
CA ILE B 480 14.30 -44.14 2.32
C ILE B 480 15.37 -45.21 2.44
N GLU B 481 15.91 -45.65 1.30
CA GLU B 481 16.92 -46.69 1.30
C GLU B 481 18.29 -46.12 1.69
N ASP B 482 18.79 -45.19 0.88
CA ASP B 482 20.07 -44.56 1.13
C ASP B 482 19.98 -43.08 0.79
N TYR B 483 20.93 -42.32 1.32
CA TYR B 483 20.88 -40.87 1.20
C TYR B 483 22.30 -40.34 1.21
N ARG B 484 22.46 -39.12 0.69
CA ARG B 484 23.72 -38.40 0.74
C ARG B 484 23.45 -37.02 1.33
N LEU B 485 24.25 -36.63 2.31
CA LEU B 485 24.16 -35.31 2.91
C LEU B 485 25.24 -34.43 2.30
N LEU B 486 24.82 -33.29 1.75
CA LEU B 486 25.72 -32.38 1.05
C LEU B 486 25.98 -31.15 1.90
N THR B 487 27.23 -30.74 1.98
CA THR B 487 27.63 -29.57 2.75
C THR B 487 27.70 -28.35 1.85
N ASP B 488 27.07 -27.25 2.27
CA ASP B 488 27.13 -25.97 1.57
C ASP B 488 26.64 -26.12 0.13
N ILE B 489 25.34 -26.43 0.02
CA ILE B 489 24.76 -26.74 -1.27
C ILE B 489 24.67 -25.49 -2.13
N LEU B 490 24.74 -25.69 -3.44
CA LEU B 490 24.55 -24.62 -4.41
C LEU B 490 23.05 -24.35 -4.57
N GLY B 491 22.71 -23.48 -5.51
CA GLY B 491 21.30 -23.24 -5.79
C GLY B 491 20.64 -24.43 -6.45
N ILE B 492 21.33 -25.07 -7.40
CA ILE B 492 20.73 -26.21 -8.09
C ILE B 492 20.59 -27.39 -7.15
N GLU B 493 21.48 -27.52 -6.16
CA GLU B 493 21.37 -28.63 -5.22
C GLU B 493 20.21 -28.42 -4.24
N ASP B 494 19.84 -27.17 -3.98
CA ASP B 494 18.62 -26.92 -3.21
C ASP B 494 17.39 -27.13 -4.08
N TYR B 495 17.45 -26.70 -5.34
CA TYR B 495 16.31 -26.84 -6.24
C TYR B 495 15.98 -28.30 -6.49
N ASN B 496 17.01 -29.12 -6.73
CA ASN B 496 16.84 -30.54 -7.01
C ASN B 496 17.01 -31.41 -5.77
N GLY B 497 17.29 -30.82 -4.62
CA GLY B 497 17.49 -31.57 -3.40
C GLY B 497 16.20 -31.78 -2.64
N ASP B 498 16.35 -32.32 -1.42
CA ASP B 498 15.21 -32.67 -0.60
C ASP B 498 15.06 -31.83 0.66
N MET B 499 16.04 -31.00 1.00
CA MET B 499 15.96 -30.21 2.22
C MET B 499 16.99 -29.10 2.17
N ASP B 500 16.73 -28.05 2.97
CA ASP B 500 17.61 -26.89 3.10
C ASP B 500 17.85 -26.71 4.59
N PHE B 501 18.88 -27.37 5.10
CA PHE B 501 19.14 -27.44 6.54
C PHE B 501 20.10 -26.32 6.93
N LYS B 502 19.53 -25.14 7.18
CA LYS B 502 20.31 -23.97 7.55
C LYS B 502 20.48 -23.95 9.06
N ILE B 503 21.70 -24.15 9.53
CA ILE B 503 22.01 -24.18 10.95
C ILE B 503 23.23 -23.31 11.19
N ALA B 504 23.16 -22.44 12.19
CA ALA B 504 24.23 -21.52 12.52
C ALA B 504 24.56 -21.63 14.00
N GLY B 505 25.77 -21.21 14.34
CA GLY B 505 26.20 -21.22 15.73
C GLY B 505 27.66 -20.86 15.84
N THR B 506 28.10 -20.72 17.08
CA THR B 506 29.50 -20.45 17.37
C THR B 506 30.29 -21.75 17.30
N ASN B 507 31.56 -21.70 17.67
CA ASN B 507 32.42 -22.88 17.57
C ASN B 507 32.17 -23.90 18.67
N LYS B 508 31.35 -23.58 19.67
CA LYS B 508 31.07 -24.50 20.75
C LYS B 508 29.58 -24.57 21.08
N GLY B 509 28.73 -24.30 20.12
CA GLY B 509 27.30 -24.34 20.38
C GLY B 509 26.50 -24.02 19.13
N ILE B 510 25.19 -24.12 19.28
CA ILE B 510 24.24 -23.86 18.21
C ILE B 510 23.36 -22.69 18.63
N THR B 511 23.19 -21.72 17.73
CA THR B 511 22.41 -20.54 18.04
C THR B 511 21.12 -20.43 17.24
N ALA B 512 21.05 -21.00 16.04
CA ALA B 512 19.84 -20.95 15.25
C ALA B 512 19.77 -22.18 14.36
N LEU B 513 18.56 -22.49 13.91
CA LEU B 513 18.33 -23.63 13.03
C LEU B 513 17.01 -23.42 12.31
N GLN B 514 16.99 -23.81 11.03
CA GLN B 514 15.76 -23.77 10.25
C GLN B 514 15.85 -24.82 9.17
N ALA B 515 15.13 -25.92 9.34
CA ALA B 515 15.13 -27.01 8.37
C ALA B 515 13.91 -26.85 7.46
N ASP B 516 14.15 -26.77 6.16
CA ASP B 516 13.10 -26.62 5.16
C ASP B 516 13.05 -27.93 4.38
N ILE B 517 12.28 -28.88 4.88
CA ILE B 517 12.24 -30.23 4.32
C ILE B 517 11.18 -30.28 3.23
N LYS B 518 11.60 -30.66 2.03
CA LYS B 518 10.67 -30.81 0.91
C LYS B 518 10.09 -32.21 0.81
N LEU B 519 10.73 -33.20 1.43
CA LEU B 519 10.17 -34.53 1.48
C LEU B 519 8.99 -34.55 2.46
N PRO B 520 8.08 -35.52 2.33
CA PRO B 520 7.00 -35.66 3.32
C PRO B 520 7.48 -36.32 4.61
N GLY B 521 8.48 -35.72 5.24
CA GLY B 521 9.06 -36.25 6.46
C GLY B 521 10.36 -36.98 6.23
N ILE B 522 11.33 -36.77 7.11
CA ILE B 522 12.60 -37.49 7.05
C ILE B 522 12.89 -38.06 8.43
N PRO B 523 13.62 -39.16 8.54
CA PRO B 523 13.86 -39.78 9.85
C PRO B 523 14.73 -38.90 10.74
N ILE B 524 14.63 -39.17 12.05
CA ILE B 524 15.41 -38.42 13.02
C ILE B 524 16.90 -38.69 12.84
N LYS B 525 17.26 -39.86 12.32
CA LYS B 525 18.68 -40.16 12.11
C LYS B 525 19.30 -39.22 11.09
N ILE B 526 18.56 -38.91 10.02
CA ILE B 526 19.09 -38.02 9.00
C ILE B 526 19.31 -36.62 9.58
N VAL B 527 18.36 -36.14 10.38
CA VAL B 527 18.52 -34.84 11.03
C VAL B 527 19.68 -34.90 12.03
N MET B 528 19.85 -36.04 12.69
CA MET B 528 20.95 -36.18 13.65
C MET B 528 22.30 -36.05 12.97
N GLU B 529 22.46 -36.66 11.80
CA GLU B 529 23.72 -36.58 11.08
C GLU B 529 23.91 -35.23 10.42
N ALA B 530 22.83 -34.56 10.04
CA ALA B 530 22.95 -33.25 9.42
C ALA B 530 23.53 -32.23 10.39
N ILE B 531 23.12 -32.29 11.65
CA ILE B 531 23.66 -31.36 12.65
C ILE B 531 25.13 -31.65 12.89
N GLN B 532 25.49 -32.92 12.98
CA GLN B 532 26.90 -33.27 13.19
C GLN B 532 27.75 -32.88 11.98
N GLN B 533 27.26 -33.16 10.77
CA GLN B 533 28.02 -32.81 9.57
C GLN B 533 28.20 -31.30 9.45
N ALA B 534 27.15 -30.54 9.76
CA ALA B 534 27.27 -29.10 9.73
C ALA B 534 28.19 -28.55 10.81
N SER B 535 28.39 -29.30 11.90
CA SER B 535 29.34 -28.87 12.92
C SER B 535 30.76 -28.84 12.38
N VAL B 536 31.12 -29.83 11.56
CA VAL B 536 32.45 -29.85 10.96
C VAL B 536 32.62 -28.67 10.01
N ALA B 537 31.60 -28.41 9.18
CA ALA B 537 31.69 -27.32 8.22
C ALA B 537 31.72 -25.97 8.91
N LYS B 538 30.97 -25.82 10.01
CA LYS B 538 30.93 -24.55 10.72
C LYS B 538 32.29 -24.19 11.29
N LYS B 539 33.00 -25.17 11.84
CA LYS B 539 34.32 -24.88 12.39
C LYS B 539 35.33 -24.55 11.30
N GLU B 540 35.19 -25.16 10.12
CA GLU B 540 36.07 -24.80 9.00
C GLU B 540 35.85 -23.36 8.57
N ILE B 541 34.58 -22.93 8.50
CA ILE B 541 34.29 -21.56 8.12
C ILE B 541 34.84 -20.59 9.15
N LEU B 542 34.71 -20.92 10.44
CA LEU B 542 35.21 -20.04 11.48
C LEU B 542 36.72 -19.90 11.44
N GLN B 543 37.43 -20.92 10.94
CA GLN B 543 38.88 -20.80 10.77
C GLN B 543 39.22 -19.72 9.75
N ILE B 544 38.49 -19.71 8.63
CA ILE B 544 38.74 -18.72 7.59
C ILE B 544 38.32 -17.33 8.07
N MET B 545 37.20 -17.24 8.76
CA MET B 545 36.74 -15.94 9.26
C MET B 545 37.73 -15.34 10.24
N ASN B 546 38.29 -16.16 11.13
CA ASN B 546 39.19 -15.65 12.15
C ASN B 546 40.49 -15.12 11.56
N LYS B 547 40.84 -15.53 10.34
CA LYS B 547 42.02 -14.95 9.70
C LYS B 547 41.80 -13.49 9.35
N THR B 548 40.60 -13.15 8.87
CA THR B 548 40.32 -11.76 8.55
C THR B 548 40.24 -10.90 9.80
N ILE B 549 39.50 -11.36 10.80
CA ILE B 549 39.43 -10.68 12.09
C ILE B 549 39.04 -11.71 13.14
N SER B 550 39.73 -11.70 14.28
CA SER B 550 39.53 -12.71 15.30
C SER B 550 38.92 -12.18 16.59
N LYS B 551 39.03 -10.90 16.85
CA LYS B 551 38.47 -10.29 18.04
C LYS B 551 37.89 -8.93 17.67
N PRO B 552 36.91 -8.44 18.43
CA PRO B 552 36.37 -7.11 18.14
C PRO B 552 37.43 -6.04 18.33
N ARG B 553 37.29 -4.96 17.58
CA ARG B 553 38.25 -3.86 17.68
C ARG B 553 38.20 -3.23 19.07
N ALA B 554 39.36 -2.73 19.50
CA ALA B 554 39.50 -2.27 20.88
C ALA B 554 38.55 -1.14 21.20
N SER B 555 38.13 -0.37 20.20
CA SER B 555 37.19 0.72 20.41
C SER B 555 36.44 0.97 19.11
N ARG B 556 35.33 1.69 19.23
CA ARG B 556 34.55 2.07 18.06
C ARG B 556 35.34 3.02 17.19
N LYS B 557 34.89 3.17 15.95
CA LYS B 557 35.56 4.07 15.01
C LYS B 557 35.50 5.50 15.53
N GLU B 558 36.57 6.25 15.31
CA GLU B 558 36.65 7.61 15.82
C GLU B 558 35.59 8.52 15.21
N ASN B 559 35.11 8.20 14.01
CA ASN B 559 34.06 8.97 13.36
C ASN B 559 32.68 8.35 13.56
N GLY B 560 32.46 7.72 14.70
CA GLY B 560 31.18 7.11 15.00
C GLY B 560 30.31 8.01 15.86
N PRO B 561 29.18 7.48 16.31
CA PRO B 561 28.27 8.28 17.14
C PRO B 561 28.90 8.67 18.46
N VAL B 562 28.48 9.84 18.96
CA VAL B 562 28.99 10.39 20.21
C VAL B 562 27.81 10.91 21.02
N VAL B 563 27.88 10.74 22.34
CA VAL B 563 26.82 11.14 23.25
C VAL B 563 27.43 11.96 24.38
N GLU B 564 26.84 13.13 24.65
CA GLU B 564 27.20 13.88 25.85
C GLU B 564 26.03 14.78 26.22
N THR B 565 26.06 15.28 27.44
CA THR B 565 24.99 16.11 27.97
C THR B 565 25.36 17.59 27.86
N VAL B 566 24.34 18.43 27.62
CA VAL B 566 24.49 19.86 27.58
C VAL B 566 23.56 20.46 28.63
N GLN B 567 24.10 21.32 29.48
CA GLN B 567 23.32 21.92 30.56
C GLN B 567 22.55 23.13 30.03
N VAL B 568 21.27 23.19 30.35
CA VAL B 568 20.39 24.28 29.94
C VAL B 568 19.74 24.86 31.18
N PRO B 569 19.88 26.16 31.44
CA PRO B 569 19.21 26.75 32.60
C PRO B 569 17.70 26.78 32.43
N LEU B 570 17.02 26.94 33.55
CA LEU B 570 15.55 26.96 33.53
C LEU B 570 15.03 28.15 32.73
N SER B 571 15.67 29.32 32.87
CA SER B 571 15.24 30.49 32.11
C SER B 571 15.41 30.27 30.61
N LYS B 572 16.51 29.66 30.20
CA LYS B 572 16.78 29.41 28.79
C LYS B 572 15.99 28.23 28.24
N ARG B 573 15.34 27.45 29.11
CA ARG B 573 14.65 26.25 28.66
C ARG B 573 13.55 26.56 27.66
N ALA B 574 12.76 27.61 27.92
CA ALA B 574 11.64 27.92 27.04
C ALA B 574 12.11 28.31 25.65
N LYS B 575 13.17 29.13 25.56
CA LYS B 575 13.67 29.54 24.25
C LYS B 575 14.39 28.40 23.56
N PHE B 576 15.12 27.59 24.31
CA PHE B 576 15.88 26.49 23.71
C PHE B 576 14.96 25.44 23.11
N VAL B 577 13.97 24.98 23.88
CA VAL B 577 13.07 23.94 23.39
C VAL B 577 12.14 24.51 22.32
N GLY B 578 11.64 25.72 22.54
CA GLY B 578 10.70 26.33 21.62
C GLY B 578 9.28 25.95 21.92
N PRO B 579 8.32 26.55 21.21
CA PRO B 579 6.91 26.25 21.46
C PRO B 579 6.53 24.83 21.06
N GLY B 580 6.21 24.00 22.05
CA GLY B 580 5.88 22.63 21.78
C GLY B 580 7.03 21.79 21.31
N GLY B 581 8.26 22.17 21.64
CA GLY B 581 9.43 21.45 21.17
C GLY B 581 9.74 21.66 19.71
N TYR B 582 9.31 22.80 19.14
CA TYR B 582 9.53 23.02 17.72
C TYR B 582 11.01 23.15 17.38
N ASN B 583 11.78 23.83 18.25
CA ASN B 583 13.20 24.01 17.96
C ASN B 583 13.94 22.69 17.93
N LEU B 584 13.66 21.80 18.87
CA LEU B 584 14.29 20.49 18.88
C LEU B 584 13.86 19.66 17.67
N LYS B 585 12.59 19.71 17.31
CA LYS B 585 12.11 18.95 16.16
C LYS B 585 12.77 19.44 14.87
N LYS B 586 12.94 20.75 14.72
CA LYS B 586 13.62 21.29 13.55
C LYS B 586 15.07 20.84 13.53
N LEU B 587 15.74 20.85 14.68
CA LEU B 587 17.14 20.47 14.75
C LEU B 587 17.33 19.01 14.35
N GLN B 588 16.43 18.12 14.81
CA GLN B 588 16.52 16.71 14.49
C GLN B 588 16.25 16.41 13.03
N ALA B 589 15.73 17.38 12.27
CA ALA B 589 15.41 17.18 10.87
C ALA B 589 16.54 17.62 9.95
N GLU B 590 16.97 18.88 10.06
CA GLU B 590 18.05 19.37 9.21
C GLU B 590 19.36 18.63 9.49
N THR B 591 19.65 18.37 10.76
CA THR B 591 20.81 17.60 11.16
C THR B 591 20.35 16.33 11.87
N GLY B 592 21.21 15.31 11.85
CA GLY B 592 20.82 14.03 12.41
C GLY B 592 20.81 13.98 13.91
N VAL B 593 21.28 15.04 14.59
CA VAL B 593 21.37 15.03 16.03
C VAL B 593 19.97 14.96 16.64
N THR B 594 19.82 14.18 17.71
CA THR B 594 18.58 14.09 18.44
C THR B 594 18.82 14.50 19.88
N ILE B 595 17.94 15.33 20.41
CA ILE B 595 18.05 15.83 21.78
C ILE B 595 16.90 15.26 22.59
N SER B 596 17.25 14.50 23.62
CA SER B 596 16.27 13.90 24.52
C SER B 596 16.53 14.41 25.93
N GLN B 597 15.48 14.94 26.57
CA GLN B 597 15.62 15.46 27.92
C GLN B 597 15.71 14.32 28.92
N VAL B 598 16.76 14.31 29.73
CA VAL B 598 16.95 13.30 30.76
C VAL B 598 16.85 13.87 32.16
N ASP B 599 16.75 15.19 32.30
CA ASP B 599 16.64 15.83 33.60
C ASP B 599 16.03 17.20 33.38
N GLU B 600 15.51 17.78 34.47
CA GLU B 600 14.90 19.11 34.36
C GLU B 600 15.88 20.17 33.93
N GLU B 601 17.19 19.93 34.06
CA GLU B 601 18.20 20.91 33.69
C GLU B 601 19.17 20.44 32.62
N THR B 602 19.18 19.15 32.27
CA THR B 602 20.14 18.61 31.33
C THR B 602 19.43 17.97 30.15
N PHE B 603 20.13 17.95 29.01
CA PHE B 603 19.64 17.31 27.79
C PHE B 603 20.72 16.40 27.24
N SER B 604 20.36 15.19 26.88
CA SER B 604 21.29 14.25 26.27
C SER B 604 21.29 14.45 24.76
N VAL B 605 22.47 14.73 24.20
CA VAL B 605 22.62 14.99 22.78
C VAL B 605 23.30 13.79 22.15
N PHE B 606 22.66 13.22 21.14
CA PHE B 606 23.22 12.10 20.38
C PHE B 606 23.45 12.55 18.96
N ALA B 607 24.68 12.43 18.49
CA ALA B 607 25.04 12.81 17.13
C ALA B 607 25.56 11.60 16.38
N PRO B 608 25.02 11.29 15.21
CA PRO B 608 25.49 10.11 14.46
C PRO B 608 26.95 10.17 14.09
N THR B 609 27.48 11.35 13.80
CA THR B 609 28.87 11.52 13.44
C THR B 609 29.42 12.75 14.14
N PRO B 610 30.72 12.80 14.41
CA PRO B 610 31.30 14.03 14.99
C PRO B 610 31.16 15.24 14.09
N SER B 611 31.11 15.04 12.78
CA SER B 611 30.91 16.17 11.86
C SER B 611 29.50 16.74 12.02
N ALA B 612 28.49 15.89 12.06
CA ALA B 612 27.13 16.36 12.33
C ALA B 612 27.01 16.91 13.74
N MET B 613 27.88 16.47 14.65
CA MET B 613 27.89 17.03 15.99
C MET B 613 28.35 18.47 15.99
N HIS B 614 29.24 18.84 15.06
CA HIS B 614 29.66 20.22 14.95
C HIS B 614 28.48 21.12 14.59
N GLU B 615 27.63 20.67 13.66
CA GLU B 615 26.47 21.47 13.27
C GLU B 615 25.52 21.66 14.44
N ALA B 616 25.34 20.62 15.25
CA ALA B 616 24.48 20.73 16.42
C ALA B 616 25.04 21.73 17.43
N ARG B 617 26.36 21.72 17.63
CA ARG B 617 26.95 22.58 18.65
C ARG B 617 26.81 24.06 18.29
N ASP B 618 26.98 24.41 17.01
CA ASP B 618 26.82 25.82 16.65
C ASP B 618 25.37 26.26 16.76
N PHE B 619 24.42 25.32 16.67
CA PHE B 619 23.02 25.66 16.86
C PHE B 619 22.72 25.94 18.32
N ILE B 620 23.21 25.09 19.22
CA ILE B 620 22.88 25.26 20.63
C ILE B 620 23.70 26.37 21.29
N THR B 621 24.81 26.79 20.67
CA THR B 621 25.57 27.90 21.22
C THR B 621 24.87 29.23 20.94
N GLU B 622 24.38 29.42 19.71
CA GLU B 622 23.69 30.66 19.37
C GLU B 622 22.33 30.73 20.06
N ILE B 623 21.68 29.59 20.28
CA ILE B 623 20.42 29.58 21.02
C ILE B 623 20.65 30.05 22.45
N CYS B 624 21.75 29.59 23.07
CA CYS B 624 22.07 30.02 24.42
C CYS B 624 22.36 31.52 24.47
N LYS B 625 23.08 32.03 23.48
CA LYS B 625 23.46 33.44 23.41
C LYS B 625 24.21 33.89 24.65
N ALA C 2 -26.61 28.21 -14.73
CA ALA C 2 -26.79 28.70 -13.37
C ALA C 2 -28.26 28.62 -12.95
N VAL C 3 -28.56 27.72 -12.02
CA VAL C 3 -29.92 27.53 -11.51
C VAL C 3 -29.87 27.50 -10.00
N ALA C 4 -30.76 28.24 -9.36
CA ALA C 4 -30.85 28.28 -7.90
C ALA C 4 -32.11 27.56 -7.46
N VAL C 5 -31.97 26.68 -6.47
CA VAL C 5 -33.06 25.90 -5.92
C VAL C 5 -33.24 26.29 -4.46
N ASP C 6 -34.44 26.69 -4.09
CA ASP C 6 -34.74 27.11 -2.72
C ASP C 6 -35.33 25.92 -1.96
N LEU C 7 -34.64 25.51 -0.90
CA LEU C 7 -35.09 24.44 -0.02
C LEU C 7 -35.30 25.05 1.36
N GLY C 8 -36.48 25.60 1.59
CA GLY C 8 -36.72 26.30 2.84
C GLY C 8 -35.81 27.51 2.96
N ASN C 9 -35.06 27.55 4.05
CA ASN C 9 -34.11 28.64 4.29
C ASN C 9 -32.73 28.36 3.69
N ARG C 10 -32.55 27.22 3.05
CA ARG C 10 -31.29 26.86 2.41
C ARG C 10 -31.38 27.11 0.91
N LYS C 11 -30.28 27.54 0.33
CA LYS C 11 -30.19 27.84 -1.09
C LYS C 11 -29.16 26.94 -1.75
N LEU C 12 -29.52 26.36 -2.88
CA LEU C 12 -28.63 25.50 -3.65
C LEU C 12 -28.36 26.16 -5.00
N GLU C 13 -27.08 26.29 -5.35
CA GLU C 13 -26.68 26.88 -6.62
C GLU C 13 -26.00 25.81 -7.47
N ILE C 14 -26.42 25.70 -8.72
CA ILE C 14 -25.89 24.69 -9.63
C ILE C 14 -25.43 25.40 -10.89
N SER C 15 -24.23 25.07 -11.36
CA SER C 15 -23.66 25.70 -12.54
C SER C 15 -22.80 24.70 -13.28
N SER C 16 -22.50 25.01 -14.54
CA SER C 16 -21.69 24.14 -15.36
C SER C 16 -21.13 24.94 -16.53
N GLY C 17 -20.07 24.42 -17.14
CA GLY C 17 -19.49 25.02 -18.31
C GLY C 17 -18.29 25.90 -18.07
N LYS C 18 -17.78 25.99 -16.84
CA LYS C 18 -16.63 26.83 -16.54
C LYS C 18 -15.38 26.05 -16.20
N LEU C 19 -15.48 25.01 -15.40
CA LEU C 19 -14.34 24.23 -14.97
C LEU C 19 -14.41 22.82 -15.52
N ALA C 20 -13.25 22.29 -15.91
CA ALA C 20 -13.11 20.92 -16.40
C ALA C 20 -14.06 20.65 -17.56
N ARG C 21 -13.87 21.42 -18.64
CA ARG C 21 -14.71 21.28 -19.82
C ARG C 21 -14.38 20.06 -20.64
N PHE C 22 -13.27 19.38 -20.37
CA PHE C 22 -12.89 18.21 -21.15
C PHE C 22 -13.65 16.95 -20.73
N ALA C 23 -14.20 16.92 -19.53
CA ALA C 23 -14.92 15.76 -19.05
C ALA C 23 -16.24 15.61 -19.79
N ASP C 24 -16.78 14.39 -19.79
CA ASP C 24 -18.07 14.13 -20.40
C ASP C 24 -19.17 14.94 -19.72
N GLY C 25 -19.12 15.01 -18.40
CA GLY C 25 -20.02 15.87 -17.66
C GLY C 25 -19.30 16.51 -16.50
N SER C 26 -19.71 17.73 -16.18
CA SER C 26 -19.11 18.46 -15.07
C SER C 26 -20.14 19.43 -14.52
N ALA C 27 -20.10 19.63 -13.20
CA ALA C 27 -21.03 20.53 -12.55
C ALA C 27 -20.41 21.00 -11.24
N VAL C 28 -20.81 22.20 -10.82
CA VAL C 28 -20.39 22.76 -9.54
C VAL C 28 -21.64 23.09 -8.74
N VAL C 29 -21.81 22.41 -7.61
CA VAL C 29 -22.94 22.63 -6.72
C VAL C 29 -22.43 23.37 -5.50
N GLN C 30 -23.01 24.52 -5.21
CA GLN C 30 -22.58 25.37 -4.11
C GLN C 30 -23.76 25.66 -3.20
N SER C 31 -23.56 25.43 -1.90
CA SER C 31 -24.52 25.83 -0.88
C SER C 31 -23.77 26.66 0.14
N GLY C 32 -24.24 27.88 0.38
CA GLY C 32 -23.49 28.78 1.23
C GLY C 32 -22.17 29.12 0.59
N ASP C 33 -21.08 28.89 1.34
CA ASP C 33 -19.73 29.11 0.83
C ASP C 33 -19.00 27.82 0.50
N THR C 34 -19.71 26.69 0.50
CA THR C 34 -19.11 25.40 0.18
C THR C 34 -19.42 25.05 -1.26
N ALA C 35 -18.39 24.83 -2.06
CA ALA C 35 -18.53 24.50 -3.47
C ALA C 35 -17.89 23.15 -3.74
N VAL C 36 -18.60 22.31 -4.50
CA VAL C 36 -18.14 20.97 -4.84
C VAL C 36 -18.29 20.79 -6.35
N MET C 37 -17.20 20.40 -7.01
CA MET C 37 -17.22 20.14 -8.44
C MET C 37 -17.16 18.64 -8.69
N VAL C 38 -18.08 18.13 -9.49
CA VAL C 38 -18.20 16.71 -9.75
C VAL C 38 -18.12 16.49 -11.25
N THR C 39 -17.35 15.49 -11.67
CA THR C 39 -17.18 15.17 -13.07
C THR C 39 -17.54 13.70 -13.31
N ALA C 40 -18.05 13.42 -14.50
CA ALA C 40 -18.39 12.06 -14.91
C ALA C 40 -17.70 11.76 -16.23
N VAL C 41 -17.01 10.63 -16.30
CA VAL C 41 -16.32 10.19 -17.50
C VAL C 41 -16.72 8.76 -17.80
N SER C 42 -17.10 8.49 -19.05
CA SER C 42 -17.51 7.15 -19.46
C SER C 42 -16.87 6.81 -20.79
N LYS C 43 -16.19 5.67 -20.83
CA LYS C 43 -15.52 5.24 -22.06
C LYS C 43 -16.54 4.78 -23.09
N THR C 44 -16.24 5.07 -24.36
CA THR C 44 -17.09 4.62 -25.45
C THR C 44 -16.82 3.18 -25.88
N LYS C 45 -15.72 2.60 -25.44
CA LYS C 45 -15.39 1.22 -25.78
C LYS C 45 -15.94 0.28 -24.71
N PRO C 46 -16.68 -0.76 -25.08
CA PRO C 46 -17.24 -1.66 -24.08
C PRO C 46 -16.14 -2.34 -23.27
N SER C 47 -16.40 -2.49 -22.00
CA SER C 47 -15.39 -3.16 -21.21
C SER C 47 -15.64 -4.67 -21.16
N PRO C 48 -14.59 -5.47 -21.07
CA PRO C 48 -14.76 -6.93 -20.99
C PRO C 48 -15.15 -7.44 -19.60
N SER C 49 -15.46 -6.55 -18.66
CA SER C 49 -15.81 -6.97 -17.32
C SER C 49 -17.13 -7.74 -17.27
N GLN C 50 -17.97 -7.61 -18.29
CA GLN C 50 -19.28 -8.26 -18.36
C GLN C 50 -20.21 -7.80 -17.25
N PHE C 51 -19.97 -6.62 -16.68
CA PHE C 51 -20.93 -5.97 -15.80
C PHE C 51 -20.75 -4.47 -15.96
N MET C 52 -21.34 -3.70 -15.05
CA MET C 52 -21.27 -2.25 -15.12
C MET C 52 -20.12 -1.78 -14.23
N PRO C 53 -19.00 -1.34 -14.79
CA PRO C 53 -17.86 -0.89 -13.98
C PRO C 53 -17.93 0.60 -13.62
N LEU C 54 -18.75 0.90 -12.62
CA LEU C 54 -18.91 2.26 -12.13
C LEU C 54 -18.18 2.40 -10.80
N VAL C 55 -17.34 3.43 -10.69
CA VAL C 55 -16.60 3.70 -9.46
C VAL C 55 -16.76 5.18 -9.13
N VAL C 56 -17.04 5.47 -7.86
CA VAL C 56 -17.20 6.84 -7.38
C VAL C 56 -16.08 7.12 -6.39
N ASP C 57 -15.38 8.24 -6.58
CA ASP C 57 -14.27 8.62 -5.73
C ASP C 57 -14.53 10.01 -5.18
N TYR C 58 -14.89 10.07 -3.90
CA TYR C 58 -15.11 11.34 -3.20
C TYR C 58 -13.86 11.64 -2.39
N ARG C 59 -13.26 12.80 -2.63
CA ARG C 59 -12.02 13.20 -1.98
C ARG C 59 -12.19 14.54 -1.31
N GLN C 60 -11.54 14.71 -0.16
CA GLN C 60 -11.54 15.96 0.57
C GLN C 60 -10.10 16.45 0.71
N LYS C 61 -9.90 17.75 0.56
CA LYS C 61 -8.57 18.34 0.67
C LYS C 61 -8.18 18.64 2.12
N ALA C 62 -9.08 18.44 3.07
CA ALA C 62 -8.78 18.70 4.47
C ALA C 62 -9.73 17.91 5.34
N ALA C 63 -9.36 17.76 6.61
CA ALA C 63 -10.16 17.07 7.59
C ALA C 63 -10.66 18.04 8.65
N ALA C 64 -11.51 17.55 9.53
CA ALA C 64 -12.09 18.34 10.61
C ALA C 64 -12.80 19.57 10.07
N ALA C 65 -13.85 19.32 9.28
CA ALA C 65 -14.64 20.37 8.63
C ALA C 65 -13.77 21.28 7.77
N GLY C 66 -12.84 20.67 7.05
CA GLY C 66 -11.98 21.42 6.14
C GLY C 66 -11.08 22.43 6.83
N ARG C 67 -10.50 22.05 7.97
CA ARG C 67 -9.64 22.95 8.73
C ARG C 67 -8.21 22.45 8.88
N ILE C 68 -7.95 21.17 8.66
CA ILE C 68 -6.59 20.64 8.73
C ILE C 68 -6.23 20.09 7.35
N PRO C 69 -5.36 20.75 6.60
CA PRO C 69 -5.03 20.27 5.25
C PRO C 69 -4.37 18.91 5.30
N THR C 70 -4.90 17.98 4.51
CA THR C 70 -4.40 16.61 4.46
C THR C 70 -4.23 16.08 3.05
N ASN C 71 -4.54 16.87 2.02
CA ASN C 71 -4.48 16.36 0.66
C ASN C 71 -3.05 16.06 0.23
N TYR C 72 -2.07 16.76 0.80
CA TYR C 72 -0.68 16.50 0.45
C TYR C 72 -0.18 15.16 0.99
N LEU C 73 -0.95 14.52 1.86
CA LEU C 73 -0.56 13.25 2.46
C LEU C 73 -1.22 12.05 1.80
N ARG C 74 -1.90 12.24 0.67
CA ARG C 74 -2.67 11.15 0.07
C ARG C 74 -1.76 10.04 -0.45
N ARG C 75 -0.53 10.36 -0.81
CA ARG C 75 0.37 9.37 -1.39
C ARG C 75 0.71 8.24 -0.42
N GLU C 76 0.67 8.50 0.88
CA GLU C 76 0.97 7.50 1.89
C GLU C 76 -0.18 7.29 2.86
N ILE C 77 -0.87 8.36 3.25
CA ILE C 77 -2.05 8.25 4.11
C ILE C 77 -3.33 8.09 3.30
N GLY C 78 -3.22 7.78 2.02
CA GLY C 78 -4.31 7.18 1.26
C GLY C 78 -5.64 7.88 1.40
N THR C 79 -6.70 7.09 1.51
CA THR C 79 -8.06 7.56 1.62
C THR C 79 -8.61 7.26 3.01
N SER C 80 -9.27 8.25 3.62
CA SER C 80 -9.79 8.08 4.96
C SER C 80 -11.04 7.21 4.92
N ASP C 81 -11.54 6.87 6.11
CA ASP C 81 -12.76 6.09 6.20
C ASP C 81 -14.00 6.92 5.89
N LYS C 82 -14.01 8.20 6.25
CA LYS C 82 -15.14 9.05 5.95
C LYS C 82 -15.33 9.22 4.44
N GLU C 83 -14.23 9.36 3.71
CA GLU C 83 -14.32 9.50 2.26
C GLU C 83 -14.92 8.26 1.62
N ILE C 84 -14.52 7.07 2.09
CA ILE C 84 -15.01 5.83 1.51
C ILE C 84 -16.51 5.69 1.73
N LEU C 85 -16.97 6.01 2.94
CA LEU C 85 -18.40 5.93 3.22
C LEU C 85 -19.19 6.91 2.35
N THR C 86 -18.67 8.13 2.17
CA THR C 86 -19.35 9.10 1.32
C THR C 86 -19.38 8.64 -0.13
N SER C 87 -18.31 8.01 -0.60
CA SER C 87 -18.31 7.46 -1.94
C SER C 87 -19.36 6.36 -2.10
N ARG C 88 -19.58 5.57 -1.05
CA ARG C 88 -20.58 4.51 -1.11
C ARG C 88 -21.99 5.09 -1.23
N ILE C 89 -22.26 6.18 -0.52
CA ILE C 89 -23.58 6.80 -0.58
C ILE C 89 -23.84 7.36 -1.97
N ILE C 90 -22.86 8.06 -2.54
CA ILE C 90 -23.02 8.60 -3.88
C ILE C 90 -23.15 7.49 -4.91
N ASP C 91 -22.41 6.40 -4.71
CA ASP C 91 -22.49 5.28 -5.63
C ASP C 91 -23.89 4.68 -5.64
N ARG C 92 -24.50 4.53 -4.45
CA ARG C 92 -25.81 3.91 -4.38
C ARG C 92 -26.92 4.82 -4.89
N SER C 93 -26.70 6.13 -4.92
CA SER C 93 -27.72 7.05 -5.40
C SER C 93 -27.82 7.06 -6.93
N ILE C 94 -26.73 6.76 -7.62
CA ILE C 94 -26.69 6.86 -9.08
C ILE C 94 -26.62 5.51 -9.77
N ARG C 95 -26.20 4.45 -9.08
CA ARG C 95 -26.05 3.16 -9.73
C ARG C 95 -27.35 2.59 -10.28
N PRO C 96 -28.47 2.57 -9.54
CA PRO C 96 -29.68 1.93 -10.09
C PRO C 96 -30.23 2.62 -11.32
N LEU C 97 -29.90 3.88 -11.57
CA LEU C 97 -30.51 4.60 -12.68
C LEU C 97 -29.82 4.36 -14.01
N PHE C 98 -28.66 3.73 -14.03
CA PHE C 98 -28.00 3.44 -15.29
C PHE C 98 -28.81 2.39 -16.05
N PRO C 99 -28.88 2.49 -17.38
CA PRO C 99 -29.64 1.49 -18.14
C PRO C 99 -29.01 0.12 -18.06
N ALA C 100 -29.85 -0.90 -18.19
CA ALA C 100 -29.38 -2.28 -18.13
C ALA C 100 -28.52 -2.60 -19.35
N GLY C 101 -27.43 -3.34 -19.11
CA GLY C 101 -26.52 -3.72 -20.16
C GLY C 101 -25.52 -2.65 -20.55
N TYR C 102 -25.36 -1.61 -19.73
CA TYR C 102 -24.43 -0.52 -20.03
C TYR C 102 -23.05 -0.89 -19.51
N PHE C 103 -22.38 -1.79 -20.25
CA PHE C 103 -21.09 -2.34 -19.81
C PHE C 103 -19.95 -1.45 -20.31
N TYR C 104 -19.89 -0.24 -19.76
CA TYR C 104 -18.88 0.73 -20.15
C TYR C 104 -18.25 1.33 -18.91
N ASP C 105 -16.93 1.41 -18.89
CA ASP C 105 -16.22 1.93 -17.73
C ASP C 105 -16.64 3.37 -17.45
N THR C 106 -16.97 3.64 -16.19
CA THR C 106 -17.45 4.95 -15.79
C THR C 106 -16.83 5.32 -14.45
N GLN C 107 -16.44 6.59 -14.32
CA GLN C 107 -15.89 7.08 -13.06
C GLN C 107 -16.49 8.44 -12.76
N VAL C 108 -16.89 8.62 -11.49
CA VAL C 108 -17.40 9.89 -10.99
C VAL C 108 -16.45 10.37 -9.91
N LEU C 109 -15.95 11.60 -10.05
CA LEU C 109 -14.97 12.17 -9.14
C LEU C 109 -15.51 13.44 -8.53
N CYS C 110 -15.28 13.63 -7.23
CA CYS C 110 -15.75 14.80 -6.50
C CYS C 110 -14.56 15.58 -5.96
N ASN C 111 -14.59 16.89 -6.20
CA ASN C 111 -13.53 17.80 -5.78
C ASN C 111 -14.14 18.86 -4.89
N LEU C 112 -13.57 19.05 -3.70
CA LEU C 112 -14.09 20.05 -2.76
C LEU C 112 -13.35 21.36 -3.00
N LEU C 113 -13.94 22.20 -3.85
CA LEU C 113 -13.29 23.46 -4.19
C LEU C 113 -13.16 24.36 -2.96
N ALA C 114 -14.19 24.42 -2.12
CA ALA C 114 -14.13 25.19 -0.89
C ALA C 114 -15.10 24.59 0.11
N VAL C 115 -14.71 24.64 1.38
CA VAL C 115 -15.55 24.17 2.48
C VAL C 115 -15.56 25.26 3.53
N ASP C 116 -16.75 25.71 3.92
CA ASP C 116 -16.87 26.79 4.90
C ASP C 116 -17.01 26.29 6.33
N GLY C 117 -17.08 24.99 6.54
CA GLY C 117 -17.25 24.47 7.89
C GLY C 117 -18.64 24.63 8.44
N VAL C 118 -19.61 25.00 7.61
CA VAL C 118 -21.00 25.16 8.02
C VAL C 118 -21.92 24.23 7.23
N ASN C 119 -21.81 24.26 5.91
CA ASN C 119 -22.61 23.41 5.04
C ASN C 119 -21.83 22.15 4.70
N GLU C 120 -22.45 21.00 4.89
CA GLU C 120 -21.78 19.74 4.66
C GLU C 120 -21.67 19.46 3.17
N PRO C 121 -20.47 19.19 2.65
CA PRO C 121 -20.32 18.97 1.21
C PRO C 121 -20.73 17.60 0.72
N ASP C 122 -21.02 16.65 1.61
CA ASP C 122 -21.34 15.30 1.16
C ASP C 122 -22.69 15.26 0.43
N VAL C 123 -23.65 16.06 0.88
CA VAL C 123 -24.95 16.11 0.20
C VAL C 123 -24.80 16.82 -1.14
N LEU C 124 -24.00 17.89 -1.19
CA LEU C 124 -23.75 18.57 -2.45
C LEU C 124 -23.05 17.66 -3.46
N ALA C 125 -22.25 16.71 -2.96
CA ALA C 125 -21.58 15.79 -3.87
C ALA C 125 -22.58 14.87 -4.57
N ILE C 126 -23.60 14.41 -3.85
CA ILE C 126 -24.62 13.57 -4.46
C ILE C 126 -25.38 14.32 -5.53
N ASN C 127 -25.76 15.56 -5.25
CA ASN C 127 -26.43 16.37 -6.26
C ASN C 127 -25.51 16.69 -7.42
N GLY C 128 -24.23 16.94 -7.14
CA GLY C 128 -23.28 17.20 -8.21
C GLY C 128 -23.11 16.02 -9.14
N ALA C 129 -23.11 14.80 -8.59
CA ALA C 129 -23.03 13.61 -9.42
C ALA C 129 -24.28 13.46 -10.27
N SER C 130 -25.43 13.93 -9.79
CA SER C 130 -26.65 13.88 -10.57
C SER C 130 -26.64 14.91 -11.68
N VAL C 131 -26.17 16.12 -11.40
CA VAL C 131 -26.13 17.16 -12.43
C VAL C 131 -25.10 16.83 -13.50
N ALA C 132 -23.94 16.32 -13.08
CA ALA C 132 -22.89 15.99 -14.05
C ALA C 132 -23.34 14.89 -15.00
N LEU C 133 -24.01 13.86 -14.48
CA LEU C 133 -24.51 12.81 -15.35
C LEU C 133 -25.70 13.28 -16.18
N SER C 134 -26.50 14.19 -15.63
CA SER C 134 -27.65 14.71 -16.39
C SER C 134 -27.19 15.56 -17.57
N LEU C 135 -26.18 16.40 -17.36
CA LEU C 135 -25.69 17.29 -18.41
C LEU C 135 -24.74 16.60 -19.37
N SER C 136 -24.25 15.41 -19.04
CA SER C 136 -23.31 14.70 -19.89
C SER C 136 -24.05 13.95 -20.99
N ASP C 137 -23.29 13.33 -21.88
CA ASP C 137 -23.85 12.47 -22.91
C ASP C 137 -23.92 11.01 -22.46
N ILE C 138 -23.60 10.73 -21.22
CA ILE C 138 -23.69 9.36 -20.69
C ILE C 138 -25.16 8.97 -20.56
N PRO C 139 -25.57 7.80 -21.06
CA PRO C 139 -26.96 7.38 -20.87
C PRO C 139 -27.31 7.17 -19.40
N TRP C 140 -28.19 8.02 -18.88
CA TRP C 140 -28.57 7.96 -17.48
C TRP C 140 -30.02 8.38 -17.37
N ASN C 141 -30.74 7.77 -16.42
CA ASN C 141 -32.15 8.07 -16.25
C ASN C 141 -32.29 9.42 -15.53
N GLY C 142 -33.52 9.73 -15.12
CA GLY C 142 -33.87 11.04 -14.64
C GLY C 142 -32.96 11.56 -13.55
N PRO C 143 -32.96 12.88 -13.35
CA PRO C 143 -32.10 13.48 -12.33
C PRO C 143 -32.49 13.02 -10.94
N VAL C 144 -31.50 13.02 -10.04
CA VAL C 144 -31.68 12.60 -8.66
C VAL C 144 -31.40 13.79 -7.76
N GLY C 145 -32.30 14.05 -6.82
CA GLY C 145 -32.11 15.07 -5.79
C GLY C 145 -31.85 14.39 -4.46
N ALA C 146 -30.93 14.96 -3.69
CA ALA C 146 -30.55 14.39 -2.40
C ALA C 146 -30.52 15.48 -1.35
N VAL C 147 -31.19 15.23 -0.23
CA VAL C 147 -31.18 16.13 0.91
C VAL C 147 -30.92 15.33 2.18
N ARG C 148 -30.54 16.03 3.24
CA ARG C 148 -30.40 15.45 4.56
C ARG C 148 -31.43 16.07 5.48
N ILE C 149 -32.16 15.24 6.21
CA ILE C 149 -33.18 15.69 7.13
C ILE C 149 -32.71 15.44 8.55
N GLY C 150 -32.77 16.46 9.39
CA GLY C 150 -32.47 16.32 10.79
C GLY C 150 -33.63 16.80 11.63
N ILE C 151 -33.67 16.41 12.90
CA ILE C 151 -34.71 16.83 13.82
C ILE C 151 -34.06 17.59 14.96
N ILE C 152 -34.35 18.88 15.06
CA ILE C 152 -33.83 19.73 16.12
C ILE C 152 -35.01 20.32 16.86
N ASP C 153 -35.12 19.98 18.15
CA ASP C 153 -36.22 20.45 19.00
C ASP C 153 -37.57 20.13 18.38
N GLY C 154 -37.70 18.93 17.83
CA GLY C 154 -38.95 18.50 17.24
C GLY C 154 -39.28 19.12 15.90
N GLU C 155 -38.31 19.81 15.28
CA GLU C 155 -38.52 20.46 13.99
C GLU C 155 -37.67 19.77 12.94
N TYR C 156 -38.22 19.65 11.74
CA TYR C 156 -37.54 18.97 10.65
C TYR C 156 -36.77 19.99 9.82
N VAL C 157 -35.45 19.85 9.76
CA VAL C 157 -34.56 20.80 9.11
C VAL C 157 -33.95 20.12 7.89
N VAL C 158 -34.01 20.80 6.75
CA VAL C 158 -33.46 20.28 5.51
C VAL C 158 -32.04 20.80 5.35
N ASN C 159 -31.12 19.89 5.05
CA ASN C 159 -29.69 20.18 4.96
C ASN C 159 -29.21 20.98 6.17
N PRO C 160 -29.27 20.41 7.37
CA PRO C 160 -28.84 21.15 8.56
C PRO C 160 -27.35 21.43 8.53
N THR C 161 -26.97 22.53 9.16
CA THR C 161 -25.56 22.90 9.22
C THR C 161 -24.82 21.96 10.17
N ARG C 162 -23.50 22.18 10.28
CA ARG C 162 -22.70 21.36 11.17
C ARG C 162 -23.11 21.58 12.63
N LYS C 163 -23.39 22.84 13.00
CA LYS C 163 -23.83 23.11 14.36
C LYS C 163 -25.18 22.46 14.65
N GLU C 164 -26.10 22.51 13.68
CA GLU C 164 -27.42 21.94 13.91
C GLU C 164 -27.36 20.41 13.97
N MET C 165 -26.48 19.80 13.18
CA MET C 165 -26.39 18.34 13.17
C MET C 165 -25.92 17.80 14.50
N SER C 166 -25.16 18.58 15.26
CA SER C 166 -24.68 18.11 16.56
C SER C 166 -25.82 18.01 17.58
N SER C 167 -26.84 18.85 17.45
CA SER C 167 -27.99 18.82 18.34
C SER C 167 -29.16 18.05 17.76
N SER C 168 -28.98 17.38 16.63
CA SER C 168 -30.06 16.67 15.96
C SER C 168 -30.18 15.26 16.49
N THR C 169 -31.41 14.76 16.53
CA THR C 169 -31.69 13.39 16.92
C THR C 169 -31.90 12.47 15.72
N LEU C 170 -31.62 12.95 14.51
CA LEU C 170 -31.77 12.14 13.32
C LEU C 170 -30.83 12.66 12.25
N ASN C 171 -30.17 11.73 11.56
CA ASN C 171 -29.26 12.04 10.46
C ASN C 171 -29.68 11.16 9.29
N LEU C 172 -30.64 11.61 8.51
CA LEU C 172 -31.23 10.83 7.43
C LEU C 172 -30.89 11.48 6.10
N VAL C 173 -30.40 10.70 5.15
CA VAL C 173 -30.09 11.16 3.81
C VAL C 173 -31.03 10.46 2.84
N VAL C 174 -31.76 11.23 2.05
CA VAL C 174 -32.74 10.72 1.12
C VAL C 174 -32.31 11.07 -0.29
N ALA C 175 -32.29 10.08 -1.18
CA ALA C 175 -32.09 10.28 -2.61
C ALA C 175 -33.39 9.98 -3.32
N GLY C 176 -33.85 10.90 -4.14
CA GLY C 176 -35.15 10.79 -4.79
C GLY C 176 -35.02 10.84 -6.30
N ALA C 177 -35.84 10.05 -6.96
CA ALA C 177 -36.02 10.06 -8.40
C ALA C 177 -37.29 10.79 -8.77
N PRO C 178 -37.51 11.10 -10.04
CA PRO C 178 -38.76 11.75 -10.44
C PRO C 178 -39.98 10.94 -10.02
N LYS C 179 -41.12 11.64 -9.95
CA LYS C 179 -42.38 11.05 -9.51
C LYS C 179 -42.28 10.51 -8.09
N SER C 180 -41.51 11.21 -7.26
CA SER C 180 -41.43 10.94 -5.82
C SER C 180 -40.97 9.52 -5.51
N GLN C 181 -40.11 8.96 -6.36
CA GLN C 181 -39.53 7.67 -6.07
C GLN C 181 -38.36 7.82 -5.10
N ILE C 182 -38.05 6.73 -4.40
CA ILE C 182 -36.94 6.70 -3.44
C ILE C 182 -35.87 5.77 -3.98
N VAL C 183 -34.66 6.29 -4.11
CA VAL C 183 -33.54 5.55 -4.67
C VAL C 183 -32.59 5.04 -3.59
N MET C 184 -32.22 5.92 -2.65
CA MET C 184 -31.30 5.54 -1.59
C MET C 184 -31.82 6.10 -0.27
N LEU C 185 -31.70 5.30 0.79
CA LEU C 185 -31.99 5.74 2.15
C LEU C 185 -30.83 5.34 3.04
N GLU C 186 -30.47 6.24 3.96
CA GLU C 186 -29.37 5.97 4.88
C GLU C 186 -29.54 6.90 6.07
N ALA C 187 -29.77 6.32 7.25
CA ALA C 187 -30.10 7.12 8.42
C ALA C 187 -29.42 6.57 9.65
N SER C 188 -29.24 7.44 10.64
CA SER C 188 -28.80 7.05 11.98
C SER C 188 -29.55 7.92 12.97
N ALA C 189 -30.52 7.33 13.67
CA ALA C 189 -31.38 8.06 14.56
C ALA C 189 -31.00 7.79 16.01
N GLU C 190 -31.43 8.69 16.89
CA GLU C 190 -31.16 8.56 18.32
C GLU C 190 -32.35 7.91 19.03
N ASN C 191 -32.67 6.69 18.57
CA ASN C 191 -33.75 5.89 19.13
C ASN C 191 -35.08 6.65 19.06
N ILE C 192 -35.36 7.22 17.90
CA ILE C 192 -36.56 8.02 17.71
C ILE C 192 -37.73 7.10 17.36
N LEU C 193 -38.95 7.61 17.51
CA LEU C 193 -40.13 6.82 17.26
C LEU C 193 -40.28 6.52 15.77
N GLN C 194 -41.02 5.46 15.47
CA GLN C 194 -41.22 5.06 14.08
C GLN C 194 -42.02 6.11 13.31
N GLN C 195 -43.03 6.71 13.95
CA GLN C 195 -43.82 7.73 13.26
C GLN C 195 -42.99 8.96 12.95
N ASP C 196 -42.15 9.40 13.89
CA ASP C 196 -41.28 10.53 13.62
C ASP C 196 -40.30 10.22 12.49
N PHE C 197 -39.76 9.00 12.49
CA PHE C 197 -38.84 8.60 11.44
C PHE C 197 -39.54 8.55 10.09
N CYS C 198 -40.77 8.04 10.05
CA CYS C 198 -41.48 7.91 8.79
C CYS C 198 -41.88 9.25 8.22
N HIS C 199 -42.21 10.22 9.08
CA HIS C 199 -42.58 11.54 8.59
C HIS C 199 -41.40 12.25 7.97
N ALA C 200 -40.20 12.05 8.51
CA ALA C 200 -39.02 12.71 7.98
C ALA C 200 -38.68 12.22 6.58
N ILE C 201 -39.00 10.96 6.27
CA ILE C 201 -38.78 10.46 4.91
C ILE C 201 -39.71 11.17 3.93
N LYS C 202 -40.96 11.40 4.32
CA LYS C 202 -41.88 12.12 3.45
C LYS C 202 -41.43 13.55 3.21
N VAL C 203 -40.93 14.21 4.26
CA VAL C 203 -40.41 15.56 4.11
C VAL C 203 -39.21 15.58 3.19
N GLY C 204 -38.32 14.60 3.35
CA GLY C 204 -37.13 14.54 2.50
C GLY C 204 -37.46 14.33 1.04
N VAL C 205 -38.37 13.40 0.75
CA VAL C 205 -38.74 13.13 -0.64
C VAL C 205 -39.37 14.36 -1.27
N LYS C 206 -40.09 15.16 -0.47
CA LYS C 206 -40.69 16.38 -0.99
C LYS C 206 -39.62 17.36 -1.47
N TYR C 207 -38.51 17.46 -0.73
CA TYR C 207 -37.47 18.42 -1.10
C TYR C 207 -36.69 17.94 -2.31
N THR C 208 -36.41 16.64 -2.41
CA THR C 208 -35.69 16.12 -3.55
C THR C 208 -36.45 16.34 -4.85
N GLN C 209 -37.78 16.42 -4.78
CA GLN C 209 -38.55 16.72 -5.98
C GLN C 209 -38.26 18.13 -6.49
N GLN C 210 -38.09 19.08 -5.57
CA GLN C 210 -37.76 20.44 -5.97
C GLN C 210 -36.39 20.51 -6.65
N ILE C 211 -35.42 19.77 -6.12
CA ILE C 211 -34.09 19.75 -6.74
C ILE C 211 -34.14 19.17 -8.14
N ILE C 212 -34.91 18.09 -8.31
CA ILE C 212 -35.06 17.48 -9.63
C ILE C 212 -35.66 18.49 -10.61
N GLN C 213 -36.60 19.30 -10.14
CA GLN C 213 -37.19 20.33 -10.99
C GLN C 213 -36.14 21.35 -11.42
N GLY C 214 -35.26 21.74 -10.51
CA GLY C 214 -34.20 22.67 -10.87
C GLY C 214 -33.20 22.08 -11.84
N ILE C 215 -32.82 20.81 -11.64
CA ILE C 215 -31.85 20.18 -12.53
C ILE C 215 -32.44 20.00 -13.92
N GLN C 216 -33.73 19.67 -14.00
CA GLN C 216 -34.36 19.49 -15.30
C GLN C 216 -34.36 20.80 -16.09
N GLN C 217 -34.60 21.91 -15.41
CA GLN C 217 -34.55 23.21 -16.09
C GLN C 217 -33.16 23.50 -16.64
N LEU C 218 -32.13 23.21 -15.86
CA LEU C 218 -30.76 23.41 -16.34
C LEU C 218 -30.44 22.50 -17.51
N VAL C 219 -30.97 21.28 -17.51
CA VAL C 219 -30.78 20.37 -18.65
C VAL C 219 -31.43 20.95 -19.90
N LYS C 220 -32.64 21.50 -19.75
CA LYS C 220 -33.34 22.06 -20.89
C LYS C 220 -32.60 23.27 -21.47
N GLU C 221 -32.12 24.16 -20.60
CA GLU C 221 -31.40 25.35 -21.06
C GLU C 221 -30.10 24.97 -21.74
N THR C 222 -29.35 24.04 -21.15
CA THR C 222 -28.06 23.67 -21.72
C THR C 222 -28.21 22.97 -23.06
N GLY C 223 -29.25 22.15 -23.22
CA GLY C 223 -29.45 21.43 -24.46
C GLY C 223 -28.57 20.20 -24.55
N VAL C 224 -28.82 19.23 -23.70
CA VAL C 224 -28.00 18.03 -23.59
C VAL C 224 -28.51 16.99 -24.58
N THR C 225 -27.59 16.40 -25.34
CA THR C 225 -27.89 15.28 -26.22
C THR C 225 -27.08 14.07 -25.78
N LYS C 226 -27.75 12.93 -25.65
CA LYS C 226 -27.10 11.73 -25.14
C LYS C 226 -26.43 10.96 -26.26
N ARG C 227 -25.34 10.28 -25.91
CA ARG C 227 -24.63 9.44 -26.86
C ARG C 227 -25.45 8.20 -27.19
N THR C 228 -25.08 7.54 -28.27
CA THR C 228 -25.65 6.25 -28.62
C THR C 228 -24.63 5.18 -28.31
N PRO C 229 -24.80 4.40 -27.24
CA PRO C 229 -23.80 3.37 -26.92
C PRO C 229 -23.67 2.35 -28.05
N GLN C 230 -22.45 1.84 -28.21
CA GLN C 230 -22.18 0.92 -29.32
C GLN C 230 -23.08 -0.31 -29.25
N LYS C 231 -23.33 -0.81 -28.05
CA LYS C 231 -24.20 -1.95 -27.86
C LYS C 231 -24.62 -2.01 -26.40
N LEU C 232 -25.91 -2.24 -26.19
CA LEU C 232 -26.43 -2.57 -24.86
C LEU C 232 -26.48 -4.09 -24.74
N PHE C 233 -25.88 -4.62 -23.67
CA PHE C 233 -25.58 -6.03 -23.57
C PHE C 233 -26.69 -6.85 -22.95
N THR C 234 -27.94 -6.40 -23.06
CA THR C 234 -29.05 -7.22 -22.62
C THR C 234 -29.25 -8.40 -23.56
N PRO C 235 -29.52 -9.60 -23.04
CA PRO C 235 -29.73 -10.74 -23.92
C PRO C 235 -30.98 -10.57 -24.77
N SER C 236 -30.93 -11.12 -25.98
CA SER C 236 -32.04 -10.97 -26.90
C SER C 236 -33.25 -11.76 -26.41
N PRO C 237 -34.46 -11.27 -26.69
CA PRO C 237 -35.66 -11.98 -26.24
C PRO C 237 -35.78 -13.39 -26.81
N GLU C 238 -35.18 -13.65 -27.96
CA GLU C 238 -35.24 -14.98 -28.54
C GLU C 238 -34.51 -16.00 -27.67
N ILE C 239 -33.34 -15.63 -27.15
CA ILE C 239 -32.59 -16.56 -26.32
C ILE C 239 -33.30 -16.81 -25.00
N VAL C 240 -33.82 -15.75 -24.39
CA VAL C 240 -34.46 -15.87 -23.07
C VAL C 240 -35.69 -16.76 -23.16
N LYS C 241 -36.52 -16.54 -24.18
CA LYS C 241 -37.73 -17.33 -24.31
C LYS C 241 -37.44 -18.79 -24.60
N TYR C 242 -36.29 -19.08 -25.21
CA TYR C 242 -35.91 -20.48 -25.41
C TYR C 242 -35.38 -21.10 -24.12
N THR C 243 -34.63 -20.33 -23.33
CA THR C 243 -34.14 -20.83 -22.05
C THR C 243 -35.31 -21.14 -21.12
N HIS C 244 -36.37 -20.34 -21.18
CA HIS C 244 -37.55 -20.61 -20.36
C HIS C 244 -38.16 -21.96 -20.70
N LYS C 245 -38.26 -22.27 -22.00
CA LYS C 245 -38.81 -23.56 -22.42
C LYS C 245 -37.92 -24.73 -22.05
N LEU C 246 -36.67 -24.49 -21.67
CA LEU C 246 -35.73 -25.56 -21.37
C LEU C 246 -35.48 -25.77 -19.88
N ALA C 247 -35.68 -24.74 -19.06
CA ALA C 247 -35.29 -24.83 -17.66
C ALA C 247 -36.32 -24.28 -16.69
N MET C 248 -37.54 -23.98 -17.15
CA MET C 248 -38.55 -23.45 -16.23
C MET C 248 -38.97 -24.51 -15.22
N GLU C 249 -39.30 -25.71 -15.69
CA GLU C 249 -39.83 -26.72 -14.80
C GLU C 249 -38.77 -27.30 -13.87
N ARG C 250 -37.52 -27.34 -14.32
CA ARG C 250 -36.45 -27.83 -13.46
C ARG C 250 -36.09 -26.80 -12.38
N LEU C 251 -36.02 -25.53 -12.77
CA LEU C 251 -35.76 -24.48 -11.79
C LEU C 251 -36.92 -24.35 -10.82
N TYR C 252 -38.15 -24.52 -11.30
CA TYR C 252 -39.31 -24.43 -10.43
C TYR C 252 -39.28 -25.52 -9.37
N ALA C 253 -38.90 -26.73 -9.74
CA ALA C 253 -38.81 -27.82 -8.77
C ALA C 253 -37.73 -27.55 -7.73
N VAL C 254 -36.60 -26.98 -8.16
CA VAL C 254 -35.52 -26.69 -7.22
C VAL C 254 -35.95 -25.64 -6.21
N PHE C 255 -36.63 -24.59 -6.67
CA PHE C 255 -37.00 -23.50 -5.78
C PHE C 255 -38.21 -23.82 -4.91
N THR C 256 -38.97 -24.87 -5.23
CA THR C 256 -40.04 -25.32 -4.37
C THR C 256 -39.62 -26.46 -3.44
N ASP C 257 -38.38 -26.90 -3.53
CA ASP C 257 -37.85 -27.91 -2.62
C ASP C 257 -37.38 -27.21 -1.36
N TYR C 258 -38.06 -27.48 -0.24
CA TYR C 258 -37.78 -26.79 1.01
C TYR C 258 -36.70 -27.46 1.84
N GLU C 259 -36.20 -28.62 1.42
CA GLU C 259 -35.12 -29.27 2.13
C GLU C 259 -33.75 -28.73 1.75
N HIS C 260 -33.67 -27.91 0.71
CA HIS C 260 -32.40 -27.35 0.28
C HIS C 260 -31.86 -26.38 1.32
N ASP C 261 -30.56 -26.44 1.54
CA ASP C 261 -29.84 -25.40 2.26
C ASP C 261 -29.09 -24.55 1.24
N LYS C 262 -28.25 -23.63 1.70
CA LYS C 262 -27.64 -22.67 0.80
C LYS C 262 -26.79 -23.35 -0.27
N VAL C 263 -25.85 -24.22 0.15
CA VAL C 263 -24.91 -24.78 -0.81
C VAL C 263 -25.60 -25.79 -1.72
N SER C 264 -26.50 -26.60 -1.17
CA SER C 264 -27.17 -27.61 -2.00
C SER C 264 -28.09 -26.97 -3.03
N ARG C 265 -28.78 -25.90 -2.66
CA ARG C 265 -29.63 -25.20 -3.61
C ARG C 265 -28.81 -24.57 -4.73
N ASP C 266 -27.70 -23.93 -4.37
CA ASP C 266 -26.84 -23.32 -5.39
C ASP C 266 -26.24 -24.38 -6.30
N GLU C 267 -25.86 -25.53 -5.74
CA GLU C 267 -25.32 -26.61 -6.56
C GLU C 267 -26.39 -27.16 -7.50
N ALA C 268 -27.62 -27.29 -7.02
CA ALA C 268 -28.70 -27.80 -7.87
C ALA C 268 -28.96 -26.87 -9.04
N VAL C 269 -28.93 -25.56 -8.80
CA VAL C 269 -29.12 -24.60 -9.89
C VAL C 269 -27.97 -24.69 -10.88
N ASN C 270 -26.74 -24.87 -10.38
CA ASN C 270 -25.59 -25.00 -11.28
C ASN C 270 -25.74 -26.23 -12.16
N LYS C 271 -26.29 -27.31 -11.61
CA LYS C 271 -26.48 -28.53 -12.41
C LYS C 271 -27.40 -28.27 -13.59
N ILE C 272 -28.48 -27.51 -13.38
CA ILE C 272 -29.37 -27.15 -14.47
C ILE C 272 -28.67 -26.20 -15.43
N ARG C 273 -27.86 -25.29 -14.90
CA ARG C 273 -27.17 -24.32 -15.75
C ARG C 273 -26.20 -25.01 -16.70
N LEU C 274 -25.45 -25.99 -16.19
CA LEU C 274 -24.47 -26.68 -17.03
C LEU C 274 -25.15 -27.45 -18.16
N ASP C 275 -26.23 -28.16 -17.84
CA ASP C 275 -26.92 -28.94 -18.86
C ASP C 275 -27.60 -28.04 -19.88
N THR C 276 -28.28 -26.99 -19.42
CA THR C 276 -29.00 -26.10 -20.33
C THR C 276 -28.04 -25.34 -21.24
N GLU C 277 -26.93 -24.85 -20.69
CA GLU C 277 -26.03 -24.01 -21.46
C GLU C 277 -25.43 -24.76 -22.64
N GLU C 278 -25.21 -26.07 -22.49
CA GLU C 278 -24.73 -26.87 -23.61
C GLU C 278 -25.77 -26.92 -24.72
N GLN C 279 -27.06 -27.05 -24.35
CA GLN C 279 -28.12 -27.04 -25.35
C GLN C 279 -28.31 -25.67 -25.96
N LEU C 280 -28.09 -24.61 -25.17
CA LEU C 280 -28.22 -23.26 -25.70
C LEU C 280 -27.15 -22.97 -26.74
N LYS C 281 -25.94 -23.47 -26.54
CA LYS C 281 -24.85 -23.18 -27.47
C LYS C 281 -25.13 -23.75 -28.86
N GLU C 282 -25.67 -24.97 -28.93
CA GLU C 282 -25.94 -25.57 -30.23
C GLU C 282 -27.15 -24.90 -30.89
N LYS C 283 -28.06 -24.35 -30.09
CA LYS C 283 -29.22 -23.68 -30.68
C LYS C 283 -28.83 -22.36 -31.32
N PHE C 284 -27.93 -21.61 -30.70
CA PHE C 284 -27.46 -20.33 -31.21
C PHE C 284 -25.94 -20.33 -31.24
N PRO C 285 -25.33 -21.00 -32.21
CA PRO C 285 -23.86 -21.09 -32.23
C PRO C 285 -23.17 -19.75 -32.37
N GLU C 286 -23.83 -18.77 -33.00
CA GLU C 286 -23.25 -17.45 -33.18
C GLU C 286 -23.49 -16.53 -31.99
N ALA C 287 -24.21 -16.98 -30.97
CA ALA C 287 -24.50 -16.14 -29.82
C ALA C 287 -23.23 -15.86 -29.02
N ASP C 288 -23.20 -14.69 -28.41
CA ASP C 288 -22.08 -14.33 -27.56
C ASP C 288 -22.01 -15.27 -26.36
N PRO C 289 -20.82 -15.73 -25.98
CA PRO C 289 -20.72 -16.61 -24.80
C PRO C 289 -21.29 -16.00 -23.53
N TYR C 290 -21.17 -14.67 -23.36
CA TYR C 290 -21.77 -14.05 -22.19
C TYR C 290 -23.29 -14.03 -22.30
N GLU C 291 -23.82 -13.86 -23.52
CA GLU C 291 -25.27 -13.84 -23.69
C GLU C 291 -25.90 -15.15 -23.26
N ILE C 292 -25.18 -16.26 -23.45
CA ILE C 292 -25.66 -17.54 -22.93
C ILE C 292 -25.69 -17.52 -21.41
N ILE C 293 -24.67 -16.93 -20.79
CA ILE C 293 -24.61 -16.86 -19.33
C ILE C 293 -25.75 -16.02 -18.80
N GLU C 294 -25.99 -14.86 -19.41
CA GLU C 294 -26.99 -13.93 -18.89
C GLU C 294 -28.41 -14.38 -19.17
N SER C 295 -28.64 -15.10 -20.27
CA SER C 295 -29.98 -15.57 -20.56
C SER C 295 -30.48 -16.54 -19.49
N PHE C 296 -29.59 -17.40 -18.99
CA PHE C 296 -29.99 -18.30 -17.91
C PHE C 296 -30.23 -17.53 -16.61
N ASN C 297 -29.42 -16.50 -16.35
CA ASN C 297 -29.58 -15.73 -15.13
C ASN C 297 -30.94 -15.03 -15.09
N VAL C 298 -31.38 -14.49 -16.24
CA VAL C 298 -32.67 -13.82 -16.30
C VAL C 298 -33.80 -14.82 -16.05
N VAL C 299 -33.72 -16.00 -16.67
CA VAL C 299 -34.77 -16.99 -16.51
C VAL C 299 -34.84 -17.48 -15.08
N ALA C 300 -33.68 -17.77 -14.48
CA ALA C 300 -33.67 -18.23 -13.09
C ALA C 300 -34.23 -17.18 -12.15
N LYS C 301 -33.88 -15.91 -12.39
CA LYS C 301 -34.42 -14.83 -11.57
C LYS C 301 -35.93 -14.71 -11.72
N GLU C 302 -36.43 -14.86 -12.95
CA GLU C 302 -37.86 -14.74 -13.18
C GLU C 302 -38.63 -15.87 -12.52
N VAL C 303 -38.13 -17.11 -12.64
CA VAL C 303 -38.81 -18.25 -12.02
C VAL C 303 -38.78 -18.11 -10.50
N PHE C 304 -37.67 -17.61 -9.96
CA PHE C 304 -37.57 -17.43 -8.51
C PHE C 304 -38.62 -16.46 -8.00
N ARG C 305 -38.82 -15.35 -8.71
CA ARG C 305 -39.79 -14.35 -8.27
C ARG C 305 -41.22 -14.77 -8.53
N SER C 306 -41.46 -15.56 -9.58
CA SER C 306 -42.83 -15.97 -9.90
C SER C 306 -43.43 -16.79 -8.77
N ILE C 307 -42.63 -17.63 -8.12
CA ILE C 307 -43.12 -18.46 -7.03
C ILE C 307 -43.58 -17.59 -5.86
N VAL C 308 -42.78 -16.58 -5.52
CA VAL C 308 -43.14 -15.70 -4.41
C VAL C 308 -44.40 -14.91 -4.73
N LEU C 309 -44.51 -14.39 -5.95
CA LEU C 309 -45.65 -13.57 -6.32
C LEU C 309 -46.93 -14.39 -6.39
N ASN C 310 -46.86 -15.59 -6.94
CA ASN C 310 -48.06 -16.37 -7.22
C ASN C 310 -48.45 -17.31 -6.08
N GLU C 311 -47.51 -17.68 -5.21
CA GLU C 311 -47.79 -18.65 -4.16
C GLU C 311 -47.54 -18.14 -2.76
N TYR C 312 -46.94 -16.97 -2.59
CA TYR C 312 -46.71 -16.37 -1.28
C TYR C 312 -45.86 -17.26 -0.39
N LYS C 313 -44.96 -18.04 -0.98
CA LYS C 313 -44.06 -18.91 -0.26
C LYS C 313 -42.64 -18.69 -0.74
N ARG C 314 -41.69 -18.63 0.18
CA ARG C 314 -40.30 -18.40 -0.16
C ARG C 314 -39.65 -19.70 -0.61
N CYS C 315 -38.40 -19.60 -1.07
CA CYS C 315 -37.69 -20.77 -1.57
C CYS C 315 -37.38 -21.79 -0.49
N ASP C 316 -37.33 -21.38 0.78
CA ASP C 316 -37.06 -22.28 1.87
C ASP C 316 -38.31 -22.70 2.63
N GLY C 317 -39.50 -22.31 2.17
CA GLY C 317 -40.75 -22.83 2.65
C GLY C 317 -41.52 -21.94 3.60
N ARG C 318 -40.90 -20.92 4.17
CA ARG C 318 -41.61 -20.07 5.11
C ARG C 318 -42.43 -19.03 4.35
N ASP C 319 -43.18 -18.22 5.10
CA ASP C 319 -44.02 -17.19 4.50
C ASP C 319 -43.32 -15.84 4.57
N LEU C 320 -44.01 -14.81 4.07
CA LEU C 320 -43.38 -13.51 3.86
C LEU C 320 -42.98 -12.82 5.14
N THR C 321 -43.48 -13.26 6.29
CA THR C 321 -43.22 -12.58 7.55
C THR C 321 -42.44 -13.41 8.55
N SER C 322 -42.07 -14.64 8.22
CA SER C 322 -41.42 -15.52 9.17
C SER C 322 -39.92 -15.24 9.22
N LEU C 323 -39.35 -15.44 10.40
CA LEU C 323 -37.91 -15.30 10.61
C LEU C 323 -37.23 -16.66 10.53
N ARG C 324 -35.94 -16.64 10.23
CA ARG C 324 -35.15 -17.85 10.29
C ARG C 324 -34.87 -18.21 11.76
N ASN C 325 -34.40 -19.44 11.97
CA ASN C 325 -34.06 -19.87 13.31
C ASN C 325 -32.96 -18.99 13.88
N VAL C 326 -33.16 -18.52 15.10
CA VAL C 326 -32.23 -17.61 15.75
C VAL C 326 -31.70 -18.28 17.02
N SER C 327 -30.38 -18.36 17.13
CA SER C 327 -29.72 -18.91 18.31
C SER C 327 -28.72 -17.89 18.82
N CYS C 328 -28.60 -17.80 20.14
CA CYS C 328 -27.70 -16.85 20.77
C CYS C 328 -26.91 -17.55 21.86
N GLU C 329 -25.73 -17.03 22.15
CA GLU C 329 -24.86 -17.59 23.16
C GLU C 329 -23.86 -16.52 23.58
N VAL C 330 -23.59 -16.43 24.88
CA VAL C 330 -22.68 -15.42 25.41
C VAL C 330 -21.68 -16.09 26.33
N ASP C 331 -20.58 -15.38 26.58
CA ASP C 331 -19.55 -15.83 27.51
C ASP C 331 -18.98 -17.19 27.11
N MET C 332 -18.39 -17.22 25.92
CA MET C 332 -17.81 -18.45 25.41
C MET C 332 -16.37 -18.67 25.81
N PHE C 333 -15.61 -17.60 25.97
CA PHE C 333 -14.20 -17.68 26.34
C PHE C 333 -13.95 -16.87 27.59
N LYS C 334 -13.17 -17.43 28.51
CA LYS C 334 -13.02 -16.84 29.83
C LYS C 334 -12.24 -15.53 29.77
N THR C 335 -11.28 -15.43 28.86
CA THR C 335 -10.39 -14.27 28.84
C THR C 335 -10.96 -13.07 28.10
N LEU C 336 -11.91 -13.28 27.19
CA LEU C 336 -12.51 -12.16 26.48
C LEU C 336 -13.32 -11.31 27.45
N HIS C 337 -13.18 -9.98 27.32
CA HIS C 337 -13.94 -9.07 28.17
C HIS C 337 -15.43 -9.24 27.96
N GLY C 338 -15.84 -9.63 26.76
CA GLY C 338 -17.22 -9.90 26.44
C GLY C 338 -17.31 -10.56 25.08
N SER C 339 -18.19 -11.54 24.93
CA SER C 339 -18.28 -12.26 23.67
C SER C 339 -19.70 -12.73 23.46
N ALA C 340 -20.05 -12.94 22.19
CA ALA C 340 -21.38 -13.42 21.84
C ALA C 340 -21.30 -14.11 20.49
N LEU C 341 -22.18 -15.08 20.30
CA LEU C 341 -22.28 -15.82 19.04
C LEU C 341 -23.74 -15.81 18.62
N PHE C 342 -24.04 -15.10 17.54
CA PHE C 342 -25.39 -14.94 17.05
C PHE C 342 -25.53 -15.69 15.72
N GLN C 343 -26.51 -16.58 15.65
CA GLN C 343 -26.76 -17.37 14.45
C GLN C 343 -28.17 -17.11 13.96
N ARG C 344 -28.30 -16.77 12.69
CA ARG C 344 -29.60 -16.51 12.06
C ARG C 344 -29.68 -17.36 10.80
N GLY C 345 -30.38 -18.48 10.88
CA GLY C 345 -30.42 -19.41 9.78
C GLY C 345 -29.05 -20.01 9.55
N GLN C 346 -28.42 -19.67 8.42
CA GLN C 346 -27.07 -20.12 8.12
C GLN C 346 -26.06 -19.00 8.18
N THR C 347 -26.41 -17.89 8.84
CA THR C 347 -25.49 -16.78 9.03
C THR C 347 -24.98 -16.82 10.47
N GLN C 348 -23.67 -16.88 10.62
CA GLN C 348 -23.03 -16.97 11.93
C GLN C 348 -22.09 -15.79 12.11
N VAL C 349 -22.23 -15.09 13.23
CA VAL C 349 -21.41 -13.92 13.52
C VAL C 349 -20.90 -14.03 14.95
N LEU C 350 -19.60 -13.83 15.13
CA LEU C 350 -18.98 -13.86 16.45
C LEU C 350 -18.55 -12.45 16.82
N CYS C 351 -19.01 -11.96 17.96
CA CYS C 351 -18.74 -10.60 18.41
C CYS C 351 -17.91 -10.62 19.67
N THR C 352 -16.97 -9.69 19.76
CA THR C 352 -16.05 -9.58 20.89
C THR C 352 -15.97 -8.14 21.35
N VAL C 353 -15.99 -7.93 22.66
CA VAL C 353 -15.89 -6.61 23.26
C VAL C 353 -14.55 -6.50 23.96
N THR C 354 -13.80 -5.45 23.63
CA THR C 354 -12.47 -5.23 24.20
C THR C 354 -12.44 -3.84 24.82
N PHE C 355 -12.08 -3.76 26.09
CA PHE C 355 -11.91 -2.49 26.77
C PHE C 355 -10.47 -2.05 26.65
N ASP C 356 -10.26 -0.75 26.48
CA ASP C 356 -8.93 -0.19 26.35
C ASP C 356 -8.89 1.16 27.07
N SER C 357 -7.71 1.77 27.09
CA SER C 357 -7.57 3.07 27.74
C SER C 357 -8.23 4.15 26.91
N LEU C 358 -8.66 5.21 27.59
CA LEU C 358 -9.24 6.35 26.89
C LEU C 358 -8.21 7.02 25.97
N GLU C 359 -6.93 6.94 26.32
CA GLU C 359 -5.88 7.51 25.49
C GLU C 359 -5.66 6.75 24.19
N SER C 360 -6.27 5.58 24.03
CA SER C 360 -6.14 4.82 22.80
C SER C 360 -6.97 5.40 21.66
N GLY C 361 -7.84 6.37 21.92
CA GLY C 361 -8.63 6.99 20.90
C GLY C 361 -7.91 8.04 20.08
N ILE C 362 -6.66 8.32 20.39
CA ILE C 362 -5.85 9.28 19.66
C ILE C 362 -4.60 8.59 19.16
N LYS C 363 -4.09 9.05 18.02
CA LYS C 363 -2.93 8.45 17.38
C LYS C 363 -1.64 9.23 17.64
N SER C 364 -1.66 10.19 18.56
CA SER C 364 -0.50 10.99 18.97
C SER C 364 0.02 11.89 17.87
N ASP C 365 -0.56 11.87 16.68
CA ASP C 365 -0.19 12.75 15.59
C ASP C 365 -1.39 13.60 15.21
N GLN C 366 -1.18 14.91 15.08
CA GLN C 366 -2.30 15.82 14.86
C GLN C 366 -3.02 15.52 13.56
N VAL C 367 -2.28 15.28 12.48
CA VAL C 367 -2.90 15.08 11.19
C VAL C 367 -3.63 13.74 11.12
N ILE C 368 -2.98 12.68 11.59
CA ILE C 368 -3.57 11.34 11.47
C ILE C 368 -4.80 11.22 12.37
N THR C 369 -4.74 11.81 13.57
CA THR C 369 -5.90 11.75 14.46
C THR C 369 -7.10 12.43 13.85
N ALA C 370 -6.90 13.58 13.19
CA ALA C 370 -8.02 14.27 12.57
C ALA C 370 -8.55 13.53 11.36
N ILE C 371 -7.72 12.72 10.70
CA ILE C 371 -8.16 12.04 9.48
C ILE C 371 -9.24 11.03 9.79
N ASN C 372 -9.03 10.19 10.80
CA ASN C 372 -10.03 9.22 11.20
C ASN C 372 -10.96 9.75 12.29
N GLY C 373 -10.71 10.95 12.80
CA GLY C 373 -11.57 11.54 13.80
C GLY C 373 -11.47 10.86 15.15
N ILE C 374 -12.33 11.28 16.05
CA ILE C 374 -12.43 10.71 17.39
C ILE C 374 -13.89 10.37 17.65
N LYS C 375 -14.15 9.15 18.11
CA LYS C 375 -15.51 8.70 18.34
C LYS C 375 -16.10 9.44 19.54
N ASP C 376 -17.39 9.76 19.45
CA ASP C 376 -18.02 10.61 20.47
C ASP C 376 -18.05 9.93 21.83
N LYS C 377 -18.44 8.65 21.87
CA LYS C 377 -18.58 7.93 23.13
C LYS C 377 -17.41 6.99 23.39
N ASN C 378 -16.27 7.22 22.74
CA ASN C 378 -15.13 6.30 22.81
C ASN C 378 -15.56 4.88 22.45
N PHE C 379 -16.42 4.79 21.43
CA PHE C 379 -17.02 3.52 21.03
C PHE C 379 -16.86 3.36 19.53
N MET C 380 -16.46 2.15 19.12
CA MET C 380 -16.32 1.86 17.71
C MET C 380 -16.57 0.39 17.48
N LEU C 381 -16.91 0.05 16.23
CA LEU C 381 -17.17 -1.32 15.83
C LEU C 381 -16.37 -1.64 14.59
N HIS C 382 -15.72 -2.80 14.57
CA HIS C 382 -14.91 -3.25 13.45
C HIS C 382 -15.53 -4.53 12.91
N TYR C 383 -15.89 -4.51 11.62
CA TYR C 383 -16.62 -5.59 10.98
C TYR C 383 -15.72 -6.27 9.96
N GLU C 384 -15.63 -7.60 10.04
CA GLU C 384 -14.78 -8.38 9.16
C GLU C 384 -15.61 -9.44 8.44
N PHE C 385 -15.30 -9.65 7.16
CA PHE C 385 -15.97 -10.65 6.33
C PHE C 385 -14.89 -11.55 5.73
N PRO C 386 -14.36 -12.49 6.51
CA PRO C 386 -13.27 -13.31 6.02
C PRO C 386 -13.73 -14.20 4.86
N PRO C 387 -12.83 -14.54 3.93
CA PRO C 387 -13.25 -15.27 2.74
C PRO C 387 -13.77 -16.67 3.02
N TYR C 388 -13.47 -17.27 4.18
CA TYR C 388 -14.00 -18.59 4.46
C TYR C 388 -15.46 -18.57 4.88
N ALA C 389 -16.04 -17.38 5.08
CA ALA C 389 -17.46 -17.30 5.38
C ALA C 389 -18.30 -17.82 4.24
N THR C 390 -17.80 -17.75 3.01
CA THR C 390 -18.52 -18.22 1.83
C THR C 390 -17.77 -19.34 1.12
N ASN C 391 -16.84 -20.00 1.81
CA ASN C 391 -16.01 -21.06 1.23
C ASN C 391 -15.29 -20.57 -0.01
N GLU C 392 -14.72 -19.37 0.08
CA GLU C 392 -14.01 -18.75 -1.03
C GLU C 392 -12.59 -18.40 -0.60
N ILE C 393 -11.76 -18.09 -1.59
CA ILE C 393 -10.37 -17.70 -1.36
C ILE C 393 -10.22 -16.25 -1.78
N GLY C 394 -9.68 -15.42 -0.89
CA GLY C 394 -9.46 -14.02 -1.21
C GLY C 394 -8.43 -13.44 -0.29
N LYS C 395 -7.97 -12.24 -0.66
CA LYS C 395 -7.00 -11.55 0.17
C LYS C 395 -7.61 -11.20 1.52
N VAL C 396 -6.80 -11.28 2.57
CA VAL C 396 -7.28 -11.07 3.92
C VAL C 396 -6.82 -9.74 4.50
N THR C 397 -5.82 -9.09 3.91
CA THR C 397 -5.36 -7.81 4.43
C THR C 397 -6.23 -6.68 3.90
N GLY C 398 -6.55 -5.73 4.78
CA GLY C 398 -7.36 -4.60 4.39
C GLY C 398 -8.85 -4.86 4.40
N LEU C 399 -9.63 -3.79 4.46
CA LEU C 399 -11.09 -3.86 4.46
C LEU C 399 -11.62 -3.24 3.17
N ASN C 400 -12.44 -3.98 2.44
CA ASN C 400 -13.02 -3.45 1.23
C ASN C 400 -14.14 -2.47 1.56
N ARG C 401 -14.79 -1.94 0.52
CA ARG C 401 -15.82 -0.92 0.74
C ARG C 401 -17.02 -1.50 1.48
N ARG C 402 -17.39 -2.74 1.18
CA ARG C 402 -18.54 -3.35 1.83
C ARG C 402 -18.29 -3.54 3.32
N GLU C 403 -17.06 -3.93 3.69
CA GLU C 403 -16.74 -4.12 5.10
C GLU C 403 -16.77 -2.79 5.86
N LEU C 404 -16.32 -1.71 5.21
CA LEU C 404 -16.41 -0.40 5.84
C LEU C 404 -17.87 0.02 6.04
N GLY C 405 -18.71 -0.21 5.04
CA GLY C 405 -20.09 0.21 5.15
C GLY C 405 -20.86 -0.56 6.20
N HIS C 406 -20.66 -1.87 6.27
CA HIS C 406 -21.37 -2.68 7.26
C HIS C 406 -20.88 -2.39 8.67
N GLY C 407 -19.59 -2.07 8.83
CA GLY C 407 -19.09 -1.73 10.14
C GLY C 407 -19.68 -0.43 10.67
N ALA C 408 -19.81 0.57 9.80
CA ALA C 408 -20.42 1.84 10.22
C ALA C 408 -21.91 1.68 10.45
N LEU C 409 -22.57 0.82 9.68
CA LEU C 409 -24.01 0.59 9.88
C LEU C 409 -24.26 -0.05 11.23
N ALA C 410 -23.52 -1.11 11.55
CA ALA C 410 -23.70 -1.78 12.84
C ALA C 410 -23.32 -0.87 13.99
N GLU C 411 -22.26 -0.08 13.82
CA GLU C 411 -21.85 0.85 14.88
C GLU C 411 -22.89 1.91 15.13
N LYS C 412 -23.51 2.42 14.06
CA LYS C 412 -24.57 3.42 14.22
C LYS C 412 -25.77 2.83 14.95
N ALA C 413 -26.07 1.56 14.68
CA ALA C 413 -27.21 0.92 15.32
C ALA C 413 -27.02 0.82 16.83
N LEU C 414 -25.83 0.44 17.26
CA LEU C 414 -25.55 0.27 18.68
C LEU C 414 -25.16 1.56 19.36
N TYR C 415 -24.88 2.62 18.61
CA TYR C 415 -24.41 3.86 19.21
C TYR C 415 -25.39 4.48 20.19
N PRO C 416 -26.69 4.62 19.88
CA PRO C 416 -27.57 5.35 20.80
C PRO C 416 -27.69 4.72 22.19
N VAL C 417 -27.50 3.41 22.31
CA VAL C 417 -27.65 2.77 23.61
C VAL C 417 -26.35 2.73 24.41
N ILE C 418 -25.23 3.08 23.81
CA ILE C 418 -23.95 3.06 24.53
C ILE C 418 -23.96 4.17 25.58
N PRO C 419 -23.64 3.88 26.83
CA PRO C 419 -23.63 4.92 27.86
C PRO C 419 -22.47 5.88 27.65
N ARG C 420 -22.64 7.08 28.20
CA ARG C 420 -21.58 8.08 28.19
C ARG C 420 -20.64 7.87 29.37
N ASP C 421 -19.53 8.61 29.33
CA ASP C 421 -18.53 8.65 30.42
C ASP C 421 -18.16 7.26 30.93
N PHE C 422 -18.08 6.30 30.01
CA PHE C 422 -17.56 4.99 30.38
C PHE C 422 -16.07 5.09 30.63
N PRO C 423 -15.55 4.41 31.66
CA PRO C 423 -14.13 4.54 32.00
C PRO C 423 -13.18 4.03 30.92
N PHE C 424 -13.63 3.18 30.01
CA PHE C 424 -12.75 2.56 29.03
C PHE C 424 -13.28 2.77 27.62
N THR C 425 -12.37 2.72 26.66
CA THR C 425 -12.74 2.69 25.27
C THR C 425 -13.34 1.34 24.92
N ILE C 426 -14.51 1.34 24.30
CA ILE C 426 -15.22 0.12 23.95
C ILE C 426 -14.98 -0.17 22.48
N ARG C 427 -14.42 -1.34 22.19
CA ARG C 427 -14.24 -1.82 20.82
C ARG C 427 -15.02 -3.10 20.64
N VAL C 428 -15.86 -3.15 19.62
CA VAL C 428 -16.63 -4.34 19.29
C VAL C 428 -16.13 -4.86 17.95
N THR C 429 -15.82 -6.15 17.91
CA THR C 429 -15.28 -6.80 16.72
C THR C 429 -16.25 -7.89 16.29
N SER C 430 -16.81 -7.75 15.09
CA SER C 430 -17.72 -8.73 14.53
C SER C 430 -17.05 -9.44 13.38
N GLU C 431 -16.97 -10.77 13.47
CA GLU C 431 -16.42 -11.59 12.41
C GLU C 431 -17.51 -12.51 11.87
N VAL C 432 -17.67 -12.53 10.55
CA VAL C 432 -18.70 -13.33 9.91
C VAL C 432 -18.10 -14.71 9.64
N LEU C 433 -18.40 -15.66 10.51
CA LEU C 433 -17.89 -17.02 10.34
C LEU C 433 -18.64 -17.75 9.23
N GLU C 434 -19.95 -17.57 9.15
CA GLU C 434 -20.76 -18.08 8.05
C GLU C 434 -21.66 -16.95 7.57
N SER C 435 -21.94 -16.94 6.26
CA SER C 435 -22.77 -15.88 5.69
C SER C 435 -23.78 -16.49 4.73
N ASN C 436 -25.05 -16.22 4.98
CA ASN C 436 -26.13 -16.54 4.04
C ASN C 436 -27.16 -15.42 3.99
N GLY C 437 -26.90 -14.29 4.64
CA GLY C 437 -27.89 -13.24 4.72
C GLY C 437 -27.36 -11.97 5.32
N SER C 438 -28.14 -11.34 6.20
CA SER C 438 -27.77 -10.04 6.75
C SER C 438 -26.83 -10.24 7.92
N SER C 439 -25.53 -10.34 7.61
CA SER C 439 -24.53 -10.44 8.65
C SER C 439 -24.26 -9.10 9.33
N SER C 440 -24.46 -8.00 8.61
CA SER C 440 -24.27 -6.68 9.22
C SER C 440 -25.30 -6.43 10.31
N MET C 441 -26.55 -6.83 10.07
CA MET C 441 -27.56 -6.70 11.11
C MET C 441 -27.36 -7.72 12.22
N ALA C 442 -26.82 -8.89 11.88
CA ALA C 442 -26.43 -9.84 12.93
C ALA C 442 -25.29 -9.33 13.78
N SER C 443 -24.52 -8.36 13.29
CA SER C 443 -23.49 -7.74 14.10
C SER C 443 -24.08 -6.78 15.13
N ALA C 444 -25.25 -6.21 14.84
CA ALA C 444 -25.92 -5.39 15.84
C ALA C 444 -26.53 -6.25 16.94
N CYS C 445 -27.14 -7.38 16.56
CA CYS C 445 -27.71 -8.28 17.56
C CYS C 445 -26.61 -8.94 18.38
N GLY C 446 -25.60 -9.49 17.71
CA GLY C 446 -24.49 -10.09 18.43
C GLY C 446 -23.69 -9.07 19.22
N GLY C 447 -23.53 -7.87 18.67
CA GLY C 447 -22.85 -6.83 19.40
C GLY C 447 -23.61 -6.39 20.63
N SER C 448 -24.93 -6.39 20.58
CA SER C 448 -25.73 -6.06 21.75
C SER C 448 -25.58 -7.10 22.84
N LEU C 449 -25.58 -8.38 22.46
CA LEU C 449 -25.39 -9.44 23.43
C LEU C 449 -24.00 -9.38 24.04
N ALA C 450 -22.99 -9.13 23.21
CA ALA C 450 -21.62 -9.05 23.72
C ALA C 450 -21.45 -7.87 24.67
N LEU C 451 -22.08 -6.74 24.37
CA LEU C 451 -21.97 -5.58 25.24
C LEU C 451 -22.62 -5.84 26.59
N MET C 452 -23.78 -6.50 26.61
CA MET C 452 -24.42 -6.85 27.87
C MET C 452 -23.57 -7.86 28.64
N ASP C 453 -22.99 -8.82 27.93
CA ASP C 453 -22.14 -9.81 28.58
C ASP C 453 -20.87 -9.19 29.14
N SER C 454 -20.37 -8.14 28.50
CA SER C 454 -19.14 -7.51 28.97
C SER C 454 -19.35 -6.61 30.17
N GLY C 455 -20.60 -6.34 30.54
CA GLY C 455 -20.88 -5.49 31.67
C GLY C 455 -21.12 -4.04 31.36
N VAL C 456 -21.16 -3.67 30.08
CA VAL C 456 -21.45 -2.29 29.70
C VAL C 456 -22.94 -2.03 29.93
N PRO C 457 -23.30 -1.03 30.72
CA PRO C 457 -24.72 -0.80 31.01
C PRO C 457 -25.43 -0.04 29.89
N ILE C 458 -25.68 -0.75 28.79
CA ILE C 458 -26.39 -0.14 27.67
C ILE C 458 -27.86 0.04 28.06
N SER C 459 -28.48 1.07 27.47
CA SER C 459 -29.85 1.41 27.84
C SER C 459 -30.81 0.28 27.51
N SER C 460 -30.67 -0.32 26.32
CA SER C 460 -31.58 -1.37 25.90
C SER C 460 -30.90 -2.20 24.82
N ALA C 461 -31.45 -3.39 24.57
CA ALA C 461 -30.92 -4.25 23.53
C ALA C 461 -31.25 -3.70 22.16
N VAL C 462 -30.43 -4.08 21.18
CA VAL C 462 -30.57 -3.62 19.80
C VAL C 462 -30.60 -4.83 18.89
N ALA C 463 -31.57 -4.87 17.98
CA ALA C 463 -31.68 -5.95 17.01
C ALA C 463 -31.90 -5.37 15.61
N GLY C 464 -31.44 -6.11 14.61
CA GLY C 464 -31.57 -5.68 13.23
C GLY C 464 -32.22 -6.74 12.38
N VAL C 465 -32.62 -6.34 11.17
CA VAL C 465 -33.29 -7.25 10.25
C VAL C 465 -33.22 -6.62 8.86
N ALA C 466 -33.14 -7.46 7.85
CA ALA C 466 -33.14 -7.03 6.45
C ALA C 466 -34.46 -7.43 5.80
N ILE C 467 -35.07 -6.50 5.09
CA ILE C 467 -36.35 -6.72 4.42
C ILE C 467 -36.11 -6.68 2.92
N GLY C 468 -36.51 -7.74 2.22
CA GLY C 468 -36.41 -7.81 0.78
C GLY C 468 -37.70 -7.41 0.10
N LEU C 469 -37.65 -7.42 -1.23
CA LEU C 469 -38.78 -6.96 -2.02
C LEU C 469 -38.78 -7.68 -3.36
N VAL C 470 -39.97 -8.09 -3.81
CA VAL C 470 -40.16 -8.68 -5.12
C VAL C 470 -41.36 -8.01 -5.76
N THR C 471 -41.15 -7.41 -6.93
CA THR C 471 -42.19 -6.64 -7.60
C THR C 471 -42.48 -7.23 -8.98
N LYS C 472 -43.67 -6.93 -9.49
CA LYS C 472 -44.05 -7.25 -10.86
C LYS C 472 -44.47 -5.95 -11.53
N THR C 473 -43.61 -5.40 -12.38
CA THR C 473 -43.84 -4.11 -13.00
C THR C 473 -44.28 -4.28 -14.46
N ASP C 474 -45.05 -3.32 -14.93
CA ASP C 474 -45.44 -3.30 -16.34
C ASP C 474 -44.21 -3.07 -17.20
N PRO C 475 -43.97 -3.90 -18.22
CA PRO C 475 -42.75 -3.72 -19.03
C PRO C 475 -42.68 -2.36 -19.72
N GLU C 476 -43.80 -1.79 -20.12
CA GLU C 476 -43.80 -0.51 -20.82
C GLU C 476 -43.97 0.66 -19.86
N LYS C 477 -45.07 0.67 -19.09
CA LYS C 477 -45.34 1.77 -18.19
C LYS C 477 -44.28 1.87 -17.09
N GLY C 478 -43.84 0.73 -16.58
CA GLY C 478 -42.86 0.71 -15.50
C GLY C 478 -43.45 0.78 -14.12
N GLU C 479 -44.77 0.96 -13.99
CA GLU C 479 -45.40 1.01 -12.69
C GLU C 479 -45.44 -0.36 -12.04
N ILE C 480 -45.37 -0.37 -10.71
CA ILE C 480 -45.36 -1.61 -9.94
C ILE C 480 -46.81 -2.06 -9.77
N GLU C 481 -47.17 -3.16 -10.43
CA GLU C 481 -48.53 -3.69 -10.30
C GLU C 481 -48.77 -4.25 -8.91
N ASP C 482 -47.86 -5.08 -8.42
CA ASP C 482 -47.98 -5.63 -7.08
C ASP C 482 -46.60 -6.05 -6.59
N TYR C 483 -46.47 -6.15 -5.28
CA TYR C 483 -45.18 -6.41 -4.65
C TYR C 483 -45.35 -7.30 -3.43
N ARG C 484 -44.27 -7.96 -3.05
CA ARG C 484 -44.22 -8.77 -1.84
C ARG C 484 -43.04 -8.32 -1.00
N LEU C 485 -43.28 -8.07 0.28
CA LEU C 485 -42.23 -7.71 1.22
C LEU C 485 -41.83 -8.94 2.00
N LEU C 486 -40.55 -9.29 1.94
CA LEU C 486 -40.03 -10.50 2.56
C LEU C 486 -39.22 -10.13 3.81
N THR C 487 -39.46 -10.86 4.89
CA THR C 487 -38.77 -10.63 6.15
C THR C 487 -37.60 -11.58 6.28
N ASP C 488 -36.43 -11.04 6.63
CA ASP C 488 -35.23 -11.83 6.91
C ASP C 488 -34.83 -12.65 5.67
N ILE C 489 -34.46 -11.92 4.62
CA ILE C 489 -34.20 -12.55 3.35
C ILE C 489 -32.91 -13.36 3.39
N LEU C 490 -32.85 -14.40 2.57
CA LEU C 490 -31.63 -15.15 2.35
C LEU C 490 -30.76 -14.41 1.33
N GLY C 491 -29.58 -14.98 1.05
CA GLY C 491 -28.71 -14.39 0.06
C GLY C 491 -29.29 -14.46 -1.34
N ILE C 492 -29.93 -15.59 -1.66
CA ILE C 492 -30.53 -15.74 -2.98
C ILE C 492 -31.70 -14.79 -3.15
N GLU C 493 -32.46 -14.53 -2.09
CA GLU C 493 -33.58 -13.60 -2.17
C GLU C 493 -33.08 -12.16 -2.32
N ASP C 494 -31.90 -11.85 -1.78
CA ASP C 494 -31.32 -10.53 -2.02
C ASP C 494 -30.77 -10.42 -3.43
N TYR C 495 -30.15 -11.49 -3.92
CA TYR C 495 -29.58 -11.48 -5.27
C TYR C 495 -30.68 -11.33 -6.32
N ASN C 496 -31.79 -12.01 -6.13
CA ASN C 496 -32.91 -11.96 -7.06
C ASN C 496 -33.97 -10.93 -6.66
N GLY C 497 -33.76 -10.18 -5.59
CA GLY C 497 -34.74 -9.25 -5.09
C GLY C 497 -34.59 -7.86 -5.69
N ASP C 498 -35.30 -6.92 -5.08
CA ASP C 498 -35.31 -5.53 -5.55
C ASP C 498 -34.74 -4.54 -4.55
N MET C 499 -34.58 -4.92 -3.28
CA MET C 499 -34.03 -4.00 -2.30
C MET C 499 -33.47 -4.80 -1.14
N ASP C 500 -32.61 -4.15 -0.36
CA ASP C 500 -32.01 -4.73 0.84
C ASP C 500 -32.20 -3.71 1.96
N PHE C 501 -33.33 -3.81 2.65
CA PHE C 501 -33.77 -2.80 3.61
C PHE C 501 -33.31 -3.23 5.00
N LYS C 502 -32.09 -2.85 5.36
CA LYS C 502 -31.53 -3.18 6.67
C LYS C 502 -31.87 -2.07 7.65
N ILE C 503 -32.63 -2.39 8.68
CA ILE C 503 -33.06 -1.41 9.68
C ILE C 503 -32.96 -2.04 11.05
N ALA C 504 -32.37 -1.32 12.00
CA ALA C 504 -32.14 -1.82 13.35
C ALA C 504 -32.58 -0.78 14.37
N GLY C 505 -32.87 -1.27 15.57
CA GLY C 505 -33.25 -0.38 16.65
C GLY C 505 -33.59 -1.17 17.89
N THR C 506 -33.97 -0.43 18.93
CA THR C 506 -34.43 -1.04 20.17
C THR C 506 -35.88 -1.44 20.02
N ASN C 507 -36.52 -1.83 21.13
CA ASN C 507 -37.92 -2.26 21.06
C ASN C 507 -38.89 -1.10 21.09
N LYS C 508 -38.42 0.15 21.11
CA LYS C 508 -39.30 1.31 21.14
C LYS C 508 -38.82 2.41 20.21
N GLY C 509 -37.93 2.11 19.28
CA GLY C 509 -37.45 3.13 18.37
C GLY C 509 -36.54 2.54 17.32
N ILE C 510 -36.05 3.42 16.46
CA ILE C 510 -35.18 3.07 15.35
C ILE C 510 -33.85 3.80 15.55
N THR C 511 -32.74 3.08 15.39
CA THR C 511 -31.43 3.67 15.57
C THR C 511 -30.60 3.75 14.29
N ALA C 512 -30.84 2.88 13.32
CA ALA C 512 -30.08 2.91 12.08
C ALA C 512 -30.91 2.35 10.95
N LEU C 513 -30.56 2.74 9.74
CA LEU C 513 -31.26 2.28 8.55
C LEU C 513 -30.35 2.44 7.34
N GLN C 514 -30.40 1.48 6.43
CA GLN C 514 -29.68 1.57 5.16
C GLN C 514 -30.48 0.78 4.12
N ALA C 515 -31.05 1.48 3.14
CA ALA C 515 -31.81 0.85 2.08
C ALA C 515 -30.97 0.78 0.81
N ASP C 516 -30.83 -0.42 0.26
CA ASP C 516 -30.06 -0.67 -0.94
C ASP C 516 -31.02 -1.11 -2.03
N ILE C 517 -31.57 -0.15 -2.77
CA ILE C 517 -32.63 -0.42 -3.74
C ILE C 517 -32.00 -0.66 -5.11
N LYS C 518 -32.28 -1.83 -5.68
CA LYS C 518 -31.82 -2.15 -7.02
C LYS C 518 -32.74 -1.58 -8.10
N LEU C 519 -34.00 -1.34 -7.79
CA LEU C 519 -34.91 -0.76 -8.75
C LEU C 519 -34.59 0.72 -8.97
N PRO C 520 -34.98 1.29 -10.10
CA PRO C 520 -34.83 2.73 -10.31
C PRO C 520 -35.89 3.53 -9.56
N GLY C 521 -35.86 3.44 -8.24
CA GLY C 521 -36.82 4.09 -7.38
C GLY C 521 -38.01 3.21 -7.05
N ILE C 522 -38.51 3.38 -5.83
CA ILE C 522 -39.69 2.65 -5.37
C ILE C 522 -40.64 3.64 -4.71
N PRO C 523 -41.94 3.38 -4.70
CA PRO C 523 -42.88 4.30 -4.07
C PRO C 523 -42.64 4.41 -2.57
N ILE C 524 -43.02 5.55 -2.00
CA ILE C 524 -42.83 5.76 -0.57
C ILE C 524 -43.75 4.87 0.26
N LYS C 525 -44.83 4.36 -0.33
CA LYS C 525 -45.69 3.45 0.43
C LYS C 525 -44.99 2.14 0.74
N ILE C 526 -44.20 1.63 -0.22
CA ILE C 526 -43.46 0.39 0.01
C ILE C 526 -42.44 0.59 1.13
N VAL C 527 -41.75 1.72 1.13
CA VAL C 527 -40.79 2.01 2.21
C VAL C 527 -41.52 2.11 3.54
N MET C 528 -42.70 2.71 3.55
CA MET C 528 -43.46 2.86 4.78
C MET C 528 -43.84 1.50 5.35
N GLU C 529 -44.29 0.59 4.49
CA GLU C 529 -44.71 -0.73 4.94
C GLU C 529 -43.52 -1.59 5.35
N ALA C 530 -42.36 -1.39 4.71
CA ALA C 530 -41.18 -2.15 5.08
C ALA C 530 -40.71 -1.81 6.48
N ILE C 531 -40.79 -0.54 6.87
CA ILE C 531 -40.40 -0.14 8.21
C ILE C 531 -41.33 -0.79 9.24
N GLN C 532 -42.64 -0.74 8.99
CA GLN C 532 -43.59 -1.36 9.90
C GLN C 532 -43.40 -2.87 9.96
N GLN C 533 -43.20 -3.51 8.81
CA GLN C 533 -43.02 -4.96 8.79
C GLN C 533 -41.75 -5.36 9.52
N ALA C 534 -40.68 -4.57 9.38
CA ALA C 534 -39.43 -4.88 10.07
C ALA C 534 -39.55 -4.70 11.57
N SER C 535 -40.41 -3.79 12.03
CA SER C 535 -40.58 -3.61 13.46
C SER C 535 -41.21 -4.82 14.11
N VAL C 536 -42.11 -5.51 13.40
CA VAL C 536 -42.69 -6.76 13.92
C VAL C 536 -41.60 -7.82 14.06
N ALA C 537 -40.75 -7.94 13.04
CA ALA C 537 -39.66 -8.92 13.11
C ALA C 537 -38.68 -8.58 14.21
N LYS C 538 -38.38 -7.29 14.38
CA LYS C 538 -37.46 -6.87 15.43
C LYS C 538 -38.00 -7.22 16.81
N LYS C 539 -39.32 -7.18 16.99
CA LYS C 539 -39.90 -7.58 18.26
C LYS C 539 -39.63 -9.05 18.56
N GLU C 540 -39.80 -9.91 17.55
CA GLU C 540 -39.57 -11.33 17.76
C GLU C 540 -38.10 -11.62 18.06
N ILE C 541 -37.19 -10.95 17.34
CA ILE C 541 -35.76 -11.20 17.54
C ILE C 541 -35.35 -10.80 18.95
N LEU C 542 -35.81 -9.64 19.41
CA LEU C 542 -35.45 -9.19 20.76
C LEU C 542 -35.98 -10.14 21.83
N GLN C 543 -37.09 -10.83 21.56
CA GLN C 543 -37.60 -11.81 22.50
C GLN C 543 -36.62 -12.97 22.66
N ILE C 544 -36.06 -13.45 21.55
CA ILE C 544 -35.12 -14.56 21.62
C ILE C 544 -33.83 -14.14 22.31
N MET C 545 -33.32 -12.94 21.98
CA MET C 545 -32.10 -12.45 22.61
C MET C 545 -32.29 -12.27 24.12
N ASN C 546 -33.46 -11.78 24.53
CA ASN C 546 -33.69 -11.52 25.95
C ASN C 546 -33.63 -12.80 26.77
N LYS C 547 -33.99 -13.93 26.18
CA LYS C 547 -33.88 -15.21 26.89
C LYS C 547 -32.43 -15.54 27.21
N THR C 548 -31.53 -15.31 26.25
CA THR C 548 -30.12 -15.57 26.49
C THR C 548 -29.54 -14.64 27.54
N ILE C 549 -29.77 -13.33 27.38
CA ILE C 549 -29.37 -12.34 28.39
C ILE C 549 -30.28 -11.13 28.21
N SER C 550 -30.86 -10.66 29.32
CA SER C 550 -31.84 -9.59 29.28
C SER C 550 -31.32 -8.27 29.81
N LYS C 551 -30.35 -8.30 30.71
CA LYS C 551 -29.76 -7.09 31.27
C LYS C 551 -28.26 -7.27 31.35
N PRO C 552 -27.50 -6.18 31.30
CA PRO C 552 -26.05 -6.29 31.42
C PRO C 552 -25.66 -6.83 32.78
N ARG C 553 -24.56 -7.58 32.81
CA ARG C 553 -24.10 -8.16 34.07
C ARG C 553 -23.71 -7.05 35.04
N ALA C 554 -23.82 -7.36 36.34
CA ALA C 554 -23.69 -6.34 37.37
C ALA C 554 -22.33 -5.67 37.38
N SER C 555 -21.29 -6.33 36.84
CA SER C 555 -19.97 -5.74 36.82
C SER C 555 -19.17 -6.35 35.68
N ARG C 556 -18.07 -5.70 35.35
CA ARG C 556 -17.17 -6.24 34.34
C ARG C 556 -16.49 -7.50 34.85
N LYS C 557 -15.90 -8.24 33.93
CA LYS C 557 -15.25 -9.50 34.28
C LYS C 557 -14.09 -9.24 35.24
N GLU C 558 -13.87 -10.20 36.16
CA GLU C 558 -12.86 -10.03 37.18
C GLU C 558 -11.47 -9.91 36.59
N ASN C 559 -11.24 -10.52 35.42
CA ASN C 559 -9.94 -10.46 34.74
C ASN C 559 -9.92 -9.39 33.66
N GLY C 560 -10.64 -8.30 33.86
CA GLY C 560 -10.69 -7.23 32.89
C GLY C 560 -9.71 -6.12 33.20
N PRO C 561 -9.72 -5.07 32.38
CA PRO C 561 -8.79 -3.97 32.59
C PRO C 561 -9.05 -3.24 33.90
N VAL C 562 -7.98 -2.67 34.46
CA VAL C 562 -8.04 -1.93 35.71
C VAL C 562 -7.19 -0.67 35.56
N VAL C 563 -7.69 0.43 36.12
CA VAL C 563 -6.98 1.71 36.10
C VAL C 563 -6.55 2.00 37.54
N GLU C 564 -5.26 2.20 37.75
CA GLU C 564 -4.71 2.48 39.07
C GLU C 564 -3.80 3.69 38.99
N THR C 565 -3.65 4.38 40.12
CA THR C 565 -2.85 5.59 40.22
C THR C 565 -1.64 5.33 41.10
N VAL C 566 -0.46 5.67 40.58
CA VAL C 566 0.78 5.53 41.32
C VAL C 566 1.37 6.92 41.57
N GLN C 567 2.19 7.01 42.60
CA GLN C 567 2.84 8.25 42.98
C GLN C 567 4.35 8.07 42.88
N VAL C 568 5.02 9.01 42.22
CA VAL C 568 6.47 9.01 42.08
C VAL C 568 6.98 10.34 42.64
N PRO C 569 7.98 10.33 43.51
CA PRO C 569 8.53 11.60 44.00
C PRO C 569 9.27 12.34 42.89
N LEU C 570 9.46 13.64 43.11
CA LEU C 570 10.17 14.45 42.13
C LEU C 570 11.61 14.00 41.98
N SER C 571 12.25 13.63 43.09
CA SER C 571 13.62 13.13 43.02
C SER C 571 13.70 11.84 42.20
N LYS C 572 12.72 10.95 42.37
CA LYS C 572 12.69 9.69 41.64
C LYS C 572 12.08 9.82 40.26
N ARG C 573 11.60 11.00 39.89
CA ARG C 573 10.88 11.15 38.62
C ARG C 573 11.78 10.85 37.43
N ALA C 574 13.01 11.37 37.45
CA ALA C 574 13.91 11.21 36.31
C ALA C 574 14.26 9.74 36.08
N LYS C 575 14.55 9.00 37.16
CA LYS C 575 14.89 7.60 37.02
C LYS C 575 13.70 6.78 36.53
N PHE C 576 12.51 7.07 37.06
CA PHE C 576 11.33 6.29 36.70
C PHE C 576 10.98 6.46 35.23
N VAL C 577 10.91 7.71 34.76
CA VAL C 577 10.59 7.96 33.36
C VAL C 577 11.74 7.52 32.46
N GLY C 578 12.98 7.75 32.89
CA GLY C 578 14.14 7.42 32.11
C GLY C 578 14.51 8.53 31.16
N PRO C 579 15.52 8.30 30.32
CA PRO C 579 15.92 9.33 29.35
C PRO C 579 14.90 9.49 28.26
N GLY C 580 14.18 10.63 28.27
CA GLY C 580 13.19 10.90 27.25
C GLY C 580 12.06 9.88 27.21
N GLY C 581 11.58 9.46 28.37
CA GLY C 581 10.51 8.47 28.42
C GLY C 581 10.90 7.12 27.87
N TYR C 582 12.15 6.70 28.04
CA TYR C 582 12.55 5.40 27.55
C TYR C 582 12.01 4.27 28.42
N ASN C 583 12.06 4.43 29.74
CA ASN C 583 11.61 3.37 30.63
C ASN C 583 10.11 3.15 30.52
N LEU C 584 9.34 4.23 30.40
CA LEU C 584 7.89 4.09 30.32
C LEU C 584 7.47 3.32 29.08
N LYS C 585 8.10 3.60 27.94
CA LYS C 585 7.75 2.88 26.72
C LYS C 585 8.33 1.48 26.69
N LYS C 586 9.47 1.25 27.34
CA LYS C 586 9.99 -0.11 27.46
C LYS C 586 9.06 -0.96 28.31
N LEU C 587 8.57 -0.41 29.41
CA LEU C 587 7.60 -1.12 30.24
C LEU C 587 6.31 -1.36 29.46
N GLN C 588 5.88 -0.37 28.67
CA GLN C 588 4.68 -0.52 27.87
C GLN C 588 4.83 -1.64 26.85
N ALA C 589 6.00 -1.73 26.21
CA ALA C 589 6.22 -2.72 25.17
C ALA C 589 6.53 -4.10 25.70
N GLU C 590 6.74 -4.25 27.00
CA GLU C 590 7.07 -5.55 27.58
C GLU C 590 5.92 -6.18 28.37
N THR C 591 4.96 -5.38 28.82
CA THR C 591 3.83 -5.91 29.58
C THR C 591 2.48 -5.41 29.07
N GLY C 592 2.45 -4.50 28.11
CA GLY C 592 1.21 -3.99 27.57
C GLY C 592 0.53 -2.92 28.40
N VAL C 593 1.15 -2.50 29.50
CA VAL C 593 0.56 -1.50 30.38
C VAL C 593 0.85 -0.11 29.85
N THR C 594 -0.13 0.79 29.93
CA THR C 594 0.01 2.16 29.46
C THR C 594 0.09 3.10 30.66
N ILE C 595 1.14 3.91 30.70
CA ILE C 595 1.37 4.85 31.79
C ILE C 595 1.28 6.26 31.23
N SER C 596 0.48 7.10 31.89
CA SER C 596 0.29 8.49 31.47
C SER C 596 0.59 9.41 32.65
N GLN C 597 1.02 10.62 32.32
CA GLN C 597 1.36 11.61 33.32
C GLN C 597 0.13 12.46 33.62
N VAL C 598 -0.39 12.35 34.84
CA VAL C 598 -1.59 13.10 35.23
C VAL C 598 -1.17 14.49 35.69
N ASP C 599 -0.36 14.55 36.74
CA ASP C 599 0.20 15.81 37.23
C ASP C 599 1.64 15.54 37.67
N GLU C 600 2.26 16.53 38.31
CA GLU C 600 3.70 16.49 38.54
C GLU C 600 4.11 15.40 39.52
N GLU C 601 3.18 14.80 40.25
CA GLU C 601 3.48 13.68 41.13
C GLU C 601 2.67 12.43 40.84
N THR C 602 1.65 12.49 39.98
CA THR C 602 0.70 11.40 39.81
C THR C 602 0.81 10.84 38.41
N PHE C 603 0.86 9.51 38.32
CA PHE C 603 0.91 8.80 37.04
C PHE C 603 -0.26 7.83 36.97
N SER C 604 -1.06 7.94 35.91
CA SER C 604 -2.14 7.01 35.69
C SER C 604 -1.61 5.76 35.00
N VAL C 605 -2.02 4.59 35.51
CA VAL C 605 -1.56 3.30 35.01
C VAL C 605 -2.78 2.51 34.57
N PHE C 606 -2.78 2.05 33.32
CA PHE C 606 -3.85 1.24 32.77
C PHE C 606 -3.30 -0.11 32.36
N ALA C 607 -3.86 -1.18 32.92
CA ALA C 607 -3.37 -2.50 32.58
C ALA C 607 -4.49 -3.36 32.01
N PRO C 608 -4.23 -4.11 30.94
CA PRO C 608 -5.29 -4.94 30.34
C PRO C 608 -5.85 -5.98 31.28
N THR C 609 -5.03 -6.54 32.17
CA THR C 609 -5.44 -7.56 33.11
C THR C 609 -4.90 -7.20 34.48
N PRO C 610 -5.53 -7.70 35.56
CA PRO C 610 -4.95 -7.50 36.89
C PRO C 610 -3.56 -8.09 37.05
N SER C 611 -3.26 -9.18 36.33
CA SER C 611 -1.92 -9.73 36.36
C SER C 611 -0.92 -8.78 35.72
N ALA C 612 -1.30 -8.14 34.61
CA ALA C 612 -0.41 -7.19 33.96
C ALA C 612 -0.14 -6.00 34.87
N MET C 613 -1.14 -5.57 35.64
CA MET C 613 -0.91 -4.53 36.64
C MET C 613 0.05 -5.01 37.72
N HIS C 614 -0.06 -6.28 38.09
CA HIS C 614 0.81 -6.81 39.14
C HIS C 614 2.28 -6.75 38.73
N GLU C 615 2.59 -7.24 37.54
CA GLU C 615 3.98 -7.23 37.09
C GLU C 615 4.46 -5.81 36.78
N ALA C 616 3.56 -4.95 36.30
CA ALA C 616 3.94 -3.56 36.08
C ALA C 616 4.26 -2.87 37.40
N ARG C 617 3.50 -3.18 38.44
CA ARG C 617 3.79 -2.60 39.76
C ARG C 617 5.12 -3.11 40.30
N ASP C 618 5.52 -4.32 39.94
CA ASP C 618 6.84 -4.82 40.32
C ASP C 618 7.94 -3.97 39.71
N PHE C 619 7.77 -3.57 38.44
CA PHE C 619 8.72 -2.65 37.82
C PHE C 619 8.75 -1.33 38.58
N ILE C 620 7.58 -0.80 38.94
CA ILE C 620 7.53 0.49 39.60
C ILE C 620 8.26 0.44 40.94
N THR C 621 8.04 -0.64 41.71
CA THR C 621 8.65 -0.74 43.03
C THR C 621 10.17 -0.89 42.95
N GLU C 622 10.66 -1.71 42.02
CA GLU C 622 12.11 -1.92 41.92
C GLU C 622 12.82 -0.71 41.32
N ILE C 623 12.17 0.01 40.40
CA ILE C 623 12.78 1.18 39.81
C ILE C 623 12.73 2.38 40.73
N CYS C 624 11.91 2.33 41.78
CA CYS C 624 11.81 3.44 42.72
C CYS C 624 12.39 3.04 44.08
P PO4 E . 3.07 18.72 -19.17
O1 PO4 E . 1.55 18.41 -19.00
O2 PO4 E . 3.88 17.38 -19.18
O3 PO4 E . 3.29 19.48 -20.53
O4 PO4 E . 3.54 19.63 -18.00
P PO4 F . 18.89 -19.18 0.68
O1 PO4 F . 19.03 -18.48 -0.70
O2 PO4 F . 19.54 -20.60 0.62
O3 PO4 F . 19.61 -18.32 1.77
O4 PO4 F . 17.38 -19.34 1.06
P PO4 G . -25.28 -8.40 4.28
O1 PO4 G . -25.28 -7.60 5.62
O2 PO4 G . -24.77 -7.50 3.12
O3 PO4 G . -24.33 -9.64 4.45
O4 PO4 G . -26.72 -8.91 3.96
#